data_5KVP
#
_entry.id   5KVP
#
loop_
_entity.id
_entity.type
_entity.pdbx_description
1 polymer 'Zoocin A endopeptidase'
2 non-polymer 'ZINC ION'
3 non-polymer 'UNKNOWN LIGAND'
#
_entity_poly.entity_id   1
_entity_poly.type   'polypeptide(L)'
_entity_poly.pdbx_seq_one_letter_code
;MRGSHHHHHHGSATYTRPLDTGNITTGFNGYPGHVGVDYAVPVGTPVRAVANGTVKFAGNGANHPWMLWMAGNAVLIQHA
DGMHTGYAHLSKISVSTDSTVKQGQIIGYTGATGQVTGPHLHFEMLPANPNWQNGFSGRIDPTGYIANAPVFNGTTPTE
;
_entity_poly.pdbx_strand_id   A
#
loop_
_chem_comp.id
_chem_comp.type
_chem_comp.name
_chem_comp.formula
UNL non-polymer 'UNKNOWN LIGAND' ?
ZN non-polymer 'ZINC ION' 'Zn 2'
#
# COMPACT_ATOMS: atom_id res chain seq x y z
N MET A 1 -25.80 -1.34 20.71
CA MET A 1 -24.96 -1.26 19.47
C MET A 1 -25.13 0.09 18.77
N ARG A 2 -24.01 0.65 18.29
CA ARG A 2 -24.01 1.94 17.60
C ARG A 2 -24.18 1.75 16.09
N GLY A 3 -24.97 2.63 15.47
CA GLY A 3 -25.22 2.56 14.04
C GLY A 3 -25.17 3.92 13.38
N SER A 4 -24.49 3.98 12.23
CA SER A 4 -24.36 5.22 11.47
C SER A 4 -25.38 5.27 10.33
N HIS A 5 -25.87 6.48 10.03
CA HIS A 5 -26.86 6.68 8.97
C HIS A 5 -26.34 7.64 7.90
N HIS A 6 -25.69 8.72 8.34
CA HIS A 6 -25.14 9.73 7.42
C HIS A 6 -23.62 9.66 7.37
N HIS A 7 -23.06 9.89 6.18
CA HIS A 7 -21.62 9.88 5.97
C HIS A 7 -21.07 11.29 5.73
N HIS A 8 -19.74 11.44 5.87
CA HIS A 8 -19.07 12.73 5.67
C HIS A 8 -18.73 12.97 4.20
N HIS A 9 -18.55 14.25 3.84
CA HIS A 9 -18.23 14.63 2.46
C HIS A 9 -16.72 14.65 2.21
N HIS A 10 -15.96 15.18 3.19
CA HIS A 10 -14.50 15.26 3.08
C HIS A 10 -13.82 13.99 3.61
N GLY A 11 -14.27 13.53 4.78
CA GLY A 11 -13.71 12.32 5.38
C GLY A 11 -12.60 12.62 6.37
N SER A 12 -12.68 11.97 7.54
CA SER A 12 -11.68 12.15 8.60
C SER A 12 -10.56 11.11 8.52
N ALA A 13 -9.44 11.42 9.18
CA ALA A 13 -8.32 10.51 9.26
C ALA A 13 -7.42 10.85 10.45
N THR A 14 -7.44 9.97 11.46
CA THR A 14 -6.66 10.15 12.68
C THR A 14 -5.27 9.49 12.58
N TYR A 15 -4.99 8.86 11.44
CA TYR A 15 -3.75 8.18 11.20
C TYR A 15 -2.76 9.07 10.48
N THR A 16 -1.52 8.98 10.96
CA THR A 16 -0.42 9.79 10.45
C THR A 16 0.31 9.11 9.29
N ARG A 17 1.08 9.91 8.54
CA ARG A 17 1.85 9.47 7.39
C ARG A 17 3.19 8.82 7.81
N PRO A 18 3.36 7.48 7.60
CA PRO A 18 4.62 6.78 7.96
C PRO A 18 5.82 7.22 7.11
N LEU A 19 5.53 7.76 5.92
CA LEU A 19 6.53 8.23 4.99
C LEU A 19 6.12 9.56 4.41
N ASP A 20 6.91 9.93 3.44
CA ASP A 20 6.73 11.13 2.67
C ASP A 20 6.76 10.76 1.20
N THR A 21 7.43 9.64 0.91
CA THR A 21 7.60 9.13 -0.43
C THR A 21 8.17 7.70 -0.43
N GLY A 22 8.56 7.25 -1.61
CA GLY A 22 9.18 5.95 -1.81
C GLY A 22 9.48 5.70 -3.28
N ASN A 23 10.78 5.66 -3.63
CA ASN A 23 11.21 5.46 -5.01
C ASN A 23 12.55 4.78 -5.11
N ILE A 24 12.54 3.67 -5.86
CA ILE A 24 13.73 2.88 -6.08
C ILE A 24 14.26 3.16 -7.48
N THR A 25 14.54 4.42 -7.67
CA THR A 25 15.07 4.94 -8.93
C THR A 25 16.56 5.31 -8.77
N THR A 26 16.93 5.66 -7.55
CA THR A 26 18.30 6.05 -7.22
C THR A 26 18.95 5.04 -6.28
N GLY A 27 18.44 5.00 -5.06
CA GLY A 27 18.95 4.09 -4.03
C GLY A 27 18.04 4.04 -2.82
N PHE A 28 17.58 2.83 -2.48
CA PHE A 28 16.67 2.61 -1.35
C PHE A 28 17.38 2.61 -0.01
N ASN A 29 16.58 2.90 1.02
CA ASN A 29 16.99 3.00 2.41
C ASN A 29 17.69 1.77 3.00
N GLY A 30 18.42 1.06 2.15
CA GLY A 30 19.12 -0.13 2.59
C GLY A 30 18.41 -1.39 2.18
N TYR A 31 17.28 -1.18 1.47
CA TYR A 31 16.48 -2.29 0.95
C TYR A 31 16.77 -2.44 -0.57
N PRO A 32 17.84 -3.20 -0.96
CA PRO A 32 18.21 -3.37 -2.37
C PRO A 32 17.33 -4.38 -3.10
N GLY A 33 16.98 -4.06 -4.36
CA GLY A 33 16.14 -4.94 -5.17
C GLY A 33 14.65 -4.70 -4.97
N HIS A 34 14.33 -3.68 -4.16
CA HIS A 34 12.98 -3.30 -3.83
C HIS A 34 12.28 -2.65 -5.04
N VAL A 35 11.08 -3.15 -5.33
CA VAL A 35 10.26 -2.66 -6.45
C VAL A 35 9.08 -1.81 -5.94
N GLY A 36 9.05 -1.53 -4.64
CA GLY A 36 7.99 -0.73 -4.05
C GLY A 36 8.49 0.13 -2.92
N VAL A 37 7.60 0.39 -1.97
CA VAL A 37 7.92 1.20 -0.79
C VAL A 37 7.45 0.49 0.50
N ASP A 38 8.14 0.74 1.61
CA ASP A 38 7.82 0.12 2.89
C ASP A 38 7.62 1.15 3.99
N TYR A 39 6.55 0.94 4.77
CA TYR A 39 6.17 1.83 5.86
C TYR A 39 6.01 1.05 7.17
N ALA A 40 6.97 1.23 8.08
CA ALA A 40 6.96 0.56 9.39
C ALA A 40 5.70 0.90 10.20
N VAL A 41 4.78 -0.09 10.27
CA VAL A 41 3.52 0.06 10.99
C VAL A 41 3.09 -1.31 11.56
N PRO A 42 2.78 -1.38 12.90
CA PRO A 42 2.36 -2.64 13.57
C PRO A 42 1.26 -3.42 12.87
N VAL A 43 1.45 -4.73 12.95
CA VAL A 43 0.59 -5.74 12.38
C VAL A 43 -0.83 -5.75 12.98
N GLY A 44 -1.82 -5.98 12.11
CA GLY A 44 -3.18 -6.05 12.55
C GLY A 44 -3.99 -4.79 12.29
N THR A 45 -3.37 -3.80 11.63
CA THR A 45 -4.02 -2.56 11.30
C THR A 45 -4.77 -2.70 9.96
N PRO A 46 -6.10 -2.39 9.90
CA PRO A 46 -6.88 -2.53 8.65
C PRO A 46 -6.31 -1.73 7.49
N VAL A 47 -6.09 -2.43 6.37
CA VAL A 47 -5.56 -1.83 5.17
C VAL A 47 -6.68 -1.61 4.21
N ARG A 48 -6.80 -0.35 3.84
CA ARG A 48 -7.80 0.11 2.94
C ARG A 48 -7.26 0.31 1.55
N ALA A 49 -8.18 0.20 0.57
CA ALA A 49 -7.84 0.35 -0.83
C ALA A 49 -7.58 1.82 -1.15
N VAL A 50 -6.37 2.10 -1.61
CA VAL A 50 -5.97 3.48 -1.96
C VAL A 50 -6.75 4.05 -3.17
N ALA A 51 -7.40 3.16 -3.93
CA ALA A 51 -8.20 3.54 -5.10
C ALA A 51 -8.97 2.35 -5.62
N ASN A 52 -10.20 2.64 -6.09
CA ASN A 52 -11.09 1.65 -6.64
C ASN A 52 -10.51 0.95 -7.88
N GLY A 53 -10.99 -0.27 -8.13
CA GLY A 53 -10.51 -1.04 -9.28
C GLY A 53 -10.95 -2.49 -9.26
N THR A 54 -9.97 -3.40 -9.39
CA THR A 54 -10.19 -4.81 -9.43
C THR A 54 -9.00 -5.55 -8.83
N VAL A 55 -9.30 -6.61 -8.08
CA VAL A 55 -8.30 -7.44 -7.43
C VAL A 55 -7.78 -8.48 -8.44
N LYS A 56 -6.53 -8.33 -8.79
CA LYS A 56 -5.85 -9.22 -9.73
C LYS A 56 -5.08 -10.30 -8.98
N PHE A 57 -4.91 -10.07 -7.68
CA PHE A 57 -4.23 -11.00 -6.79
C PHE A 57 -4.71 -10.77 -5.36
N ALA A 58 -4.88 -11.88 -4.66
CA ALA A 58 -5.32 -11.90 -3.28
C ALA A 58 -4.71 -13.10 -2.57
N GLY A 59 -3.56 -12.85 -1.96
CA GLY A 59 -2.84 -13.87 -1.23
C GLY A 59 -3.21 -13.88 0.23
N ASN A 60 -4.23 -14.69 0.55
CA ASN A 60 -4.77 -14.84 1.91
C ASN A 60 -3.83 -15.59 2.83
N GLY A 61 -3.48 -14.89 3.89
CA GLY A 61 -2.58 -15.41 4.93
C GLY A 61 -3.27 -16.31 5.93
N ALA A 62 -4.58 -16.51 5.75
CA ALA A 62 -5.37 -17.35 6.64
C ALA A 62 -5.17 -18.84 6.39
N ASN A 63 -4.93 -19.19 5.13
CA ASN A 63 -4.74 -20.57 4.74
C ASN A 63 -3.60 -20.74 3.72
N HIS A 64 -2.66 -19.78 3.70
CA HIS A 64 -1.58 -19.82 2.78
C HIS A 64 -0.44 -20.79 3.20
N PRO A 65 -0.18 -21.87 2.40
CA PRO A 65 0.90 -22.82 2.66
C PRO A 65 2.25 -22.19 2.49
N TRP A 66 3.25 -22.82 3.02
CA TRP A 66 4.61 -22.34 2.86
C TRP A 66 5.24 -23.13 1.72
N MET A 67 4.38 -23.88 1.00
CA MET A 67 4.79 -24.70 -0.11
C MET A 67 5.03 -23.84 -1.32
N LEU A 68 4.11 -22.93 -1.57
CA LEU A 68 4.26 -22.02 -2.68
C LEU A 68 4.27 -20.57 -2.16
N TRP A 69 4.39 -20.40 -0.81
CA TRP A 69 4.39 -19.07 -0.23
C TRP A 69 5.58 -18.87 0.70
N MET A 70 6.15 -17.66 0.65
CA MET A 70 7.29 -17.29 1.49
C MET A 70 7.21 -15.83 1.93
N ALA A 71 6.55 -14.99 1.11
CA ALA A 71 6.40 -13.56 1.40
C ALA A 71 5.20 -13.28 2.30
N GLY A 72 4.22 -14.19 2.26
CA GLY A 72 3.03 -14.07 3.08
C GLY A 72 1.82 -13.53 2.33
N ASN A 73 1.20 -12.48 2.91
CA ASN A 73 0.01 -11.85 2.35
C ASN A 73 0.36 -10.80 1.29
N ALA A 74 -0.39 -10.83 0.19
CA ALA A 74 -0.18 -9.89 -0.90
C ALA A 74 -1.48 -9.60 -1.63
N VAL A 75 -1.62 -8.36 -2.14
CA VAL A 75 -2.81 -7.94 -2.85
C VAL A 75 -2.45 -7.08 -4.05
N LEU A 76 -2.83 -7.53 -5.23
CA LEU A 76 -2.59 -6.79 -6.45
C LEU A 76 -3.92 -6.45 -7.02
N ILE A 77 -4.03 -5.19 -7.30
CA ILE A 77 -5.23 -4.57 -7.80
C ILE A 77 -4.91 -3.56 -8.89
N GLN A 78 -5.85 -3.40 -9.78
CA GLN A 78 -5.80 -2.47 -10.88
C GLN A 78 -6.60 -1.24 -10.50
N HIS A 79 -5.89 -0.13 -10.40
CA HIS A 79 -6.47 1.16 -10.04
C HIS A 79 -7.41 1.75 -11.07
N ALA A 80 -7.88 2.97 -10.76
CA ALA A 80 -8.83 3.69 -11.58
C ALA A 80 -8.30 4.09 -12.95
N ASP A 81 -6.98 4.09 -13.11
CA ASP A 81 -6.35 4.47 -14.37
C ASP A 81 -5.91 3.24 -15.15
N GLY A 82 -6.00 2.08 -14.50
CA GLY A 82 -5.64 0.82 -15.11
C GLY A 82 -4.32 0.31 -14.62
N MET A 83 -3.63 1.13 -13.82
CA MET A 83 -2.36 0.81 -13.23
C MET A 83 -2.49 -0.31 -12.20
N HIS A 84 -1.35 -0.86 -11.76
CA HIS A 84 -1.39 -1.94 -10.81
C HIS A 84 -0.79 -1.51 -9.48
N THR A 85 -1.34 -2.03 -8.38
CA THR A 85 -0.88 -1.72 -7.06
C THR A 85 -0.90 -2.94 -6.19
N GLY A 86 0.23 -3.22 -5.58
CA GLY A 86 0.35 -4.34 -4.68
C GLY A 86 0.40 -3.90 -3.24
N TYR A 87 -0.01 -4.81 -2.35
CA TYR A 87 -0.04 -4.59 -0.92
C TYR A 87 0.57 -5.83 -0.31
N ALA A 88 1.85 -5.76 0.05
CA ALA A 88 2.56 -6.91 0.60
C ALA A 88 2.93 -6.73 2.06
N HIS A 89 3.33 -7.86 2.68
CA HIS A 89 3.72 -7.94 4.10
C HIS A 89 2.54 -7.64 5.04
N LEU A 90 1.38 -8.19 4.68
CA LEU A 90 0.15 -8.06 5.45
C LEU A 90 -0.10 -9.34 6.25
N SER A 91 -1.02 -9.28 7.22
CA SER A 91 -1.35 -10.43 8.04
C SER A 91 -2.64 -11.11 7.58
N LYS A 92 -3.43 -10.41 6.75
CA LYS A 92 -4.70 -10.94 6.27
C LYS A 92 -5.26 -10.11 5.13
N ILE A 93 -6.17 -10.76 4.41
CA ILE A 93 -6.86 -10.17 3.29
C ILE A 93 -8.37 -10.30 3.46
N SER A 94 -9.07 -9.31 2.92
CA SER A 94 -10.51 -9.26 2.94
C SER A 94 -11.05 -9.43 1.52
N VAL A 95 -10.13 -9.46 0.56
CA VAL A 95 -10.45 -9.54 -0.82
C VAL A 95 -10.22 -10.94 -1.39
N SER A 96 -10.41 -11.05 -2.71
CA SER A 96 -10.26 -12.29 -3.45
C SER A 96 -9.96 -11.95 -4.89
N THR A 97 -9.12 -12.78 -5.51
CA THR A 97 -8.70 -12.61 -6.89
C THR A 97 -9.90 -12.54 -7.84
N ASP A 98 -9.92 -11.50 -8.70
CA ASP A 98 -10.98 -11.25 -9.70
C ASP A 98 -12.15 -10.46 -9.12
N SER A 99 -12.12 -10.20 -7.81
CA SER A 99 -13.16 -9.44 -7.15
C SER A 99 -12.93 -7.95 -7.35
N THR A 100 -14.01 -7.18 -7.39
CA THR A 100 -13.94 -5.74 -7.54
C THR A 100 -13.73 -5.06 -6.20
N VAL A 101 -12.97 -3.96 -6.24
CA VAL A 101 -12.67 -3.21 -5.06
C VAL A 101 -13.05 -1.74 -5.20
N LYS A 102 -13.03 -1.06 -4.05
CA LYS A 102 -13.34 0.33 -3.94
C LYS A 102 -12.40 0.99 -2.97
N GLN A 103 -12.11 2.24 -3.25
CA GLN A 103 -11.22 3.07 -2.45
C GLN A 103 -11.69 3.17 -1.00
N GLY A 104 -10.72 3.07 -0.10
CA GLY A 104 -10.95 3.14 1.33
C GLY A 104 -11.52 1.86 1.93
N GLN A 105 -11.82 0.89 1.06
CA GLN A 105 -12.37 -0.38 1.48
C GLN A 105 -11.29 -1.23 2.12
N ILE A 106 -11.68 -1.90 3.20
CA ILE A 106 -10.77 -2.73 3.93
C ILE A 106 -10.45 -3.98 3.11
N ILE A 107 -9.28 -3.93 2.50
CA ILE A 107 -8.78 -5.00 1.66
C ILE A 107 -7.91 -6.01 2.41
N GLY A 108 -7.63 -5.73 3.70
CA GLY A 108 -6.84 -6.62 4.51
C GLY A 108 -6.40 -5.97 5.80
N TYR A 109 -5.38 -6.56 6.40
CA TYR A 109 -4.76 -6.11 7.63
C TYR A 109 -3.26 -6.25 7.50
N THR A 110 -2.54 -5.25 8.01
CA THR A 110 -1.08 -5.20 7.97
C THR A 110 -0.44 -6.39 8.68
N GLY A 111 0.78 -6.78 8.27
CA GLY A 111 1.43 -7.90 8.91
C GLY A 111 2.92 -7.92 8.74
N ALA A 112 3.50 -9.08 9.01
CA ALA A 112 4.92 -9.31 8.88
C ALA A 112 5.17 -10.79 8.53
N THR A 113 4.41 -11.27 7.54
CA THR A 113 4.47 -12.68 7.10
C THR A 113 5.68 -12.99 6.20
N GLY A 114 6.54 -11.98 5.97
CA GLY A 114 7.73 -12.18 5.16
C GLY A 114 8.90 -12.63 6.03
N GLN A 115 9.74 -11.67 6.41
CA GLN A 115 10.88 -11.94 7.29
C GLN A 115 10.53 -11.47 8.71
N VAL A 116 11.03 -12.17 9.73
CA VAL A 116 10.73 -11.81 11.11
C VAL A 116 11.72 -10.80 11.67
N THR A 117 11.30 -9.53 11.64
CA THR A 117 12.10 -8.40 12.13
C THR A 117 11.17 -7.32 12.70
N GLY A 118 10.19 -6.90 11.89
CA GLY A 118 9.24 -5.90 12.29
C GLY A 118 8.09 -5.77 11.28
N PRO A 119 6.81 -5.53 11.73
CA PRO A 119 5.66 -5.40 10.82
C PRO A 119 5.70 -4.09 10.04
N HIS A 120 5.25 -4.12 8.76
CA HIS A 120 5.23 -2.94 7.92
C HIS A 120 4.26 -3.10 6.74
N LEU A 121 4.32 -2.11 5.86
CA LEU A 121 3.49 -2.03 4.70
C LEU A 121 4.34 -1.88 3.45
N HIS A 122 3.94 -2.62 2.45
CA HIS A 122 4.56 -2.60 1.16
C HIS A 122 3.55 -2.10 0.14
N PHE A 123 3.91 -1.04 -0.54
CA PHE A 123 3.06 -0.46 -1.58
C PHE A 123 3.84 -0.30 -2.89
N GLU A 124 3.51 -1.15 -3.85
CA GLU A 124 4.11 -1.14 -5.14
C GLU A 124 3.06 -0.78 -6.19
N MET A 125 3.39 0.22 -6.98
CA MET A 125 2.57 0.73 -8.02
C MET A 125 3.30 0.61 -9.34
N LEU A 126 2.55 0.17 -10.32
CA LEU A 126 3.05 -0.07 -11.64
C LEU A 126 2.00 0.35 -12.69
N PRO A 127 2.38 0.49 -13.99
CA PRO A 127 1.43 0.82 -15.07
C PRO A 127 0.39 -0.27 -15.30
N ALA A 128 -0.47 -0.03 -16.29
CA ALA A 128 -1.46 -0.99 -16.69
C ALA A 128 -0.77 -2.15 -17.41
N ASN A 129 0.38 -1.80 -18.02
CA ASN A 129 1.22 -2.73 -18.77
C ASN A 129 2.62 -2.18 -18.83
N PRO A 130 3.50 -2.76 -17.99
CA PRO A 130 4.87 -2.31 -17.87
C PRO A 130 5.80 -2.63 -19.02
N ASN A 131 6.90 -1.89 -18.99
CA ASN A 131 7.97 -1.99 -19.92
C ASN A 131 9.21 -2.40 -19.15
N TRP A 132 9.18 -3.66 -18.70
CA TRP A 132 10.26 -4.26 -17.90
C TRP A 132 11.60 -4.34 -18.66
N GLN A 133 11.65 -3.61 -19.78
CA GLN A 133 12.79 -3.55 -20.66
C GLN A 133 13.87 -2.59 -20.17
N ASN A 134 13.97 -2.52 -18.85
CA ASN A 134 14.93 -1.69 -18.11
C ASN A 134 14.56 -0.23 -18.21
N GLY A 135 14.48 0.41 -17.05
CA GLY A 135 14.11 1.81 -17.01
C GLY A 135 13.37 2.19 -15.75
N PHE A 136 12.36 1.40 -15.39
CA PHE A 136 11.56 1.66 -14.17
C PHE A 136 11.00 0.38 -13.59
N SER A 137 10.93 -0.68 -14.41
CA SER A 137 10.37 -2.00 -14.04
C SER A 137 8.89 -1.83 -13.77
N GLY A 138 8.41 -0.69 -14.29
CA GLY A 138 7.04 -0.30 -14.17
C GLY A 138 6.73 0.28 -12.81
N ARG A 139 7.65 0.13 -11.86
CA ARG A 139 7.43 0.66 -10.50
C ARG A 139 7.80 2.13 -10.39
N ILE A 140 6.83 2.95 -9.94
CA ILE A 140 7.06 4.38 -9.78
C ILE A 140 6.69 4.90 -8.38
N ASP A 141 6.74 6.23 -8.21
CA ASP A 141 6.50 6.91 -6.93
C ASP A 141 5.01 6.92 -6.48
N PRO A 142 4.72 6.55 -5.19
CA PRO A 142 3.35 6.57 -4.63
C PRO A 142 2.86 7.98 -4.25
N THR A 143 3.72 9.00 -4.45
CA THR A 143 3.45 10.40 -4.11
C THR A 143 2.13 10.93 -4.69
N GLY A 144 1.68 10.30 -5.77
CA GLY A 144 0.44 10.69 -6.43
C GLY A 144 -0.78 10.29 -5.61
N TYR A 145 -0.60 9.26 -4.79
CA TYR A 145 -1.64 8.72 -3.93
C TYR A 145 -1.46 9.17 -2.47
N ILE A 146 -0.30 9.76 -2.18
CA ILE A 146 0.03 10.22 -0.85
C ILE A 146 -0.22 11.73 -0.73
N ALA A 147 -0.45 12.38 -1.87
CA ALA A 147 -0.74 13.81 -1.92
C ALA A 147 -2.16 14.12 -1.45
N ASN A 148 -3.03 13.13 -1.59
CA ASN A 148 -4.41 13.22 -1.20
C ASN A 148 -4.61 12.49 0.11
N ALA A 149 -3.48 12.26 0.77
CA ALA A 149 -3.43 11.58 2.01
C ALA A 149 -3.42 12.55 3.21
N PRO A 150 -3.63 12.01 4.46
CA PRO A 150 -3.65 12.80 5.72
C PRO A 150 -2.37 13.64 5.94
N VAL A 151 -2.36 14.38 7.05
CA VAL A 151 -1.27 15.28 7.40
C VAL A 151 -0.48 14.76 8.59
N PHE A 152 0.83 14.78 8.42
CA PHE A 152 1.79 14.36 9.42
C PHE A 152 2.38 15.61 10.10
N ASN A 153 1.83 15.96 11.27
CA ASN A 153 2.27 17.12 12.09
C ASN A 153 1.95 18.47 11.43
N GLY A 154 2.09 18.54 10.10
CA GLY A 154 1.83 19.77 9.37
C GLY A 154 3.06 20.30 8.67
N THR A 155 3.25 19.90 7.41
CA THR A 155 4.38 20.30 6.61
C THR A 155 4.04 21.50 5.75
N THR A 156 4.57 22.65 6.16
CA THR A 156 4.36 23.92 5.45
C THR A 156 5.52 24.20 4.48
N PRO A 157 5.25 24.81 3.28
CA PRO A 157 6.30 25.13 2.31
C PRO A 157 7.00 26.46 2.60
N THR A 158 6.20 27.42 3.05
CA THR A 158 6.66 28.76 3.38
C THR A 158 5.62 29.46 4.25
N GLU A 159 4.45 29.64 3.65
CA GLU A 159 3.30 30.28 4.30
C GLU A 159 2.44 29.25 5.05
ZN ZN B . 8.49 -3.77 0.44
O UNL C . 9.22 -5.62 0.92
N MET A 1 -10.21 -2.12 18.00
CA MET A 1 -11.18 -1.79 19.07
C MET A 1 -12.13 -0.69 18.61
N ARG A 2 -13.43 -0.89 18.90
CA ARG A 2 -14.48 0.07 18.53
C ARG A 2 -14.64 1.15 19.59
N GLY A 3 -15.00 2.36 19.15
CA GLY A 3 -15.19 3.48 20.06
C GLY A 3 -16.38 4.34 19.69
N SER A 4 -16.36 4.89 18.46
CA SER A 4 -17.43 5.75 17.96
C SER A 4 -18.44 4.95 17.13
N HIS A 5 -19.69 5.39 17.13
CA HIS A 5 -20.76 4.73 16.38
C HIS A 5 -21.44 5.71 15.42
N HIS A 6 -21.73 6.91 15.91
CA HIS A 6 -22.37 7.96 15.10
C HIS A 6 -21.47 9.18 14.99
N HIS A 7 -21.57 9.87 13.84
CA HIS A 7 -20.77 11.07 13.58
C HIS A 7 -21.64 12.33 13.57
N HIS A 8 -21.11 13.40 14.16
CA HIS A 8 -21.80 14.68 14.23
C HIS A 8 -21.09 15.76 13.41
N HIS A 9 -19.76 15.82 13.53
CA HIS A 9 -18.95 16.80 12.81
C HIS A 9 -17.98 16.10 11.85
N HIS A 10 -17.73 16.74 10.70
CA HIS A 10 -16.82 16.20 9.68
C HIS A 10 -15.50 16.96 9.68
N GLY A 11 -14.42 16.25 9.33
CA GLY A 11 -13.09 16.84 9.29
C GLY A 11 -12.08 16.13 10.17
N SER A 12 -12.34 14.84 10.47
CA SER A 12 -11.46 14.03 11.30
C SER A 12 -10.56 13.14 10.47
N ALA A 13 -9.47 12.67 11.11
CA ALA A 13 -8.54 11.77 10.48
C ALA A 13 -7.71 11.03 11.55
N THR A 14 -8.00 9.73 11.72
CA THR A 14 -7.31 8.89 12.69
C THR A 14 -6.08 8.19 12.08
N TYR A 15 -5.98 8.21 10.75
CA TYR A 15 -4.89 7.58 10.04
C TYR A 15 -3.80 8.56 9.68
N THR A 16 -2.62 8.23 10.16
CA THR A 16 -1.44 9.05 9.96
C THR A 16 -0.58 8.54 8.80
N ARG A 17 0.20 9.45 8.19
CA ARG A 17 1.09 9.13 7.08
C ARG A 17 2.43 8.60 7.59
N PRO A 18 2.75 7.29 7.38
CA PRO A 18 4.03 6.69 7.81
C PRO A 18 5.22 7.19 6.97
N LEU A 19 4.91 7.68 5.77
CA LEU A 19 5.90 8.19 4.85
C LEU A 19 5.43 9.47 4.22
N ASP A 20 6.22 9.87 3.27
CA ASP A 20 5.99 11.03 2.46
C ASP A 20 6.12 10.63 1.01
N THR A 21 6.89 9.55 0.80
CA THR A 21 7.18 9.02 -0.51
C THR A 21 7.84 7.63 -0.46
N GLY A 22 8.33 7.20 -1.62
CA GLY A 22 9.03 5.94 -1.79
C GLY A 22 9.29 5.66 -3.26
N ASN A 23 10.59 5.69 -3.66
CA ASN A 23 10.97 5.48 -5.05
C ASN A 23 12.34 4.88 -5.21
N ILE A 24 12.35 3.77 -5.96
CA ILE A 24 13.56 3.02 -6.25
C ILE A 24 14.00 3.34 -7.67
N THR A 25 14.21 4.61 -7.86
CA THR A 25 14.67 5.17 -9.14
C THR A 25 16.16 5.50 -9.09
N THR A 26 16.64 5.81 -7.88
CA THR A 26 18.03 6.15 -7.66
C THR A 26 18.70 5.10 -6.77
N GLY A 27 18.27 5.05 -5.52
CA GLY A 27 18.81 4.11 -4.55
C GLY A 27 17.98 4.06 -3.28
N PHE A 28 17.50 2.85 -2.93
CA PHE A 28 16.67 2.66 -1.73
C PHE A 28 17.47 2.69 -0.44
N ASN A 29 16.72 2.99 0.63
CA ASN A 29 17.24 3.14 1.99
C ASN A 29 18.02 1.94 2.56
N GLY A 30 18.71 1.24 1.68
CA GLY A 30 19.50 0.09 2.08
C GLY A 30 18.80 -1.20 1.75
N TYR A 31 17.62 -1.06 1.16
CA TYR A 31 16.82 -2.22 0.73
C TYR A 31 16.98 -2.40 -0.79
N PRO A 32 18.03 -3.13 -1.26
CA PRO A 32 18.28 -3.33 -2.70
C PRO A 32 17.36 -4.38 -3.33
N GLY A 33 16.89 -4.10 -4.54
CA GLY A 33 16.00 -5.01 -5.25
C GLY A 33 14.52 -4.76 -4.97
N HIS A 34 14.24 -3.71 -4.20
CA HIS A 34 12.91 -3.31 -3.81
C HIS A 34 12.17 -2.65 -4.98
N VAL A 35 10.97 -3.14 -5.27
CA VAL A 35 10.13 -2.63 -6.35
C VAL A 35 9.04 -1.67 -5.84
N GLY A 36 8.80 -1.67 -4.52
CA GLY A 36 7.79 -0.81 -3.95
C GLY A 36 8.33 0.06 -2.84
N VAL A 37 7.45 0.38 -1.89
CA VAL A 37 7.80 1.20 -0.73
C VAL A 37 7.34 0.48 0.56
N ASP A 38 8.05 0.76 1.67
CA ASP A 38 7.74 0.13 2.96
C ASP A 38 7.50 1.14 4.06
N TYR A 39 6.39 0.94 4.77
CA TYR A 39 5.96 1.80 5.87
C TYR A 39 5.80 0.99 7.15
N ALA A 40 6.71 1.22 8.10
CA ALA A 40 6.69 0.54 9.40
C ALA A 40 5.41 0.83 10.20
N VAL A 41 4.52 -0.17 10.24
CA VAL A 41 3.23 -0.07 10.92
C VAL A 41 2.86 -1.44 11.54
N PRO A 42 2.59 -1.51 12.88
CA PRO A 42 2.21 -2.77 13.57
C PRO A 42 1.10 -3.58 12.91
N VAL A 43 1.32 -4.87 12.99
CA VAL A 43 0.46 -5.93 12.46
C VAL A 43 -0.94 -5.95 13.08
N GLY A 44 -1.94 -6.21 12.25
CA GLY A 44 -3.30 -6.30 12.72
C GLY A 44 -4.13 -5.06 12.48
N THR A 45 -3.53 -4.05 11.82
CA THR A 45 -4.22 -2.82 11.52
C THR A 45 -4.93 -2.95 10.16
N PRO A 46 -6.27 -2.66 10.07
CA PRO A 46 -7.02 -2.78 8.81
C PRO A 46 -6.42 -1.93 7.68
N VAL A 47 -6.16 -2.58 6.56
CA VAL A 47 -5.60 -1.95 5.39
C VAL A 47 -6.70 -1.62 4.43
N ARG A 48 -6.77 -0.35 4.14
CA ARG A 48 -7.75 0.20 3.24
C ARG A 48 -7.17 0.48 1.88
N ALA A 49 -8.04 0.39 0.88
CA ALA A 49 -7.65 0.60 -0.50
C ALA A 49 -7.35 2.07 -0.76
N VAL A 50 -6.12 2.33 -1.23
CA VAL A 50 -5.68 3.70 -1.53
C VAL A 50 -6.40 4.30 -2.76
N ALA A 51 -7.07 3.44 -3.54
CA ALA A 51 -7.82 3.84 -4.72
C ALA A 51 -8.63 2.68 -5.27
N ASN A 52 -9.82 3.02 -5.77
CA ASN A 52 -10.75 2.06 -6.35
C ASN A 52 -10.17 1.36 -7.58
N GLY A 53 -10.71 0.18 -7.88
CA GLY A 53 -10.26 -0.59 -9.03
C GLY A 53 -10.77 -2.01 -9.04
N THR A 54 -9.83 -2.96 -9.20
CA THR A 54 -10.11 -4.37 -9.28
C THR A 54 -8.96 -5.16 -8.68
N VAL A 55 -9.29 -6.23 -7.96
CA VAL A 55 -8.34 -7.11 -7.33
C VAL A 55 -7.85 -8.14 -8.34
N LYS A 56 -6.59 -8.02 -8.69
CA LYS A 56 -5.93 -8.92 -9.65
C LYS A 56 -5.21 -10.05 -8.92
N PHE A 57 -5.04 -9.86 -7.61
CA PHE A 57 -4.39 -10.83 -6.76
C PHE A 57 -4.85 -10.64 -5.31
N ALA A 58 -5.02 -11.77 -4.64
CA ALA A 58 -5.45 -11.82 -3.26
C ALA A 58 -4.77 -13.01 -2.58
N GLY A 59 -3.63 -12.71 -1.97
CA GLY A 59 -2.83 -13.69 -1.27
C GLY A 59 -3.17 -13.77 0.20
N ASN A 60 -4.13 -14.66 0.52
CA ASN A 60 -4.62 -14.89 1.88
C ASN A 60 -3.59 -15.60 2.76
N GLY A 61 -3.29 -14.93 3.85
CA GLY A 61 -2.33 -15.40 4.85
C GLY A 61 -2.91 -16.42 5.82
N ALA A 62 -4.20 -16.74 5.65
CA ALA A 62 -4.90 -17.67 6.51
C ALA A 62 -4.58 -19.13 6.19
N ASN A 63 -4.35 -19.40 4.91
CA ASN A 63 -4.05 -20.74 4.43
C ASN A 63 -2.94 -20.73 3.39
N HIS A 64 -2.02 -19.76 3.51
CA HIS A 64 -0.94 -19.61 2.58
C HIS A 64 0.24 -20.58 2.83
N PRO A 65 0.48 -21.56 1.90
CA PRO A 65 1.60 -22.50 1.99
C PRO A 65 2.92 -21.82 1.77
N TRP A 66 3.98 -22.47 2.17
CA TRP A 66 5.31 -21.95 1.94
C TRP A 66 5.86 -22.60 0.68
N MET A 67 4.96 -23.31 -0.04
CA MET A 67 5.31 -24.00 -1.26
C MET A 67 5.42 -23.02 -2.41
N LEU A 68 4.46 -22.10 -2.47
CA LEU A 68 4.48 -21.07 -3.48
C LEU A 68 4.52 -19.69 -2.82
N TRP A 69 4.75 -19.66 -1.48
CA TRP A 69 4.78 -18.38 -0.77
C TRP A 69 6.04 -18.23 0.08
N MET A 70 6.46 -16.97 0.26
CA MET A 70 7.64 -16.63 1.06
C MET A 70 7.44 -15.31 1.79
N ALA A 71 6.76 -14.36 1.12
CA ALA A 71 6.49 -13.02 1.68
C ALA A 71 5.21 -13.02 2.52
N GLY A 72 4.33 -13.97 2.23
CA GLY A 72 3.07 -14.09 2.97
C GLY A 72 1.87 -13.51 2.25
N ASN A 73 1.25 -12.50 2.87
CA ASN A 73 0.07 -11.84 2.35
C ASN A 73 0.41 -10.76 1.32
N ALA A 74 -0.35 -10.75 0.22
CA ALA A 74 -0.16 -9.79 -0.85
C ALA A 74 -1.47 -9.52 -1.58
N VAL A 75 -1.63 -8.28 -2.05
CA VAL A 75 -2.85 -7.87 -2.76
C VAL A 75 -2.49 -6.99 -3.93
N LEU A 76 -2.88 -7.42 -5.11
CA LEU A 76 -2.64 -6.67 -6.32
C LEU A 76 -3.96 -6.26 -6.88
N ILE A 77 -4.01 -5.00 -7.17
CA ILE A 77 -5.18 -4.33 -7.66
C ILE A 77 -4.80 -3.31 -8.73
N GLN A 78 -5.75 -3.09 -9.63
CA GLN A 78 -5.63 -2.15 -10.70
C GLN A 78 -6.37 -0.88 -10.32
N HIS A 79 -5.61 0.20 -10.21
CA HIS A 79 -6.13 1.51 -9.83
C HIS A 79 -7.00 2.16 -10.89
N ALA A 80 -7.43 3.38 -10.56
CA ALA A 80 -8.30 4.17 -11.39
C ALA A 80 -7.67 4.60 -12.72
N ASP A 81 -6.33 4.53 -12.78
CA ASP A 81 -5.59 4.91 -13.98
C ASP A 81 -5.25 3.68 -14.82
N GLY A 82 -5.44 2.51 -14.20
CA GLY A 82 -5.18 1.25 -14.87
C GLY A 82 -3.90 0.62 -14.40
N MET A 83 -3.16 1.36 -13.55
CA MET A 83 -1.91 0.90 -13.01
C MET A 83 -2.14 -0.21 -11.97
N HIS A 84 -1.07 -0.91 -11.63
CA HIS A 84 -1.17 -1.99 -10.68
C HIS A 84 -0.52 -1.61 -9.37
N THR A 85 -1.16 -2.00 -8.26
CA THR A 85 -0.66 -1.70 -6.95
C THR A 85 -0.76 -2.93 -6.07
N GLY A 86 0.37 -3.27 -5.47
CA GLY A 86 0.42 -4.40 -4.57
C GLY A 86 0.47 -3.95 -3.12
N TYR A 87 0.02 -4.84 -2.23
CA TYR A 87 -0.02 -4.61 -0.81
C TYR A 87 0.59 -5.86 -0.19
N ALA A 88 1.86 -5.79 0.17
CA ALA A 88 2.56 -6.96 0.72
C ALA A 88 2.93 -6.78 2.18
N HIS A 89 3.33 -7.91 2.80
CA HIS A 89 3.71 -7.99 4.23
C HIS A 89 2.51 -7.71 5.15
N LEU A 90 1.36 -8.27 4.78
CA LEU A 90 0.12 -8.16 5.55
C LEU A 90 -0.13 -9.45 6.33
N SER A 91 -1.10 -9.44 7.24
CA SER A 91 -1.42 -10.59 8.05
C SER A 91 -2.70 -11.26 7.56
N LYS A 92 -3.49 -10.54 6.75
CA LYS A 92 -4.75 -11.06 6.25
C LYS A 92 -5.32 -10.19 5.14
N ILE A 93 -6.21 -10.81 4.39
CA ILE A 93 -6.91 -10.18 3.28
C ILE A 93 -8.42 -10.26 3.48
N SER A 94 -9.09 -9.24 2.94
CA SER A 94 -10.52 -9.14 2.97
C SER A 94 -11.09 -9.24 1.55
N VAL A 95 -10.18 -9.31 0.58
CA VAL A 95 -10.53 -9.35 -0.79
C VAL A 95 -10.30 -10.72 -1.42
N SER A 96 -10.53 -10.79 -2.72
CA SER A 96 -10.40 -12.00 -3.50
C SER A 96 -10.10 -11.63 -4.94
N THR A 97 -9.29 -12.46 -5.56
CA THR A 97 -8.87 -12.27 -6.95
C THR A 97 -10.07 -12.16 -7.91
N ASP A 98 -10.07 -11.09 -8.73
CA ASP A 98 -11.11 -10.79 -9.73
C ASP A 98 -12.26 -9.97 -9.13
N SER A 99 -12.22 -9.75 -7.81
CA SER A 99 -13.23 -8.96 -7.13
C SER A 99 -12.96 -7.48 -7.29
N THR A 100 -14.03 -6.68 -7.33
CA THR A 100 -13.90 -5.25 -7.45
C THR A 100 -13.69 -4.59 -6.10
N VAL A 101 -12.91 -3.52 -6.11
CA VAL A 101 -12.58 -2.80 -4.92
C VAL A 101 -12.89 -1.32 -5.03
N LYS A 102 -12.84 -0.65 -3.88
CA LYS A 102 -13.08 0.75 -3.75
C LYS A 102 -12.15 1.35 -2.73
N GLN A 103 -11.80 2.60 -2.96
CA GLN A 103 -10.91 3.38 -2.12
C GLN A 103 -11.42 3.44 -0.68
N GLY A 104 -10.49 3.30 0.25
CA GLY A 104 -10.77 3.34 1.67
C GLY A 104 -11.39 2.06 2.22
N GLN A 105 -11.68 1.12 1.32
CA GLN A 105 -12.27 -0.15 1.68
C GLN A 105 -11.23 -1.05 2.30
N ILE A 106 -11.66 -1.77 3.33
CA ILE A 106 -10.78 -2.66 4.04
C ILE A 106 -10.48 -3.88 3.18
N ILE A 107 -9.30 -3.83 2.58
CA ILE A 107 -8.81 -4.87 1.71
C ILE A 107 -7.95 -5.91 2.43
N GLY A 108 -7.67 -5.69 3.71
CA GLY A 108 -6.89 -6.62 4.49
C GLY A 108 -6.49 -6.04 5.84
N TYR A 109 -5.46 -6.66 6.40
CA TYR A 109 -4.88 -6.30 7.68
C TYR A 109 -3.36 -6.40 7.56
N THR A 110 -2.67 -5.43 8.15
CA THR A 110 -1.21 -5.35 8.13
C THR A 110 -0.55 -6.54 8.84
N GLY A 111 0.67 -6.93 8.40
CA GLY A 111 1.34 -8.04 9.03
C GLY A 111 2.84 -8.05 8.84
N ALA A 112 3.43 -9.19 9.13
CA ALA A 112 4.86 -9.40 8.98
C ALA A 112 5.12 -10.88 8.67
N THR A 113 4.43 -11.38 7.63
CA THR A 113 4.52 -12.77 7.22
C THR A 113 5.76 -13.08 6.36
N GLY A 114 6.60 -12.08 6.13
CA GLY A 114 7.81 -12.26 5.35
C GLY A 114 9.06 -12.28 6.20
N GLN A 115 10.23 -12.10 5.58
CA GLN A 115 11.50 -12.11 6.30
C GLN A 115 11.90 -10.68 6.72
N VAL A 116 11.48 -10.31 7.95
CA VAL A 116 11.76 -8.99 8.50
C VAL A 116 11.82 -9.05 10.04
N THR A 117 12.31 -7.96 10.66
CA THR A 117 12.43 -7.88 12.11
C THR A 117 11.17 -7.29 12.76
N GLY A 118 10.27 -6.74 11.93
CA GLY A 118 9.04 -6.16 12.45
C GLY A 118 7.94 -6.05 11.39
N PRO A 119 6.66 -5.71 11.79
CA PRO A 119 5.53 -5.58 10.84
C PRO A 119 5.55 -4.25 10.09
N HIS A 120 5.08 -4.25 8.83
CA HIS A 120 5.03 -3.04 8.02
C HIS A 120 4.06 -3.19 6.84
N LEU A 121 4.18 -2.24 5.92
CA LEU A 121 3.37 -2.14 4.75
C LEU A 121 4.24 -1.99 3.51
N HIS A 122 3.85 -2.71 2.49
CA HIS A 122 4.52 -2.69 1.22
C HIS A 122 3.57 -2.25 0.11
N PHE A 123 3.86 -1.11 -0.48
CA PHE A 123 3.05 -0.57 -1.54
C PHE A 123 3.89 -0.41 -2.82
N GLU A 124 3.62 -1.29 -3.79
CA GLU A 124 4.28 -1.31 -5.05
C GLU A 124 3.28 -0.91 -6.13
N MET A 125 3.67 0.06 -6.92
CA MET A 125 2.86 0.60 -7.97
C MET A 125 3.61 0.49 -9.28
N LEU A 126 2.87 0.03 -10.26
CA LEU A 126 3.37 -0.22 -11.59
C LEU A 126 2.30 0.19 -12.64
N PRO A 127 2.67 0.34 -13.95
CA PRO A 127 1.70 0.67 -15.01
C PRO A 127 0.63 -0.40 -15.22
N ALA A 128 -0.24 -0.15 -16.19
CA ALA A 128 -1.25 -1.10 -16.56
C ALA A 128 -0.59 -2.30 -17.23
N ASN A 129 0.56 -2.01 -17.87
CA ASN A 129 1.38 -2.99 -18.58
C ASN A 129 2.78 -2.47 -18.69
N PRO A 130 3.67 -3.01 -17.83
CA PRO A 130 5.05 -2.56 -17.75
C PRO A 130 5.96 -2.93 -18.90
N ASN A 131 7.06 -2.20 -18.93
CA ASN A 131 8.12 -2.35 -19.88
C ASN A 131 9.36 -2.75 -19.11
N TRP A 132 9.32 -3.99 -18.61
CA TRP A 132 10.40 -4.58 -17.81
C TRP A 132 11.72 -4.70 -18.61
N GLN A 133 11.74 -4.05 -19.77
CA GLN A 133 12.86 -4.05 -20.69
C GLN A 133 13.96 -3.06 -20.30
N ASN A 134 14.09 -2.90 -18.99
CA ASN A 134 15.07 -2.04 -18.32
C ASN A 134 14.69 -0.59 -18.48
N GLY A 135 14.67 0.12 -17.36
CA GLY A 135 14.31 1.50 -17.36
C GLY A 135 13.63 1.95 -16.09
N PHE A 136 12.62 1.18 -15.65
CA PHE A 136 11.89 1.50 -14.41
C PHE A 136 11.32 0.25 -13.76
N SER A 137 11.20 -0.83 -14.54
CA SER A 137 10.63 -2.12 -14.11
C SER A 137 9.17 -1.93 -13.81
N GLY A 138 8.68 -0.80 -14.35
CA GLY A 138 7.31 -0.40 -14.20
C GLY A 138 7.02 0.17 -12.82
N ARG A 139 7.96 -0.01 -11.90
CA ARG A 139 7.77 0.47 -10.53
C ARG A 139 8.04 1.97 -10.41
N ILE A 140 7.02 2.71 -9.95
CA ILE A 140 7.13 4.17 -9.81
C ILE A 140 6.73 4.65 -8.41
N ASP A 141 6.65 5.98 -8.24
CA ASP A 141 6.34 6.62 -6.97
C ASP A 141 4.83 6.63 -6.63
N PRO A 142 4.42 6.16 -5.40
CA PRO A 142 3.00 6.16 -4.98
C PRO A 142 2.48 7.55 -4.56
N THR A 143 3.38 8.55 -4.57
CA THR A 143 3.10 9.93 -4.16
C THR A 143 1.86 10.55 -4.82
N GLY A 144 1.49 10.01 -5.97
CA GLY A 144 0.34 10.53 -6.72
C GLY A 144 -0.98 10.22 -6.02
N TYR A 145 -1.00 9.10 -5.30
CA TYR A 145 -2.19 8.65 -4.58
C TYR A 145 -2.07 8.90 -3.09
N ILE A 146 -0.87 9.26 -2.65
CA ILE A 146 -0.59 9.56 -1.25
C ILE A 146 -0.67 11.06 -0.96
N ALA A 147 -0.78 11.85 -2.04
CA ALA A 147 -0.92 13.30 -1.94
C ALA A 147 -2.34 13.69 -1.54
N ASN A 148 -3.26 12.76 -1.78
CA ASN A 148 -4.65 12.94 -1.47
C ASN A 148 -4.98 12.19 -0.21
N ALA A 149 -3.92 11.82 0.49
CA ALA A 149 -4.00 11.10 1.71
C ALA A 149 -4.11 12.01 2.95
N PRO A 150 -4.43 11.44 4.15
CA PRO A 150 -4.57 12.17 5.42
C PRO A 150 -3.34 13.01 5.80
N VAL A 151 -3.45 13.71 6.95
CA VAL A 151 -2.42 14.61 7.44
C VAL A 151 -1.70 14.02 8.64
N PHE A 152 -0.39 14.09 8.56
CA PHE A 152 0.53 13.63 9.59
C PHE A 152 1.06 14.84 10.38
N ASN A 153 0.44 15.10 11.55
CA ASN A 153 0.81 16.21 12.46
C ASN A 153 0.47 17.60 11.89
N GLY A 154 0.66 17.77 10.57
CA GLY A 154 0.39 19.04 9.92
C GLY A 154 1.34 19.30 8.77
N THR A 155 1.03 18.70 7.61
CA THR A 155 1.83 18.83 6.42
C THR A 155 1.36 20.00 5.56
N THR A 156 2.16 21.06 5.61
CA THR A 156 1.89 22.28 4.83
C THR A 156 2.73 22.30 3.55
N PRO A 157 2.12 22.50 2.35
CA PRO A 157 2.86 22.53 1.08
C PRO A 157 3.52 23.88 0.79
N THR A 158 2.75 24.94 1.03
CA THR A 158 3.18 26.32 0.81
C THR A 158 2.26 27.29 1.55
N GLU A 159 1.02 27.33 1.10
CA GLU A 159 -0.02 28.18 1.67
C GLU A 159 -0.66 27.55 2.91
ZN ZN B . 8.53 -3.79 0.58
O UNL C . 9.31 -5.60 1.12
N MET A 1 -30.62 17.26 20.00
CA MET A 1 -31.57 17.30 21.14
C MET A 1 -32.24 15.94 21.38
N ARG A 2 -32.51 15.22 20.29
CA ARG A 2 -33.14 13.90 20.37
C ARG A 2 -32.14 12.77 20.11
N GLY A 3 -31.23 13.00 19.15
CA GLY A 3 -30.22 12.01 18.82
C GLY A 3 -30.52 11.28 17.52
N SER A 4 -30.76 12.06 16.46
CA SER A 4 -31.05 11.50 15.13
C SER A 4 -30.06 12.03 14.10
N HIS A 5 -29.57 11.12 13.25
CA HIS A 5 -28.62 11.47 12.20
C HIS A 5 -29.25 11.43 10.81
N HIS A 6 -28.98 12.47 10.01
CA HIS A 6 -29.52 12.58 8.65
C HIS A 6 -28.40 12.76 7.63
N HIS A 7 -27.42 13.61 7.96
CA HIS A 7 -26.29 13.88 7.07
C HIS A 7 -24.96 13.68 7.78
N HIS A 8 -23.95 13.26 7.00
CA HIS A 8 -22.61 13.02 7.52
C HIS A 8 -21.57 13.76 6.68
N HIS A 9 -20.63 14.44 7.35
CA HIS A 9 -19.59 15.20 6.68
C HIS A 9 -18.22 14.55 6.89
N HIS A 10 -17.58 14.17 5.77
CA HIS A 10 -16.26 13.52 5.80
C HIS A 10 -15.15 14.55 5.62
N GLY A 11 -14.01 14.32 6.28
CA GLY A 11 -12.86 15.23 6.17
C GLY A 11 -11.93 15.14 7.37
N SER A 12 -11.95 14.00 8.07
CA SER A 12 -11.11 13.78 9.25
C SER A 12 -9.83 13.04 8.89
N ALA A 13 -8.89 13.03 9.85
CA ALA A 13 -7.64 12.32 9.69
C ALA A 13 -7.01 12.02 11.06
N THR A 14 -7.10 10.75 11.48
CA THR A 14 -6.54 10.30 12.75
C THR A 14 -5.16 9.65 12.56
N TYR A 15 -4.91 9.12 11.37
CA TYR A 15 -3.66 8.47 11.05
C TYR A 15 -2.73 9.39 10.30
N THR A 16 -1.47 9.31 10.69
CA THR A 16 -0.43 10.14 10.10
C THR A 16 0.32 9.43 8.97
N ARG A 17 1.19 10.17 8.28
CA ARG A 17 1.99 9.68 7.17
C ARG A 17 3.28 8.98 7.65
N PRO A 18 3.40 7.63 7.46
CA PRO A 18 4.62 6.87 7.85
C PRO A 18 5.84 7.26 7.01
N LEU A 19 5.58 7.77 5.81
CA LEU A 19 6.60 8.19 4.87
C LEU A 19 6.25 9.53 4.29
N ASP A 20 7.05 9.88 3.33
CA ASP A 20 6.91 11.09 2.57
C ASP A 20 6.92 10.74 1.10
N THR A 21 7.56 9.59 0.82
CA THR A 21 7.73 9.08 -0.54
C THR A 21 8.27 7.64 -0.53
N GLY A 22 8.66 7.20 -1.71
CA GLY A 22 9.26 5.89 -1.92
C GLY A 22 9.59 5.67 -3.39
N ASN A 23 10.90 5.65 -3.71
CA ASN A 23 11.37 5.48 -5.09
C ASN A 23 12.73 4.84 -5.18
N ILE A 24 12.76 3.74 -5.94
CA ILE A 24 13.99 2.99 -6.17
C ILE A 24 14.52 3.32 -7.56
N THR A 25 14.76 4.60 -7.72
CA THR A 25 15.28 5.18 -8.96
C THR A 25 16.76 5.54 -8.81
N THR A 26 17.15 5.85 -7.58
CA THR A 26 18.53 6.22 -7.26
C THR A 26 19.17 5.19 -6.33
N GLY A 27 18.64 5.13 -5.11
CA GLY A 27 19.13 4.21 -4.09
C GLY A 27 18.21 4.15 -2.89
N PHE A 28 17.72 2.95 -2.56
CA PHE A 28 16.80 2.75 -1.45
C PHE A 28 17.46 2.87 -0.08
N ASN A 29 16.60 3.17 0.91
CA ASN A 29 16.97 3.39 2.31
C ASN A 29 17.69 2.22 3.00
N GLY A 30 18.46 1.48 2.23
CA GLY A 30 19.21 0.35 2.77
C GLY A 30 18.55 -0.95 2.42
N TYR A 31 17.41 -0.85 1.73
CA TYR A 31 16.65 -2.03 1.29
C TYR A 31 16.93 -2.25 -0.22
N PRO A 32 18.04 -2.97 -0.59
CA PRO A 32 18.40 -3.22 -2.00
C PRO A 32 17.57 -4.32 -2.66
N GLY A 33 17.18 -4.09 -3.92
CA GLY A 33 16.39 -5.06 -4.66
C GLY A 33 14.89 -4.85 -4.51
N HIS A 34 14.52 -3.76 -3.81
CA HIS A 34 13.15 -3.40 -3.54
C HIS A 34 12.52 -2.75 -4.77
N VAL A 35 11.30 -3.15 -5.09
CA VAL A 35 10.57 -2.63 -6.25
C VAL A 35 9.45 -1.68 -5.82
N GLY A 36 9.14 -1.68 -4.52
CA GLY A 36 8.09 -0.83 -3.99
C GLY A 36 8.59 0.03 -2.86
N VAL A 37 7.67 0.35 -1.95
CA VAL A 37 7.98 1.15 -0.76
C VAL A 37 7.47 0.46 0.51
N ASP A 38 8.12 0.73 1.65
CA ASP A 38 7.75 0.10 2.92
C ASP A 38 7.58 1.13 4.03
N TYR A 39 6.45 0.99 4.74
CA TYR A 39 6.09 1.88 5.84
C TYR A 39 5.88 1.08 7.12
N ALA A 40 6.81 1.25 8.07
CA ALA A 40 6.76 0.57 9.37
C ALA A 40 5.46 0.88 10.15
N VAL A 41 4.56 -0.11 10.16
CA VAL A 41 3.27 0.01 10.84
C VAL A 41 2.87 -1.37 11.44
N PRO A 42 2.60 -1.44 12.78
CA PRO A 42 2.22 -2.70 13.47
C PRO A 42 1.10 -3.48 12.80
N VAL A 43 1.30 -4.79 12.88
CA VAL A 43 0.44 -5.83 12.36
C VAL A 43 -0.98 -5.82 12.96
N GLY A 44 -1.97 -6.08 12.11
CA GLY A 44 -3.33 -6.16 12.56
C GLY A 44 -4.15 -4.91 12.29
N THR A 45 -3.54 -3.93 11.63
CA THR A 45 -4.22 -2.69 11.29
C THR A 45 -4.96 -2.83 9.95
N PRO A 46 -6.31 -2.61 9.89
CA PRO A 46 -7.08 -2.74 8.63
C PRO A 46 -6.52 -1.89 7.47
N VAL A 47 -6.28 -2.56 6.35
CA VAL A 47 -5.76 -1.94 5.15
C VAL A 47 -6.89 -1.68 4.21
N ARG A 48 -7.02 -0.42 3.88
CA ARG A 48 -8.04 0.04 2.99
C ARG A 48 -7.49 0.33 1.61
N ALA A 49 -8.37 0.18 0.61
CA ALA A 49 -8.01 0.40 -0.78
C ALA A 49 -7.78 1.87 -1.08
N VAL A 50 -6.58 2.18 -1.55
CA VAL A 50 -6.20 3.56 -1.89
C VAL A 50 -6.99 4.12 -3.11
N ALA A 51 -7.63 3.22 -3.88
CA ALA A 51 -8.44 3.59 -5.04
C ALA A 51 -9.19 2.37 -5.55
N ASN A 52 -10.41 2.64 -6.03
CA ASN A 52 -11.29 1.63 -6.58
C ASN A 52 -10.70 0.94 -7.81
N GLY A 53 -11.18 -0.27 -8.09
CA GLY A 53 -10.69 -1.03 -9.23
C GLY A 53 -11.10 -2.49 -9.22
N THR A 54 -10.10 -3.37 -9.37
CA THR A 54 -10.30 -4.79 -9.43
C THR A 54 -9.10 -5.50 -8.82
N VAL A 55 -9.38 -6.58 -8.09
CA VAL A 55 -8.38 -7.39 -7.43
C VAL A 55 -7.80 -8.40 -8.44
N LYS A 56 -6.54 -8.18 -8.77
CA LYS A 56 -5.81 -9.03 -9.72
C LYS A 56 -5.02 -10.10 -8.97
N PHE A 57 -4.88 -9.88 -7.66
CA PHE A 57 -4.19 -10.80 -6.78
C PHE A 57 -4.71 -10.64 -5.36
N ALA A 58 -4.84 -11.79 -4.70
CA ALA A 58 -5.32 -11.88 -3.34
C ALA A 58 -4.62 -13.04 -2.65
N GLY A 59 -3.52 -12.70 -2.00
CA GLY A 59 -2.71 -13.67 -1.29
C GLY A 59 -3.05 -13.74 0.18
N ASN A 60 -3.99 -14.64 0.50
CA ASN A 60 -4.47 -14.86 1.87
C ASN A 60 -3.46 -15.60 2.72
N GLY A 61 -3.15 -14.97 3.84
CA GLY A 61 -2.19 -15.49 4.82
C GLY A 61 -2.77 -16.57 5.72
N ALA A 62 -4.07 -16.87 5.51
CA ALA A 62 -4.77 -17.87 6.30
C ALA A 62 -4.49 -19.29 5.87
N ASN A 63 -4.25 -19.47 4.56
CA ASN A 63 -4.00 -20.77 3.99
C ASN A 63 -2.87 -20.73 2.95
N HIS A 64 -1.97 -19.75 3.07
CA HIS A 64 -0.89 -19.60 2.14
C HIS A 64 0.29 -20.58 2.40
N PRO A 65 0.56 -21.54 1.46
CA PRO A 65 1.67 -22.49 1.56
C PRO A 65 2.99 -21.79 1.41
N TRP A 66 4.04 -22.46 1.81
CA TRP A 66 5.37 -21.93 1.64
C TRP A 66 5.96 -22.56 0.40
N MET A 67 5.09 -23.26 -0.35
CA MET A 67 5.48 -23.93 -1.59
C MET A 67 5.66 -22.92 -2.69
N LEU A 68 4.71 -21.99 -2.79
CA LEU A 68 4.81 -20.93 -3.76
C LEU A 68 4.81 -19.57 -3.06
N TRP A 69 4.98 -19.58 -1.71
CA TRP A 69 4.98 -18.33 -0.96
C TRP A 69 6.19 -18.21 -0.05
N MET A 70 6.67 -16.97 0.12
CA MET A 70 7.82 -16.67 0.97
C MET A 70 7.65 -15.31 1.63
N ALA A 71 6.95 -14.39 0.94
CA ALA A 71 6.72 -13.03 1.44
C ALA A 71 5.46 -12.93 2.30
N GLY A 72 4.54 -13.86 2.10
CA GLY A 72 3.30 -13.90 2.87
C GLY A 72 2.09 -13.34 2.12
N ASN A 73 1.39 -12.40 2.78
CA ASN A 73 0.18 -11.78 2.22
C ASN A 73 0.50 -10.69 1.21
N ALA A 74 -0.28 -10.67 0.12
CA ALA A 74 -0.12 -9.69 -0.95
C ALA A 74 -1.43 -9.46 -1.67
N VAL A 75 -1.64 -8.22 -2.11
CA VAL A 75 -2.85 -7.84 -2.82
C VAL A 75 -2.52 -6.92 -3.98
N LEU A 76 -2.88 -7.36 -5.17
CA LEU A 76 -2.67 -6.58 -6.36
C LEU A 76 -4.01 -6.27 -6.94
N ILE A 77 -4.14 -5.01 -7.23
CA ILE A 77 -5.36 -4.43 -7.74
C ILE A 77 -5.04 -3.39 -8.80
N GLN A 78 -5.98 -3.25 -9.71
CA GLN A 78 -5.92 -2.31 -10.79
C GLN A 78 -6.73 -1.07 -10.38
N HIS A 79 -6.03 0.04 -10.28
CA HIS A 79 -6.60 1.32 -9.89
C HIS A 79 -7.54 1.93 -10.92
N ALA A 80 -7.98 3.14 -10.58
CA ALA A 80 -8.93 3.90 -11.39
C ALA A 80 -8.40 4.31 -12.76
N ASP A 81 -7.08 4.28 -12.93
CA ASP A 81 -6.44 4.66 -14.18
C ASP A 81 -6.03 3.44 -14.98
N GLY A 82 -6.12 2.27 -14.34
CA GLY A 82 -5.77 1.02 -14.97
C GLY A 82 -4.44 0.48 -14.49
N MET A 83 -3.75 1.29 -13.68
CA MET A 83 -2.47 0.96 -13.12
C MET A 83 -2.59 -0.16 -12.07
N HIS A 84 -1.47 -0.73 -11.65
CA HIS A 84 -1.51 -1.80 -10.70
C HIS A 84 -0.90 -1.37 -9.37
N THR A 85 -1.50 -1.84 -8.27
CA THR A 85 -1.03 -1.52 -6.95
C THR A 85 -1.04 -2.75 -6.08
N GLY A 86 0.11 -3.00 -5.47
CA GLY A 86 0.25 -4.14 -4.60
C GLY A 86 0.29 -3.71 -3.15
N TYR A 87 -0.11 -4.65 -2.27
CA TYR A 87 -0.15 -4.45 -0.84
C TYR A 87 0.46 -5.72 -0.25
N ALA A 88 1.74 -5.65 0.12
CA ALA A 88 2.43 -6.82 0.64
C ALA A 88 2.83 -6.65 2.10
N HIS A 89 3.27 -7.79 2.71
CA HIS A 89 3.67 -7.86 4.13
C HIS A 89 2.48 -7.61 5.07
N LEU A 90 1.34 -8.19 4.69
CA LEU A 90 0.10 -8.10 5.46
C LEU A 90 -0.14 -9.41 6.23
N SER A 91 -1.11 -9.40 7.14
CA SER A 91 -1.42 -10.58 7.94
C SER A 91 -2.68 -11.26 7.45
N LYS A 92 -3.49 -10.55 6.65
CA LYS A 92 -4.74 -11.09 6.15
C LYS A 92 -5.31 -10.24 5.02
N ILE A 93 -6.23 -10.88 4.31
CA ILE A 93 -6.93 -10.28 3.20
C ILE A 93 -8.44 -10.44 3.37
N SER A 94 -9.14 -9.45 2.86
CA SER A 94 -10.59 -9.41 2.88
C SER A 94 -11.12 -9.59 1.47
N VAL A 95 -10.20 -9.59 0.50
CA VAL A 95 -10.53 -9.67 -0.88
C VAL A 95 -10.23 -11.05 -1.47
N SER A 96 -10.42 -11.14 -2.78
CA SER A 96 -10.22 -12.35 -3.54
C SER A 96 -9.90 -11.98 -4.97
N THR A 97 -9.09 -12.81 -5.61
CA THR A 97 -8.66 -12.62 -6.98
C THR A 97 -9.85 -12.55 -7.94
N ASP A 98 -9.87 -11.50 -8.79
CA ASP A 98 -10.92 -11.25 -9.81
C ASP A 98 -12.11 -10.47 -9.23
N SER A 99 -12.10 -10.25 -7.90
CA SER A 99 -13.17 -9.51 -7.23
C SER A 99 -12.98 -8.01 -7.42
N THR A 100 -14.09 -7.29 -7.44
CA THR A 100 -14.06 -5.85 -7.57
C THR A 100 -13.87 -5.17 -6.23
N VAL A 101 -13.15 -4.06 -6.26
CA VAL A 101 -12.85 -3.31 -5.08
C VAL A 101 -13.22 -1.84 -5.21
N LYS A 102 -13.20 -1.16 -4.07
CA LYS A 102 -13.52 0.23 -3.96
C LYS A 102 -12.58 0.90 -2.97
N GLN A 103 -12.33 2.16 -3.24
CA GLN A 103 -11.45 2.99 -2.43
C GLN A 103 -11.93 3.06 -0.98
N GLY A 104 -10.97 2.98 -0.08
CA GLY A 104 -11.22 3.04 1.35
C GLY A 104 -11.76 1.75 1.95
N GLN A 105 -12.04 0.78 1.07
CA GLN A 105 -12.57 -0.51 1.47
C GLN A 105 -11.47 -1.35 2.09
N ILE A 106 -11.86 -2.06 3.15
CA ILE A 106 -10.93 -2.89 3.87
C ILE A 106 -10.58 -4.12 3.03
N ILE A 107 -9.41 -4.03 2.44
CA ILE A 107 -8.89 -5.07 1.58
C ILE A 107 -7.98 -6.07 2.31
N GLY A 108 -7.71 -5.81 3.59
CA GLY A 108 -6.90 -6.70 4.39
C GLY A 108 -6.49 -6.09 5.72
N TYR A 109 -5.47 -6.69 6.30
CA TYR A 109 -4.90 -6.29 7.57
C TYR A 109 -3.38 -6.39 7.47
N THR A 110 -2.69 -5.40 8.02
CA THR A 110 -1.23 -5.32 8.00
C THR A 110 -0.57 -6.48 8.74
N GLY A 111 0.65 -6.87 8.32
CA GLY A 111 1.33 -7.97 8.98
C GLY A 111 2.81 -8.01 8.75
N ALA A 112 3.39 -9.18 9.02
CA ALA A 112 4.79 -9.43 8.83
C ALA A 112 5.01 -10.91 8.49
N THR A 113 4.25 -11.38 7.50
CA THR A 113 4.27 -12.78 7.06
C THR A 113 5.48 -13.11 6.16
N GLY A 114 6.38 -12.14 5.99
CA GLY A 114 7.56 -12.34 5.17
C GLY A 114 8.83 -12.44 5.99
N GLN A 115 9.99 -12.22 5.35
CA GLN A 115 11.28 -12.29 6.04
C GLN A 115 11.75 -10.89 6.45
N VAL A 116 11.37 -10.50 7.67
CA VAL A 116 11.71 -9.18 8.24
C VAL A 116 11.79 -9.24 9.77
N THR A 117 12.25 -8.14 10.38
CA THR A 117 12.38 -8.04 11.84
C THR A 117 11.14 -7.41 12.50
N GLY A 118 10.28 -6.79 11.69
CA GLY A 118 9.08 -6.15 12.23
C GLY A 118 7.95 -6.02 11.20
N PRO A 119 6.69 -5.71 11.63
CA PRO A 119 5.53 -5.56 10.72
C PRO A 119 5.54 -4.22 9.99
N HIS A 120 5.07 -4.20 8.72
CA HIS A 120 5.02 -2.97 7.94
C HIS A 120 4.03 -3.07 6.77
N LEU A 121 4.19 -2.12 5.87
CA LEU A 121 3.36 -1.97 4.70
C LEU A 121 4.21 -1.85 3.45
N HIS A 122 3.84 -2.60 2.45
CA HIS A 122 4.50 -2.59 1.18
C HIS A 122 3.52 -2.14 0.10
N PHE A 123 3.79 -0.97 -0.46
CA PHE A 123 2.95 -0.39 -1.50
C PHE A 123 3.75 -0.21 -2.79
N GLU A 124 3.43 -1.04 -3.78
CA GLU A 124 4.06 -1.01 -5.07
C GLU A 124 3.01 -0.66 -6.13
N MET A 125 3.33 0.35 -6.91
CA MET A 125 2.49 0.84 -7.96
C MET A 125 3.23 0.67 -9.27
N LEU A 126 2.46 0.27 -10.25
CA LEU A 126 2.95 0.00 -11.58
C LEU A 126 1.91 0.42 -12.64
N PRO A 127 2.30 0.53 -13.95
CA PRO A 127 1.35 0.86 -15.03
C PRO A 127 0.28 -0.18 -15.23
N ALA A 128 -0.58 0.05 -16.21
CA ALA A 128 -1.62 -0.88 -16.58
C ALA A 128 -0.97 -2.10 -17.25
N ASN A 129 0.19 -1.83 -17.87
CA ASN A 129 0.98 -2.83 -18.59
C ASN A 129 2.41 -2.35 -18.67
N PRO A 130 3.26 -2.92 -17.78
CA PRO A 130 4.65 -2.53 -17.69
C PRO A 130 5.56 -2.95 -18.81
N ASN A 131 6.70 -2.28 -18.83
CA ASN A 131 7.76 -2.49 -19.76
C ASN A 131 8.98 -2.95 -18.96
N TRP A 132 8.86 -4.18 -18.46
CA TRP A 132 9.91 -4.82 -17.64
C TRP A 132 11.23 -5.03 -18.42
N GLN A 133 11.31 -4.37 -19.57
CA GLN A 133 12.45 -4.45 -20.47
C GLN A 133 13.62 -3.55 -20.04
N ASN A 134 13.74 -3.42 -18.73
CA ASN A 134 14.77 -2.63 -18.05
C ASN A 134 14.50 -1.15 -18.20
N GLY A 135 14.48 -0.46 -17.07
CA GLY A 135 14.21 0.95 -17.07
C GLY A 135 13.52 1.44 -15.82
N PHE A 136 12.43 0.77 -15.44
CA PHE A 136 11.67 1.13 -14.23
C PHE A 136 10.99 -0.06 -13.58
N SER A 137 10.83 -1.14 -14.36
CA SER A 137 10.16 -2.38 -13.92
C SER A 137 8.70 -2.07 -13.68
N GLY A 138 8.31 -0.93 -14.25
CA GLY A 138 6.97 -0.42 -14.15
C GLY A 138 6.68 0.19 -12.80
N ARG A 139 7.59 0.03 -11.83
CA ARG A 139 7.36 0.59 -10.50
C ARG A 139 7.75 2.06 -10.42
N ILE A 140 6.81 2.89 -9.94
CA ILE A 140 7.06 4.32 -9.79
C ILE A 140 6.71 4.83 -8.38
N ASP A 141 6.78 6.16 -8.21
CA ASP A 141 6.57 6.85 -6.94
C ASP A 141 5.09 6.89 -6.46
N PRO A 142 4.79 6.49 -5.18
CA PRO A 142 3.42 6.55 -4.63
C PRO A 142 2.97 7.97 -4.23
N THR A 143 3.87 8.96 -4.42
CA THR A 143 3.65 10.36 -4.06
C THR A 143 2.34 10.95 -4.62
N GLY A 144 1.85 10.35 -5.70
CA GLY A 144 0.62 10.78 -6.33
C GLY A 144 -0.60 10.45 -5.50
N TYR A 145 -0.46 9.40 -4.68
CA TYR A 145 -1.53 8.93 -3.80
C TYR A 145 -1.29 9.40 -2.36
N ILE A 146 -0.09 9.92 -2.09
CA ILE A 146 0.28 10.37 -0.76
C ILE A 146 0.16 11.90 -0.66
N ALA A 147 -0.06 12.54 -1.80
CA ALA A 147 -0.24 14.00 -1.87
C ALA A 147 -1.62 14.42 -1.40
N ASN A 148 -2.56 13.49 -1.49
CA ASN A 148 -3.92 13.68 -1.08
C ASN A 148 -4.14 13.04 0.27
N ALA A 149 -3.00 12.72 0.89
CA ALA A 149 -2.97 12.09 2.15
C ALA A 149 -2.83 13.10 3.32
N PRO A 150 -3.11 12.65 4.57
CA PRO A 150 -3.02 13.47 5.81
C PRO A 150 -1.64 14.14 6.02
N VAL A 151 -1.53 14.91 7.11
CA VAL A 151 -0.31 15.64 7.44
C VAL A 151 0.37 15.02 8.65
N PHE A 152 1.65 14.74 8.46
CA PHE A 152 2.52 14.18 9.49
C PHE A 152 3.45 15.28 10.00
N ASN A 153 3.06 15.88 11.16
CA ASN A 153 3.83 16.97 11.83
C ASN A 153 3.82 18.29 11.04
N GLY A 154 3.92 18.19 9.71
CA GLY A 154 3.94 19.37 8.86
C GLY A 154 5.19 19.44 8.00
N THR A 155 5.15 18.73 6.86
CA THR A 155 6.24 18.66 5.92
C THR A 155 6.10 19.72 4.83
N THR A 156 6.93 20.75 4.94
CA THR A 156 6.96 21.85 3.97
C THR A 156 7.99 21.58 2.87
N PRO A 157 7.63 21.75 1.55
CA PRO A 157 8.57 21.51 0.45
C PRO A 157 9.49 22.70 0.17
N THR A 158 8.90 23.89 0.16
CA THR A 158 9.60 25.14 -0.09
C THR A 158 8.79 26.32 0.45
N GLU A 159 7.62 26.51 -0.15
CA GLU A 159 6.69 27.57 0.22
C GLU A 159 5.87 27.20 1.46
ZN ZN B . 8.36 -3.83 0.51
O UNL C . 8.95 -5.70 1.12
N MET A 1 -4.01 -6.21 24.30
CA MET A 1 -4.07 -5.42 23.05
C MET A 1 -5.43 -4.76 22.89
N ARG A 2 -5.42 -3.47 22.53
CA ARG A 2 -6.64 -2.69 22.34
C ARG A 2 -7.09 -2.71 20.88
N GLY A 3 -8.38 -3.00 20.66
CA GLY A 3 -8.94 -3.06 19.32
C GLY A 3 -10.39 -2.62 19.28
N SER A 4 -11.29 -3.58 19.54
CA SER A 4 -12.74 -3.31 19.53
C SER A 4 -13.32 -3.50 20.93
N HIS A 5 -14.10 -2.51 21.37
CA HIS A 5 -14.74 -2.53 22.70
C HIS A 5 -16.23 -2.19 22.60
N HIS A 6 -16.56 -1.18 21.81
CA HIS A 6 -17.96 -0.74 21.62
C HIS A 6 -18.38 -0.82 20.15
N HIS A 7 -17.49 -0.38 19.25
CA HIS A 7 -17.78 -0.40 17.81
C HIS A 7 -17.07 -1.56 17.13
N HIS A 8 -17.76 -2.16 16.14
CA HIS A 8 -17.21 -3.28 15.38
C HIS A 8 -16.56 -2.80 14.08
N HIS A 9 -17.22 -1.88 13.38
CA HIS A 9 -16.72 -1.31 12.13
C HIS A 9 -16.48 0.18 12.28
N HIS A 10 -15.26 0.61 11.95
CA HIS A 10 -14.87 2.02 12.04
C HIS A 10 -14.31 2.52 10.71
N GLY A 11 -14.67 3.76 10.34
CA GLY A 11 -14.21 4.35 9.09
C GLY A 11 -13.37 5.59 9.31
N SER A 12 -12.46 5.52 10.29
CA SER A 12 -11.58 6.64 10.63
C SER A 12 -10.12 6.21 10.65
N ALA A 13 -9.23 7.21 10.73
CA ALA A 13 -7.81 6.99 10.83
C ALA A 13 -7.11 8.17 11.50
N THR A 14 -6.73 7.96 12.77
CA THR A 14 -6.06 8.98 13.58
C THR A 14 -4.53 8.90 13.43
N TYR A 15 -4.06 8.04 12.53
CA TYR A 15 -2.66 7.85 12.28
C TYR A 15 -2.18 8.70 11.13
N THR A 16 -0.95 9.16 11.28
CA THR A 16 -0.33 10.05 10.32
C THR A 16 0.50 9.30 9.26
N ARG A 17 1.09 10.08 8.35
CA ARG A 17 1.92 9.59 7.24
C ARG A 17 3.19 8.86 7.72
N PRO A 18 3.31 7.52 7.49
CA PRO A 18 4.50 6.74 7.87
C PRO A 18 5.74 7.12 7.05
N LEU A 19 5.48 7.73 5.88
CA LEU A 19 6.52 8.17 4.97
C LEU A 19 6.16 9.52 4.39
N ASP A 20 6.98 9.88 3.44
CA ASP A 20 6.85 11.09 2.68
C ASP A 20 6.87 10.75 1.21
N THR A 21 7.52 9.61 0.93
CA THR A 21 7.71 9.11 -0.43
C THR A 21 8.24 7.65 -0.43
N GLY A 22 8.65 7.23 -1.60
CA GLY A 22 9.25 5.91 -1.80
C GLY A 22 9.56 5.67 -3.28
N ASN A 23 10.86 5.62 -3.61
CA ASN A 23 11.31 5.42 -5.00
C ASN A 23 12.64 4.74 -5.09
N ILE A 24 12.64 3.63 -5.83
CA ILE A 24 13.84 2.84 -6.07
C ILE A 24 14.36 3.13 -7.46
N THR A 25 14.63 4.39 -7.67
CA THR A 25 15.16 4.90 -8.93
C THR A 25 16.65 5.27 -8.78
N THR A 26 17.02 5.62 -7.55
CA THR A 26 18.41 6.01 -7.23
C THR A 26 19.05 4.99 -6.28
N GLY A 27 18.53 4.94 -5.07
CA GLY A 27 19.02 4.02 -4.05
C GLY A 27 18.10 3.96 -2.85
N PHE A 28 17.64 2.75 -2.50
CA PHE A 28 16.73 2.54 -1.39
C PHE A 28 17.40 2.59 -0.03
N ASN A 29 16.56 2.88 0.98
CA ASN A 29 16.93 3.05 2.38
C ASN A 29 17.64 1.84 3.02
N GLY A 30 18.38 1.11 2.22
CA GLY A 30 19.10 -0.05 2.71
C GLY A 30 18.41 -1.33 2.33
N TYR A 31 17.28 -1.18 1.64
CA TYR A 31 16.50 -2.32 1.15
C TYR A 31 16.79 -2.51 -0.36
N PRO A 32 17.88 -3.25 -0.74
CA PRO A 32 18.25 -3.46 -2.15
C PRO A 32 17.39 -4.52 -2.85
N GLY A 33 17.00 -4.22 -4.10
CA GLY A 33 16.18 -5.15 -4.88
C GLY A 33 14.69 -4.93 -4.70
N HIS A 34 14.33 -3.88 -3.94
CA HIS A 34 12.97 -3.53 -3.64
C HIS A 34 12.32 -2.84 -4.85
N VAL A 35 11.10 -3.25 -5.16
CA VAL A 35 10.35 -2.71 -6.31
C VAL A 35 9.26 -1.74 -5.85
N GLY A 36 8.92 -1.79 -4.56
CA GLY A 36 7.90 -0.92 -4.01
C GLY A 36 8.44 -0.07 -2.88
N VAL A 37 7.56 0.25 -1.94
CA VAL A 37 7.91 1.07 -0.78
C VAL A 37 7.38 0.38 0.51
N ASP A 38 8.08 0.62 1.64
CA ASP A 38 7.70 0.01 2.91
C ASP A 38 7.53 1.06 4.01
N TYR A 39 6.43 0.89 4.75
CA TYR A 39 6.05 1.80 5.84
C TYR A 39 5.86 1.03 7.13
N ALA A 40 6.77 1.23 8.07
CA ALA A 40 6.73 0.58 9.38
C ALA A 40 5.43 0.90 10.16
N VAL A 41 4.54 -0.10 10.21
CA VAL A 41 3.25 0.02 10.88
C VAL A 41 2.86 -1.34 11.49
N PRO A 42 2.57 -1.41 12.83
CA PRO A 42 2.18 -2.66 13.53
C PRO A 42 1.08 -3.47 12.85
N VAL A 43 1.29 -4.76 12.94
CA VAL A 43 0.44 -5.81 12.39
C VAL A 43 -0.97 -5.82 12.98
N GLY A 44 -1.96 -6.07 12.10
CA GLY A 44 -3.33 -6.16 12.53
C GLY A 44 -4.15 -4.91 12.26
N THR A 45 -3.53 -3.91 11.62
CA THR A 45 -4.22 -2.68 11.29
C THR A 45 -4.93 -2.82 9.93
N PRO A 46 -6.28 -2.55 9.85
CA PRO A 46 -7.04 -2.68 8.59
C PRO A 46 -6.47 -1.83 7.45
N VAL A 47 -6.23 -2.49 6.30
CA VAL A 47 -5.72 -1.85 5.12
C VAL A 47 -6.85 -1.59 4.18
N ARG A 48 -6.95 -0.32 3.83
CA ARG A 48 -7.97 0.14 2.95
C ARG A 48 -7.42 0.38 1.56
N ALA A 49 -8.31 0.25 0.58
CA ALA A 49 -7.96 0.42 -0.82
C ALA A 49 -7.73 1.89 -1.14
N VAL A 50 -6.52 2.19 -1.61
CA VAL A 50 -6.13 3.57 -1.97
C VAL A 50 -6.92 4.12 -3.17
N ALA A 51 -7.58 3.23 -3.94
CA ALA A 51 -8.38 3.58 -5.10
C ALA A 51 -9.14 2.38 -5.60
N ASN A 52 -10.37 2.63 -6.07
CA ASN A 52 -11.25 1.62 -6.62
C ASN A 52 -10.64 0.92 -7.83
N GLY A 53 -11.09 -0.31 -8.09
CA GLY A 53 -10.58 -1.06 -9.22
C GLY A 53 -11.02 -2.52 -9.23
N THR A 54 -10.03 -3.42 -9.37
CA THR A 54 -10.27 -4.84 -9.45
C THR A 54 -9.09 -5.60 -8.84
N VAL A 55 -9.41 -6.62 -8.04
CA VAL A 55 -8.44 -7.46 -7.37
C VAL A 55 -7.98 -8.55 -8.34
N LYS A 56 -6.73 -8.46 -8.73
CA LYS A 56 -6.11 -9.40 -9.65
C LYS A 56 -5.30 -10.45 -8.88
N PHE A 57 -5.02 -10.13 -7.62
CA PHE A 57 -4.30 -11.00 -6.73
C PHE A 57 -4.79 -10.79 -5.30
N ALA A 58 -4.93 -11.91 -4.60
CA ALA A 58 -5.37 -11.96 -3.23
C ALA A 58 -4.68 -13.13 -2.54
N GLY A 59 -3.54 -12.80 -1.93
CA GLY A 59 -2.73 -13.77 -1.22
C GLY A 59 -3.05 -13.84 0.25
N ASN A 60 -4.01 -14.73 0.59
CA ASN A 60 -4.47 -14.95 1.96
C ASN A 60 -3.45 -15.66 2.81
N GLY A 61 -3.15 -15.03 3.93
CA GLY A 61 -2.19 -15.52 4.91
C GLY A 61 -2.76 -16.59 5.82
N ALA A 62 -4.04 -16.90 5.63
CA ALA A 62 -4.74 -17.90 6.45
C ALA A 62 -4.40 -19.33 6.06
N ASN A 63 -4.12 -19.53 4.77
CA ASN A 63 -3.81 -20.85 4.23
C ASN A 63 -2.66 -20.80 3.23
N HIS A 64 -1.79 -19.80 3.35
CA HIS A 64 -0.69 -19.63 2.44
C HIS A 64 0.52 -20.54 2.75
N PRO A 65 0.83 -21.54 1.87
CA PRO A 65 1.98 -22.44 2.01
C PRO A 65 3.28 -21.71 1.84
N TRP A 66 4.35 -22.33 2.28
CA TRP A 66 5.67 -21.77 2.09
C TRP A 66 6.29 -22.41 0.85
N MET A 67 5.44 -23.16 0.13
CA MET A 67 5.85 -23.85 -1.08
C MET A 67 5.99 -22.87 -2.22
N LEU A 68 5.02 -21.99 -2.35
CA LEU A 68 5.07 -20.97 -3.37
C LEU A 68 5.02 -19.59 -2.71
N TRP A 69 5.18 -19.54 -1.37
CA TRP A 69 5.13 -18.25 -0.67
C TRP A 69 6.34 -18.06 0.24
N MET A 70 6.78 -16.80 0.36
CA MET A 70 7.91 -16.41 1.19
C MET A 70 7.69 -15.03 1.78
N ALA A 71 6.94 -14.18 1.04
CA ALA A 71 6.62 -12.82 1.46
C ALA A 71 5.38 -12.76 2.34
N GLY A 72 4.52 -13.76 2.17
CA GLY A 72 3.29 -13.85 2.95
C GLY A 72 2.06 -13.36 2.22
N ASN A 73 1.37 -12.39 2.84
CA ASN A 73 0.16 -11.80 2.28
C ASN A 73 0.46 -10.72 1.24
N ALA A 74 -0.32 -10.75 0.16
CA ALA A 74 -0.16 -9.79 -0.93
C ALA A 74 -1.47 -9.54 -1.66
N VAL A 75 -1.63 -8.32 -2.16
CA VAL A 75 -2.85 -7.93 -2.87
C VAL A 75 -2.49 -7.06 -4.08
N LEU A 76 -2.91 -7.51 -5.25
CA LEU A 76 -2.68 -6.78 -6.48
C LEU A 76 -4.01 -6.44 -7.06
N ILE A 77 -4.13 -5.17 -7.32
CA ILE A 77 -5.34 -4.56 -7.82
C ILE A 77 -5.01 -3.53 -8.89
N GLN A 78 -5.96 -3.37 -9.79
CA GLN A 78 -5.90 -2.42 -10.87
C GLN A 78 -6.69 -1.18 -10.48
N HIS A 79 -5.98 -0.08 -10.38
CA HIS A 79 -6.55 1.22 -10.01
C HIS A 79 -7.51 1.79 -11.05
N ALA A 80 -7.97 3.00 -10.74
CA ALA A 80 -8.94 3.72 -11.55
C ALA A 80 -8.42 4.13 -12.93
N ASP A 81 -7.10 4.14 -13.10
CA ASP A 81 -6.47 4.52 -14.36
C ASP A 81 -6.05 3.29 -15.15
N GLY A 82 -6.12 2.13 -14.49
CA GLY A 82 -5.77 0.86 -15.11
C GLY A 82 -4.43 0.36 -14.64
N MET A 83 -3.74 1.17 -13.83
CA MET A 83 -2.45 0.85 -13.27
C MET A 83 -2.55 -0.28 -12.24
N HIS A 84 -1.41 -0.79 -11.79
CA HIS A 84 -1.40 -1.87 -10.84
C HIS A 84 -0.94 -1.39 -9.47
N THR A 85 -1.48 -1.99 -8.40
CA THR A 85 -1.10 -1.63 -7.06
C THR A 85 -1.05 -2.87 -6.21
N GLY A 86 0.08 -3.06 -5.55
CA GLY A 86 0.27 -4.20 -4.68
C GLY A 86 0.29 -3.77 -3.23
N TYR A 87 -0.07 -4.72 -2.36
CA TYR A 87 -0.12 -4.52 -0.94
C TYR A 87 0.50 -5.77 -0.33
N ALA A 88 1.78 -5.68 0.04
CA ALA A 88 2.50 -6.82 0.59
C ALA A 88 2.87 -6.64 2.06
N HIS A 89 3.31 -7.76 2.67
CA HIS A 89 3.70 -7.82 4.10
C HIS A 89 2.51 -7.56 5.04
N LEU A 90 1.36 -8.14 4.67
CA LEU A 90 0.13 -8.06 5.43
C LEU A 90 -0.07 -9.36 6.22
N SER A 91 -1.05 -9.36 7.13
CA SER A 91 -1.33 -10.53 7.94
C SER A 91 -2.61 -11.22 7.50
N LYS A 92 -3.43 -10.52 6.70
CA LYS A 92 -4.70 -11.03 6.23
C LYS A 92 -5.29 -10.19 5.12
N ILE A 93 -6.15 -10.85 4.35
CA ILE A 93 -6.85 -10.24 3.24
C ILE A 93 -8.36 -10.34 3.45
N SER A 94 -9.04 -9.34 2.92
CA SER A 94 -10.49 -9.26 2.97
C SER A 94 -11.07 -9.42 1.56
N VAL A 95 -10.17 -9.48 0.58
CA VAL A 95 -10.54 -9.56 -0.78
C VAL A 95 -10.32 -10.96 -1.36
N SER A 96 -10.55 -11.07 -2.67
CA SER A 96 -10.44 -12.30 -3.41
C SER A 96 -10.12 -11.98 -4.86
N THR A 97 -9.30 -12.82 -5.46
CA THR A 97 -8.87 -12.68 -6.84
C THR A 97 -10.06 -12.61 -7.81
N ASP A 98 -10.08 -11.54 -8.64
CA ASP A 98 -11.11 -11.28 -9.67
C ASP A 98 -12.28 -10.48 -9.10
N SER A 99 -12.26 -10.21 -7.78
CA SER A 99 -13.29 -9.43 -7.12
C SER A 99 -13.04 -7.94 -7.32
N THR A 100 -14.12 -7.18 -7.42
CA THR A 100 -14.03 -5.74 -7.59
C THR A 100 -13.85 -5.05 -6.25
N VAL A 101 -13.09 -3.96 -6.27
CA VAL A 101 -12.81 -3.22 -5.08
C VAL A 101 -13.18 -1.75 -5.21
N LYS A 102 -13.17 -1.07 -4.05
CA LYS A 102 -13.49 0.31 -3.93
C LYS A 102 -12.55 0.97 -2.95
N GLN A 103 -12.27 2.23 -3.23
CA GLN A 103 -11.40 3.06 -2.42
C GLN A 103 -11.87 3.14 -0.97
N GLY A 104 -10.90 3.08 -0.07
CA GLY A 104 -11.13 3.14 1.36
C GLY A 104 -11.67 1.85 1.96
N GLN A 105 -12.00 0.89 1.10
CA GLN A 105 -12.52 -0.41 1.51
C GLN A 105 -11.43 -1.24 2.12
N ILE A 106 -11.80 -1.93 3.18
CA ILE A 106 -10.87 -2.77 3.90
C ILE A 106 -10.56 -4.00 3.05
N ILE A 107 -9.39 -3.93 2.43
CA ILE A 107 -8.90 -4.97 1.56
C ILE A 107 -7.99 -5.97 2.29
N GLY A 108 -7.68 -5.71 3.56
CA GLY A 108 -6.85 -6.60 4.34
C GLY A 108 -6.46 -6.00 5.68
N TYR A 109 -5.44 -6.59 6.25
CA TYR A 109 -4.87 -6.21 7.54
C TYR A 109 -3.35 -6.33 7.44
N THR A 110 -2.65 -5.34 7.99
CA THR A 110 -1.18 -5.28 7.97
C THR A 110 -0.54 -6.46 8.71
N GLY A 111 0.68 -6.84 8.28
CA GLY A 111 1.36 -7.95 8.94
C GLY A 111 2.86 -7.93 8.77
N ALA A 112 3.46 -9.10 9.01
CA ALA A 112 4.89 -9.29 8.88
C ALA A 112 5.17 -10.75 8.50
N THR A 113 4.43 -11.23 7.50
CA THR A 113 4.53 -12.63 7.04
C THR A 113 5.73 -12.87 6.10
N GLY A 114 6.54 -11.83 5.87
CA GLY A 114 7.71 -11.96 5.03
C GLY A 114 8.96 -12.25 5.86
N GLN A 115 9.72 -11.19 6.16
CA GLN A 115 10.92 -11.30 6.98
C GLN A 115 10.58 -10.97 8.43
N VAL A 116 11.20 -11.66 9.38
CA VAL A 116 10.92 -11.42 10.80
C VAL A 116 11.88 -10.38 11.40
N THR A 117 11.38 -9.14 11.44
CA THR A 117 12.12 -8.00 11.98
C THR A 117 11.14 -7.02 12.63
N GLY A 118 10.12 -6.63 11.85
CA GLY A 118 9.10 -5.71 12.32
C GLY A 118 7.93 -5.63 11.33
N PRO A 119 6.64 -5.49 11.79
CA PRO A 119 5.49 -5.39 10.88
C PRO A 119 5.48 -4.07 10.11
N HIS A 120 5.08 -4.12 8.83
CA HIS A 120 5.04 -2.94 7.99
C HIS A 120 4.08 -3.10 6.81
N LEU A 121 4.14 -2.12 5.93
CA LEU A 121 3.31 -2.04 4.77
C LEU A 121 4.17 -1.89 3.52
N HIS A 122 3.73 -2.59 2.51
CA HIS A 122 4.35 -2.57 1.22
C HIS A 122 3.34 -2.04 0.22
N PHE A 123 3.77 -1.05 -0.54
CA PHE A 123 2.95 -0.43 -1.56
C PHE A 123 3.75 -0.30 -2.87
N GLU A 124 3.35 -1.08 -3.87
CA GLU A 124 3.98 -1.08 -5.15
C GLU A 124 2.95 -0.70 -6.22
N MET A 125 3.31 0.30 -7.01
CA MET A 125 2.49 0.81 -8.06
C MET A 125 3.24 0.66 -9.36
N LEU A 126 2.49 0.26 -10.35
CA LEU A 126 2.99 0.01 -11.67
C LEU A 126 1.94 0.42 -12.72
N PRO A 127 2.34 0.56 -14.02
CA PRO A 127 1.41 0.89 -15.11
C PRO A 127 0.34 -0.17 -15.31
N ALA A 128 -0.52 0.06 -16.30
CA ALA A 128 -1.53 -0.90 -16.66
C ALA A 128 -0.86 -2.12 -17.29
N ASN A 129 0.31 -1.85 -17.91
CA ASN A 129 1.14 -2.84 -18.58
C ASN A 129 2.55 -2.31 -18.63
N PRO A 130 3.44 -2.92 -17.81
CA PRO A 130 4.81 -2.48 -17.69
C PRO A 130 5.72 -2.75 -18.87
N ASN A 131 6.82 -2.01 -18.83
CA ASN A 131 7.88 -2.09 -19.79
C ASN A 131 9.12 -2.54 -19.05
N TRP A 132 9.10 -3.81 -18.66
CA TRP A 132 10.19 -4.45 -17.90
C TRP A 132 11.50 -4.51 -18.70
N GLN A 133 11.54 -3.74 -19.79
CA GLN A 133 12.66 -3.67 -20.69
C GLN A 133 13.77 -2.74 -20.19
N ASN A 134 13.89 -2.71 -18.86
CA ASN A 134 14.88 -1.94 -18.11
C ASN A 134 14.56 -0.46 -18.15
N GLY A 135 14.51 0.13 -16.97
CA GLY A 135 14.20 1.53 -16.87
C GLY A 135 13.48 1.90 -15.59
N PHE A 136 12.43 1.13 -15.24
CA PHE A 136 11.65 1.38 -14.03
C PHE A 136 11.00 0.11 -13.49
N SER A 137 10.87 -0.90 -14.37
CA SER A 137 10.24 -2.20 -14.07
C SER A 137 8.77 -1.96 -13.82
N GLY A 138 8.35 -0.78 -14.31
CA GLY A 138 7.00 -0.32 -14.19
C GLY A 138 6.70 0.26 -12.83
N ARG A 139 7.59 0.05 -11.86
CA ARG A 139 7.35 0.57 -10.51
C ARG A 139 7.78 2.04 -10.37
N ILE A 140 6.84 2.87 -9.93
CA ILE A 140 7.11 4.30 -9.73
C ILE A 140 6.77 4.77 -8.30
N ASP A 141 6.86 6.10 -8.11
CA ASP A 141 6.66 6.74 -6.80
C ASP A 141 5.17 6.84 -6.37
N PRO A 142 4.82 6.50 -5.08
CA PRO A 142 3.45 6.60 -4.56
C PRO A 142 3.02 8.04 -4.22
N THR A 143 3.92 9.01 -4.44
CA THR A 143 3.71 10.44 -4.14
C THR A 143 2.41 11.00 -4.73
N GLY A 144 1.92 10.36 -5.78
CA GLY A 144 0.69 10.77 -6.44
C GLY A 144 -0.54 10.44 -5.60
N TYR A 145 -0.42 9.38 -4.79
CA TYR A 145 -1.48 8.92 -3.91
C TYR A 145 -1.27 9.39 -2.48
N ILE A 146 -0.06 9.92 -2.21
CA ILE A 146 0.30 10.39 -0.89
C ILE A 146 0.15 11.91 -0.80
N ALA A 147 -0.07 12.53 -1.96
CA ALA A 147 -0.28 13.98 -2.06
C ALA A 147 -1.68 14.37 -1.59
N ASN A 148 -2.59 13.40 -1.63
CA ASN A 148 -3.95 13.58 -1.22
C ASN A 148 -4.13 13.01 0.17
N ALA A 149 -3.00 12.73 0.79
CA ALA A 149 -2.95 12.16 2.09
C ALA A 149 -2.76 13.21 3.20
N PRO A 150 -3.14 12.87 4.46
CA PRO A 150 -3.02 13.75 5.65
C PRO A 150 -1.60 14.28 5.91
N VAL A 151 -1.49 15.10 6.96
CA VAL A 151 -0.26 15.74 7.37
C VAL A 151 0.32 15.05 8.60
N PHE A 152 1.62 14.83 8.51
CA PHE A 152 2.40 14.21 9.58
C PHE A 152 3.16 15.30 10.35
N ASN A 153 2.58 15.70 11.50
CA ASN A 153 3.14 16.73 12.42
C ASN A 153 3.18 18.14 11.82
N GLY A 154 3.42 18.24 10.50
CA GLY A 154 3.49 19.54 9.84
C GLY A 154 4.68 19.63 8.90
N THR A 155 4.40 19.47 7.60
CA THR A 155 5.41 19.51 6.57
C THR A 155 5.48 20.90 5.93
N THR A 156 6.53 21.63 6.29
CA THR A 156 6.77 22.97 5.77
C THR A 156 7.72 22.91 4.55
N PRO A 157 7.64 23.90 3.59
CA PRO A 157 8.50 23.91 2.40
C PRO A 157 9.87 24.56 2.66
N THR A 158 9.83 25.69 3.34
CA THR A 158 11.01 26.47 3.68
C THR A 158 10.70 27.42 4.85
N GLU A 159 9.83 28.37 4.56
CA GLU A 159 9.38 29.38 5.53
C GLU A 159 8.27 28.84 6.43
ZN ZN B . 8.20 -3.92 0.48
O UNL C . 8.74 -5.82 0.99
N MET A 1 -30.39 32.66 1.95
CA MET A 1 -30.74 32.22 3.32
C MET A 1 -29.69 31.26 3.88
N ARG A 2 -29.19 31.58 5.08
CA ARG A 2 -28.17 30.76 5.75
C ARG A 2 -28.82 29.71 6.66
N GLY A 3 -28.21 28.52 6.71
CA GLY A 3 -28.72 27.44 7.53
C GLY A 3 -29.07 26.21 6.73
N SER A 4 -28.03 25.54 6.21
CA SER A 4 -28.21 24.34 5.40
C SER A 4 -27.36 23.18 5.93
N HIS A 5 -26.05 23.45 6.12
CA HIS A 5 -25.11 22.45 6.64
C HIS A 5 -24.11 23.08 7.60
N HIS A 6 -24.03 22.53 8.82
CA HIS A 6 -23.11 23.01 9.85
C HIS A 6 -22.48 21.86 10.60
N HIS A 7 -21.23 22.06 11.06
CA HIS A 7 -20.49 21.04 11.80
C HIS A 7 -20.50 21.34 13.30
N HIS A 8 -20.51 20.27 14.10
CA HIS A 8 -20.53 20.39 15.56
C HIS A 8 -19.57 19.42 16.25
N HIS A 9 -19.53 18.17 15.75
CA HIS A 9 -18.67 17.14 16.35
C HIS A 9 -17.64 16.58 15.36
N HIS A 10 -18.04 16.44 14.08
CA HIS A 10 -17.15 15.88 13.04
C HIS A 10 -16.10 16.89 12.56
N GLY A 11 -14.93 16.38 12.19
CA GLY A 11 -13.84 17.23 11.70
C GLY A 11 -12.50 16.89 12.34
N SER A 12 -12.20 15.58 12.40
CA SER A 12 -10.95 15.10 12.99
C SER A 12 -10.13 14.27 12.00
N ALA A 13 -8.87 14.01 12.37
CA ALA A 13 -7.97 13.20 11.59
C ALA A 13 -6.85 12.64 12.47
N THR A 14 -6.99 11.37 12.86
CA THR A 14 -6.03 10.69 13.72
C THR A 14 -4.99 9.86 12.94
N TYR A 15 -5.14 9.80 11.62
CA TYR A 15 -4.24 9.03 10.78
C TYR A 15 -3.07 9.84 10.29
N THR A 16 -1.89 9.36 10.67
CA THR A 16 -0.64 10.00 10.34
C THR A 16 0.06 9.36 9.14
N ARG A 17 0.94 10.14 8.48
CA ARG A 17 1.71 9.68 7.33
C ARG A 17 3.02 9.00 7.79
N PRO A 18 3.16 7.65 7.57
CA PRO A 18 4.39 6.91 7.95
C PRO A 18 5.62 7.31 7.13
N LEU A 19 5.35 7.85 5.94
CA LEU A 19 6.40 8.30 5.03
C LEU A 19 6.04 9.64 4.43
N ASP A 20 6.87 9.99 3.49
CA ASP A 20 6.75 11.19 2.71
C ASP A 20 6.81 10.81 1.24
N THR A 21 7.48 9.67 0.99
CA THR A 21 7.69 9.17 -0.35
C THR A 21 8.24 7.71 -0.32
N GLY A 22 8.67 7.27 -1.48
CA GLY A 22 9.26 5.95 -1.68
C GLY A 22 9.49 5.66 -3.14
N ASN A 23 10.76 5.58 -3.56
CA ASN A 23 11.12 5.33 -4.96
C ASN A 23 12.44 4.63 -5.12
N ILE A 24 12.35 3.52 -5.83
CA ILE A 24 13.50 2.68 -6.13
C ILE A 24 13.94 2.92 -7.56
N THR A 25 14.25 4.17 -7.79
CA THR A 25 14.72 4.66 -9.10
C THR A 25 16.23 4.95 -9.06
N THR A 26 16.70 5.28 -7.86
CA THR A 26 18.13 5.59 -7.65
C THR A 26 18.78 4.56 -6.73
N GLY A 27 18.35 4.56 -5.49
CA GLY A 27 18.87 3.64 -4.49
C GLY A 27 18.04 3.63 -3.22
N PHE A 28 17.53 2.45 -2.84
CA PHE A 28 16.68 2.30 -1.66
C PHE A 28 17.45 2.32 -0.35
N ASN A 29 16.71 2.66 0.71
CA ASN A 29 17.20 2.81 2.08
C ASN A 29 17.89 1.58 2.68
N GLY A 30 18.55 0.82 1.82
CA GLY A 30 19.27 -0.38 2.26
C GLY A 30 18.49 -1.62 1.94
N TYR A 31 17.34 -1.42 1.31
CA TYR A 31 16.47 -2.53 0.88
C TYR A 31 16.65 -2.73 -0.64
N PRO A 32 17.69 -3.52 -1.09
CA PRO A 32 17.96 -3.75 -2.52
C PRO A 32 17.01 -4.75 -3.17
N GLY A 33 16.63 -4.48 -4.42
CA GLY A 33 15.72 -5.35 -5.17
C GLY A 33 14.25 -5.04 -4.91
N HIS A 34 14.01 -3.98 -4.12
CA HIS A 34 12.68 -3.53 -3.76
C HIS A 34 12.00 -2.83 -4.94
N VAL A 35 10.79 -3.30 -5.26
CA VAL A 35 9.99 -2.74 -6.36
C VAL A 35 8.88 -1.81 -5.86
N GLY A 36 8.87 -1.56 -4.54
CA GLY A 36 7.86 -0.71 -3.95
C GLY A 36 8.41 0.12 -2.80
N VAL A 37 7.54 0.43 -1.85
CA VAL A 37 7.89 1.21 -0.67
C VAL A 37 7.39 0.49 0.61
N ASP A 38 8.05 0.77 1.75
CA ASP A 38 7.68 0.14 3.03
C ASP A 38 7.51 1.17 4.13
N TYR A 39 6.37 1.06 4.83
CA TYR A 39 5.98 1.96 5.92
C TYR A 39 5.80 1.18 7.21
N ALA A 40 6.72 1.38 8.15
CA ALA A 40 6.69 0.73 9.47
C ALA A 40 5.38 1.02 10.23
N VAL A 41 4.50 0.01 10.26
CA VAL A 41 3.21 0.11 10.92
C VAL A 41 2.81 -1.27 11.51
N PRO A 42 2.53 -1.37 12.84
CA PRO A 42 2.16 -2.64 13.51
C PRO A 42 1.07 -3.44 12.84
N VAL A 43 1.30 -4.75 12.92
CA VAL A 43 0.46 -5.80 12.37
C VAL A 43 -0.95 -5.84 12.97
N GLY A 44 -1.94 -6.10 12.11
CA GLY A 44 -3.30 -6.21 12.55
C GLY A 44 -4.13 -4.96 12.30
N THR A 45 -3.53 -3.96 11.66
CA THR A 45 -4.22 -2.73 11.33
C THR A 45 -4.94 -2.87 9.98
N PRO A 46 -6.29 -2.62 9.91
CA PRO A 46 -7.04 -2.75 8.64
C PRO A 46 -6.48 -1.89 7.51
N VAL A 47 -6.22 -2.54 6.38
CA VAL A 47 -5.69 -1.89 5.21
C VAL A 47 -6.81 -1.63 4.25
N ARG A 48 -6.95 -0.37 3.95
CA ARG A 48 -7.97 0.10 3.05
C ARG A 48 -7.39 0.41 1.68
N ALA A 49 -8.26 0.28 0.68
CA ALA A 49 -7.89 0.50 -0.71
C ALA A 49 -7.66 1.98 -0.99
N VAL A 50 -6.46 2.28 -1.47
CA VAL A 50 -6.09 3.67 -1.79
C VAL A 50 -6.84 4.22 -3.02
N ALA A 51 -7.47 3.31 -3.80
CA ALA A 51 -8.25 3.67 -4.97
C ALA A 51 -9.00 2.46 -5.50
N ASN A 52 -10.21 2.74 -6.00
CA ASN A 52 -11.10 1.73 -6.56
C ASN A 52 -10.51 1.05 -7.80
N GLY A 53 -10.98 -0.17 -8.06
CA GLY A 53 -10.50 -0.93 -9.21
C GLY A 53 -10.93 -2.38 -9.20
N THR A 54 -9.95 -3.29 -9.35
CA THR A 54 -10.17 -4.71 -9.40
C THR A 54 -8.98 -5.43 -8.79
N VAL A 55 -9.27 -6.50 -8.06
CA VAL A 55 -8.28 -7.32 -7.40
C VAL A 55 -7.73 -8.33 -8.41
N LYS A 56 -6.47 -8.16 -8.73
CA LYS A 56 -5.75 -9.02 -9.68
C LYS A 56 -4.99 -10.11 -8.94
N PHE A 57 -4.84 -9.91 -7.63
CA PHE A 57 -4.17 -10.84 -6.74
C PHE A 57 -4.66 -10.66 -5.32
N ALA A 58 -4.80 -11.78 -4.63
CA ALA A 58 -5.25 -11.84 -3.26
C ALA A 58 -4.58 -13.03 -2.57
N GLY A 59 -3.45 -12.73 -1.96
CA GLY A 59 -2.67 -13.73 -1.25
C GLY A 59 -2.99 -13.78 0.23
N ASN A 60 -3.94 -14.66 0.58
CA ASN A 60 -4.42 -14.86 1.96
C ASN A 60 -3.40 -15.60 2.81
N GLY A 61 -3.06 -14.94 3.91
CA GLY A 61 -2.11 -15.45 4.89
C GLY A 61 -2.72 -16.46 5.85
N ALA A 62 -4.01 -16.72 5.69
CA ALA A 62 -4.74 -17.64 6.56
C ALA A 62 -4.45 -19.10 6.22
N ASN A 63 -4.21 -19.38 4.95
CA ASN A 63 -3.96 -20.72 4.47
C ASN A 63 -2.82 -20.76 3.45
N HIS A 64 -1.92 -19.78 3.50
CA HIS A 64 -0.83 -19.69 2.56
C HIS A 64 0.36 -20.62 2.92
N PRO A 65 0.66 -21.65 2.07
CA PRO A 65 1.80 -22.56 2.26
C PRO A 65 3.12 -21.85 2.05
N TRP A 66 4.17 -22.45 2.53
CA TRP A 66 5.50 -21.90 2.34
C TRP A 66 6.13 -22.59 1.14
N MET A 67 5.28 -23.30 0.39
CA MET A 67 5.70 -24.01 -0.80
C MET A 67 5.82 -23.05 -1.95
N LEU A 68 4.84 -22.16 -2.06
CA LEU A 68 4.84 -21.16 -3.08
C LEU A 68 4.68 -19.76 -2.45
N TRP A 69 4.90 -19.67 -1.10
CA TRP A 69 4.75 -18.37 -0.43
C TRP A 69 5.87 -18.11 0.60
N MET A 70 6.76 -17.17 0.26
CA MET A 70 7.87 -16.80 1.13
C MET A 70 7.71 -15.35 1.64
N ALA A 71 6.91 -14.54 0.93
CA ALA A 71 6.68 -13.13 1.30
C ALA A 71 5.49 -12.95 2.22
N GLY A 72 4.54 -13.87 2.12
CA GLY A 72 3.34 -13.83 2.95
C GLY A 72 2.10 -13.32 2.23
N ASN A 73 1.44 -12.33 2.83
CA ASN A 73 0.23 -11.73 2.27
C ASN A 73 0.53 -10.65 1.23
N ALA A 74 -0.24 -10.67 0.15
CA ALA A 74 -0.07 -9.70 -0.93
C ALA A 74 -1.38 -9.46 -1.66
N VAL A 75 -1.57 -8.21 -2.12
CA VAL A 75 -2.78 -7.83 -2.84
C VAL A 75 -2.43 -6.94 -4.03
N LEU A 76 -2.80 -7.40 -5.20
CA LEU A 76 -2.57 -6.65 -6.41
C LEU A 76 -3.91 -6.31 -6.98
N ILE A 77 -4.03 -5.05 -7.27
CA ILE A 77 -5.22 -4.44 -7.76
C ILE A 77 -4.90 -3.44 -8.87
N GLN A 78 -5.85 -3.29 -9.76
CA GLN A 78 -5.79 -2.37 -10.86
C GLN A 78 -6.61 -1.14 -10.50
N HIS A 79 -5.90 -0.03 -10.44
CA HIS A 79 -6.48 1.27 -10.09
C HIS A 79 -7.42 1.84 -11.14
N ALA A 80 -7.88 3.06 -10.86
CA ALA A 80 -8.83 3.77 -11.69
C ALA A 80 -8.30 4.15 -13.08
N ASP A 81 -6.98 4.14 -13.23
CA ASP A 81 -6.35 4.51 -14.49
C ASP A 81 -5.90 3.25 -15.25
N GLY A 82 -5.99 2.11 -14.57
CA GLY A 82 -5.63 0.84 -15.16
C GLY A 82 -4.30 0.34 -14.65
N MET A 83 -3.61 1.18 -13.86
CA MET A 83 -2.34 0.87 -13.27
C MET A 83 -2.46 -0.24 -12.23
N HIS A 84 -1.34 -0.76 -11.75
CA HIS A 84 -1.36 -1.83 -10.79
C HIS A 84 -0.79 -1.38 -9.45
N THR A 85 -1.35 -1.89 -8.35
CA THR A 85 -0.90 -1.57 -7.03
C THR A 85 -0.92 -2.80 -6.15
N GLY A 86 0.22 -3.06 -5.53
CA GLY A 86 0.34 -4.19 -4.64
C GLY A 86 0.37 -3.75 -3.19
N TYR A 87 -0.02 -4.67 -2.32
CA TYR A 87 -0.06 -4.45 -0.89
C TYR A 87 0.57 -5.70 -0.28
N ALA A 88 1.85 -5.60 0.10
CA ALA A 88 2.57 -6.75 0.64
C ALA A 88 2.93 -6.56 2.11
N HIS A 89 3.36 -7.68 2.74
CA HIS A 89 3.74 -7.75 4.17
C HIS A 89 2.54 -7.51 5.09
N LEU A 90 1.40 -8.10 4.70
CA LEU A 90 0.16 -8.03 5.45
C LEU A 90 -0.07 -9.34 6.22
N SER A 91 -1.03 -9.33 7.16
CA SER A 91 -1.33 -10.51 7.95
C SER A 91 -2.61 -11.20 7.48
N LYS A 92 -3.41 -10.49 6.66
CA LYS A 92 -4.68 -11.02 6.19
C LYS A 92 -5.25 -10.19 5.05
N ILE A 93 -6.15 -10.82 4.33
CA ILE A 93 -6.84 -10.23 3.22
C ILE A 93 -8.36 -10.35 3.38
N SER A 94 -9.05 -9.37 2.85
CA SER A 94 -10.50 -9.32 2.85
C SER A 94 -11.04 -9.48 1.44
N VAL A 95 -10.12 -9.50 0.47
CA VAL A 95 -10.44 -9.58 -0.90
C VAL A 95 -10.16 -10.96 -1.50
N SER A 96 -10.36 -11.05 -2.82
CA SER A 96 -10.18 -12.26 -3.58
C SER A 96 -9.84 -11.89 -5.01
N THR A 97 -9.07 -12.75 -5.65
CA THR A 97 -8.62 -12.56 -7.03
C THR A 97 -9.82 -12.46 -7.99
N ASP A 98 -9.82 -11.39 -8.81
CA ASP A 98 -10.86 -11.11 -9.83
C ASP A 98 -12.06 -10.35 -9.23
N SER A 99 -12.03 -10.14 -7.89
CA SER A 99 -13.08 -9.42 -7.20
C SER A 99 -12.89 -7.91 -7.38
N THR A 100 -14.00 -7.18 -7.39
CA THR A 100 -13.97 -5.74 -7.53
C THR A 100 -13.73 -5.06 -6.20
N VAL A 101 -13.00 -3.95 -6.26
CA VAL A 101 -12.68 -3.19 -5.07
C VAL A 101 -13.06 -1.73 -5.20
N LYS A 102 -13.05 -1.05 -4.06
CA LYS A 102 -13.37 0.34 -3.95
C LYS A 102 -12.45 1.00 -2.95
N GLN A 103 -12.18 2.27 -3.21
CA GLN A 103 -11.32 3.09 -2.38
C GLN A 103 -11.81 3.16 -0.94
N GLY A 104 -10.85 3.08 -0.03
CA GLY A 104 -11.10 3.13 1.41
C GLY A 104 -11.65 1.84 1.99
N GLN A 105 -11.95 0.88 1.11
CA GLN A 105 -12.48 -0.42 1.50
C GLN A 105 -11.39 -1.25 2.13
N ILE A 106 -11.78 -1.97 3.18
CA ILE A 106 -10.85 -2.82 3.89
C ILE A 106 -10.52 -4.03 3.04
N ILE A 107 -9.35 -3.96 2.45
CA ILE A 107 -8.83 -4.98 1.58
C ILE A 107 -7.93 -5.99 2.31
N GLY A 108 -7.67 -5.75 3.60
CA GLY A 108 -6.87 -6.65 4.39
C GLY A 108 -6.46 -6.04 5.72
N TYR A 109 -5.43 -6.63 6.29
CA TYR A 109 -4.86 -6.22 7.57
C TYR A 109 -3.35 -6.34 7.46
N THR A 110 -2.65 -5.34 8.02
CA THR A 110 -1.17 -5.27 8.00
C THR A 110 -0.52 -6.45 8.71
N GLY A 111 0.70 -6.82 8.29
CA GLY A 111 1.38 -7.94 8.93
C GLY A 111 2.87 -7.92 8.75
N ALA A 112 3.48 -9.07 9.03
CA ALA A 112 4.91 -9.26 8.91
C ALA A 112 5.19 -10.73 8.56
N THR A 113 4.47 -11.23 7.54
CA THR A 113 4.57 -12.63 7.11
C THR A 113 5.78 -12.91 6.21
N GLY A 114 6.60 -11.89 5.96
CA GLY A 114 7.78 -12.04 5.13
C GLY A 114 9.06 -12.14 5.96
N GLN A 115 10.21 -11.90 5.33
CA GLN A 115 11.50 -11.96 6.02
C GLN A 115 11.89 -10.57 6.56
N VAL A 116 11.47 -10.31 7.81
CA VAL A 116 11.74 -9.03 8.49
C VAL A 116 11.61 -9.19 10.02
N THR A 117 12.12 -8.19 10.75
CA THR A 117 12.07 -8.21 12.22
C THR A 117 10.87 -7.42 12.77
N GLY A 118 10.25 -6.59 11.93
CA GLY A 118 9.11 -5.80 12.35
C GLY A 118 7.99 -5.74 11.32
N PRO A 119 6.71 -5.48 11.72
CA PRO A 119 5.57 -5.39 10.78
C PRO A 119 5.53 -4.04 10.07
N HIS A 120 5.07 -4.03 8.80
CA HIS A 120 4.97 -2.81 8.02
C HIS A 120 4.00 -2.95 6.85
N LEU A 121 4.07 -1.98 5.97
CA LEU A 121 3.25 -1.88 4.80
C LEU A 121 4.10 -1.74 3.56
N HIS A 122 3.68 -2.46 2.55
CA HIS A 122 4.32 -2.44 1.27
C HIS A 122 3.31 -1.92 0.25
N PHE A 123 3.72 -0.91 -0.47
CA PHE A 123 2.90 -0.32 -1.51
C PHE A 123 3.72 -0.15 -2.79
N GLU A 124 3.39 -0.98 -3.78
CA GLU A 124 4.04 -0.97 -5.06
C GLU A 124 3.03 -0.60 -6.14
N MET A 125 3.39 0.37 -6.93
CA MET A 125 2.58 0.88 -8.00
C MET A 125 3.33 0.72 -9.30
N LEU A 126 2.58 0.28 -10.28
CA LEU A 126 3.09 0.01 -11.60
C LEU A 126 2.05 0.40 -12.67
N PRO A 127 2.44 0.51 -13.98
CA PRO A 127 1.49 0.82 -15.06
C PRO A 127 0.43 -0.26 -15.26
N ALA A 128 -0.42 -0.04 -16.26
CA ALA A 128 -1.42 -1.00 -16.62
C ALA A 128 -0.75 -2.21 -17.29
N ASN A 129 0.40 -1.90 -17.93
CA ASN A 129 1.23 -2.88 -18.63
C ASN A 129 2.63 -2.35 -18.71
N PRO A 130 3.52 -2.90 -17.85
CA PRO A 130 4.89 -2.46 -17.76
C PRO A 130 5.81 -2.88 -18.88
N ASN A 131 6.92 -2.16 -18.92
CA ASN A 131 7.99 -2.37 -19.84
C ASN A 131 9.22 -2.72 -19.02
N TRP A 132 9.17 -3.95 -18.48
CA TRP A 132 10.24 -4.50 -17.63
C TRP A 132 11.57 -4.66 -18.38
N GLN A 133 11.65 -4.02 -19.55
CA GLN A 133 12.78 -4.08 -20.43
C GLN A 133 13.90 -3.09 -20.02
N ASN A 134 14.02 -2.94 -18.71
CA ASN A 134 15.02 -2.08 -18.04
C ASN A 134 14.65 -0.62 -18.20
N GLY A 135 14.60 0.08 -17.08
CA GLY A 135 14.24 1.48 -17.11
C GLY A 135 13.52 1.94 -15.86
N PHE A 136 12.47 1.21 -15.46
CA PHE A 136 11.71 1.55 -14.25
C PHE A 136 11.08 0.32 -13.62
N SER A 137 10.96 -0.75 -14.42
CA SER A 137 10.35 -2.03 -14.03
C SER A 137 8.89 -1.80 -13.75
N GLY A 138 8.45 -0.66 -14.28
CA GLY A 138 7.07 -0.22 -14.14
C GLY A 138 6.77 0.34 -12.77
N ARG A 139 7.70 0.14 -11.82
CA ARG A 139 7.49 0.62 -10.46
C ARG A 139 7.86 2.10 -10.31
N ILE A 140 6.89 2.91 -9.86
CA ILE A 140 7.10 4.34 -9.65
C ILE A 140 6.74 4.79 -8.22
N ASP A 141 6.77 6.11 -7.99
CA ASP A 141 6.54 6.73 -6.67
C ASP A 141 5.04 6.84 -6.28
N PRO A 142 4.66 6.43 -5.03
CA PRO A 142 3.27 6.53 -4.53
C PRO A 142 2.85 7.93 -4.08
N THR A 143 3.78 8.90 -4.19
CA THR A 143 3.56 10.30 -3.76
C THR A 143 2.30 10.93 -4.36
N GLY A 144 1.87 10.40 -5.50
CA GLY A 144 0.67 10.89 -6.17
C GLY A 144 -0.60 10.46 -5.46
N TYR A 145 -0.49 9.37 -4.69
CA TYR A 145 -1.58 8.79 -3.93
C TYR A 145 -1.49 9.18 -2.46
N ILE A 146 -0.34 9.73 -2.06
CA ILE A 146 -0.09 10.13 -0.69
C ILE A 146 -0.24 11.65 -0.53
N ALA A 147 -0.35 12.35 -1.67
CA ALA A 147 -0.55 13.80 -1.69
C ALA A 147 -1.97 14.19 -1.29
N ASN A 148 -2.89 13.25 -1.47
CA ASN A 148 -4.27 13.44 -1.15
C ASN A 148 -4.58 12.75 0.16
N ALA A 149 -3.50 12.43 0.87
CA ALA A 149 -3.56 11.77 2.12
C ALA A 149 -3.50 12.76 3.30
N PRO A 150 -3.77 12.27 4.55
CA PRO A 150 -3.75 13.10 5.79
C PRO A 150 -2.42 13.83 6.03
N VAL A 151 -2.37 14.60 7.12
CA VAL A 151 -1.22 15.41 7.48
C VAL A 151 -0.51 14.86 8.70
N PHE A 152 0.81 14.78 8.56
CA PHE A 152 1.71 14.31 9.61
C PHE A 152 2.38 15.53 10.27
N ASN A 153 1.82 15.96 11.42
CA ASN A 153 2.34 17.11 12.22
C ASN A 153 2.19 18.47 11.51
N GLY A 154 2.36 18.47 10.18
CA GLY A 154 2.27 19.70 9.40
C GLY A 154 3.56 20.00 8.68
N THR A 155 3.82 19.25 7.61
CA THR A 155 5.01 19.40 6.80
C THR A 155 4.81 20.39 5.66
N THR A 156 5.38 21.56 5.84
CA THR A 156 5.31 22.64 4.84
C THR A 156 6.55 22.61 3.92
N PRO A 157 6.42 23.07 2.63
CA PRO A 157 7.55 23.09 1.69
C PRO A 157 8.44 24.32 1.84
N THR A 158 7.80 25.44 2.15
CA THR A 158 8.45 26.73 2.32
C THR A 158 7.52 27.69 3.06
N GLU A 159 6.37 27.92 2.43
CA GLU A 159 5.33 28.78 2.96
C GLU A 159 4.45 28.04 3.98
ZN ZN B . 8.26 -3.75 0.57
O UNL C . 8.94 -5.63 0.99
N MET A 1 -1.08 46.07 15.46
CA MET A 1 -2.46 45.94 15.99
C MET A 1 -2.46 45.16 17.30
N ARG A 2 -3.33 45.56 18.23
CA ARG A 2 -3.46 44.92 19.53
C ARG A 2 -4.48 43.78 19.50
N GLY A 3 -4.04 42.59 19.91
CA GLY A 3 -4.91 41.42 19.91
C GLY A 3 -4.23 40.18 19.37
N SER A 4 -4.31 39.08 20.12
CA SER A 4 -3.68 37.82 19.72
C SER A 4 -4.71 36.83 19.17
N HIS A 5 -5.86 36.70 19.86
CA HIS A 5 -6.92 35.78 19.44
C HIS A 5 -8.15 36.56 18.95
N HIS A 6 -8.62 36.20 17.75
CA HIS A 6 -9.79 36.82 17.15
C HIS A 6 -10.71 35.78 16.52
N HIS A 7 -10.12 34.85 15.74
CA HIS A 7 -10.87 33.79 15.07
C HIS A 7 -10.18 32.43 15.26
N HIS A 8 -10.98 31.37 15.31
CA HIS A 8 -10.46 30.01 15.49
C HIS A 8 -10.92 29.10 14.35
N HIS A 9 -9.98 28.33 13.79
CA HIS A 9 -10.27 27.41 12.69
C HIS A 9 -9.98 25.97 13.08
N HIS A 10 -10.75 25.04 12.53
CA HIS A 10 -10.60 23.60 12.81
C HIS A 10 -9.92 22.88 11.64
N GLY A 11 -9.26 21.76 11.95
CA GLY A 11 -8.58 20.97 10.94
C GLY A 11 -7.71 19.88 11.55
N SER A 12 -8.38 18.86 12.11
CA SER A 12 -7.69 17.75 12.76
C SER A 12 -7.42 16.59 11.81
N ALA A 13 -6.48 15.72 12.23
CA ALA A 13 -6.13 14.54 11.49
C ALA A 13 -5.42 13.54 12.42
N THR A 14 -6.03 12.36 12.59
CA THR A 14 -5.49 11.32 13.46
C THR A 14 -4.53 10.36 12.72
N TYR A 15 -4.52 10.43 11.39
CA TYR A 15 -3.69 9.59 10.57
C TYR A 15 -2.42 10.29 10.16
N THR A 16 -1.31 9.68 10.55
CA THR A 16 0.01 10.22 10.29
C THR A 16 0.68 9.55 9.09
N ARG A 17 1.44 10.35 8.32
CA ARG A 17 2.17 9.87 7.14
C ARG A 17 3.49 9.17 7.54
N PRO A 18 3.61 7.82 7.35
CA PRO A 18 4.84 7.08 7.66
C PRO A 18 6.01 7.48 6.75
N LEU A 19 5.66 7.98 5.56
CA LEU A 19 6.62 8.42 4.58
C LEU A 19 6.16 9.69 3.92
N ASP A 20 6.90 10.02 2.91
CA ASP A 20 6.66 11.17 2.06
C ASP A 20 6.69 10.71 0.62
N THR A 21 7.40 9.59 0.39
CA THR A 21 7.60 9.01 -0.92
C THR A 21 8.23 7.61 -0.82
N GLY A 22 8.65 7.11 -1.97
CA GLY A 22 9.31 5.82 -2.11
C GLY A 22 9.71 5.56 -3.54
N ASN A 23 11.02 5.54 -3.81
CA ASN A 23 11.54 5.35 -5.16
C ASN A 23 12.88 4.67 -5.20
N ILE A 24 12.89 3.56 -5.94
CA ILE A 24 14.09 2.76 -6.13
C ILE A 24 14.67 3.04 -7.50
N THR A 25 14.96 4.30 -7.67
CA THR A 25 15.56 4.83 -8.90
C THR A 25 17.06 5.07 -8.72
N THR A 26 17.43 5.37 -7.48
CA THR A 26 18.83 5.64 -7.12
C THR A 26 19.37 4.54 -6.20
N GLY A 27 18.83 4.51 -5.00
CA GLY A 27 19.24 3.52 -3.99
C GLY A 27 18.32 3.53 -2.80
N PHE A 28 17.76 2.35 -2.46
CA PHE A 28 16.83 2.22 -1.34
C PHE A 28 17.53 2.20 0.01
N ASN A 29 16.73 2.56 1.03
CA ASN A 29 17.15 2.69 2.42
C ASN A 29 17.79 1.46 3.05
N GLY A 30 18.50 0.70 2.24
CA GLY A 30 19.18 -0.50 2.72
C GLY A 30 18.41 -1.74 2.33
N TYR A 31 17.30 -1.52 1.63
CA TYR A 31 16.46 -2.61 1.14
C TYR A 31 16.74 -2.83 -0.36
N PRO A 32 17.79 -3.63 -0.73
CA PRO A 32 18.16 -3.87 -2.13
C PRO A 32 17.24 -4.86 -2.84
N GLY A 33 16.91 -4.56 -4.11
CA GLY A 33 16.03 -5.43 -4.90
C GLY A 33 14.56 -5.10 -4.73
N HIS A 34 14.28 -4.04 -3.96
CA HIS A 34 12.94 -3.59 -3.67
C HIS A 34 12.34 -2.87 -4.89
N VAL A 35 11.12 -3.26 -5.24
CA VAL A 35 10.42 -2.68 -6.39
C VAL A 35 9.30 -1.73 -5.94
N GLY A 36 9.10 -1.60 -4.63
CA GLY A 36 8.08 -0.74 -4.09
C GLY A 36 8.58 0.09 -2.93
N VAL A 37 7.67 0.40 -2.02
CA VAL A 37 7.99 1.20 -0.83
C VAL A 37 7.40 0.53 0.44
N ASP A 38 8.09 0.72 1.57
CA ASP A 38 7.67 0.13 2.84
C ASP A 38 7.51 1.17 3.93
N TYR A 39 6.39 1.06 4.65
CA TYR A 39 6.04 1.99 5.74
C TYR A 39 5.78 1.20 7.03
N ALA A 40 6.69 1.36 7.99
CA ALA A 40 6.59 0.70 9.30
C ALA A 40 5.25 1.01 10.00
N VAL A 41 4.39 0.00 10.04
CA VAL A 41 3.07 0.10 10.65
C VAL A 41 2.69 -1.26 11.28
N PRO A 42 2.30 -1.29 12.58
CA PRO A 42 1.96 -2.54 13.31
C PRO A 42 0.87 -3.38 12.67
N VAL A 43 1.12 -4.68 12.82
CA VAL A 43 0.28 -5.77 12.33
C VAL A 43 -1.12 -5.79 12.95
N GLY A 44 -2.11 -6.07 12.10
CA GLY A 44 -3.47 -6.17 12.57
C GLY A 44 -4.32 -4.94 12.29
N THR A 45 -3.73 -3.95 11.61
CA THR A 45 -4.41 -2.72 11.25
C THR A 45 -5.13 -2.91 9.90
N PRO A 46 -6.49 -2.73 9.84
CA PRO A 46 -7.25 -2.89 8.58
C PRO A 46 -6.73 -2.00 7.45
N VAL A 47 -6.43 -2.65 6.31
CA VAL A 47 -5.92 -1.99 5.15
C VAL A 47 -7.06 -1.76 4.19
N ARG A 48 -7.24 -0.49 3.90
CA ARG A 48 -8.26 -0.07 3.00
C ARG A 48 -7.71 0.28 1.63
N ALA A 49 -8.57 0.13 0.63
CA ALA A 49 -8.20 0.38 -0.75
C ALA A 49 -8.02 1.86 -1.03
N VAL A 50 -6.84 2.22 -1.52
CA VAL A 50 -6.51 3.61 -1.85
C VAL A 50 -7.36 4.16 -3.02
N ALA A 51 -7.90 3.25 -3.84
CA ALA A 51 -8.73 3.61 -4.98
C ALA A 51 -9.43 2.39 -5.54
N ASN A 52 -10.66 2.61 -6.00
CA ASN A 52 -11.50 1.59 -6.59
C ASN A 52 -10.86 0.94 -7.81
N GLY A 53 -11.26 -0.29 -8.11
CA GLY A 53 -10.73 -1.00 -9.26
C GLY A 53 -11.07 -2.47 -9.28
N THR A 54 -10.04 -3.32 -9.39
CA THR A 54 -10.18 -4.75 -9.48
C THR A 54 -8.98 -5.43 -8.84
N VAL A 55 -9.25 -6.54 -8.16
CA VAL A 55 -8.24 -7.33 -7.48
C VAL A 55 -7.64 -8.32 -8.47
N LYS A 56 -6.38 -8.11 -8.78
CA LYS A 56 -5.62 -8.96 -9.72
C LYS A 56 -4.84 -10.01 -8.96
N PHE A 57 -4.73 -9.81 -7.64
CA PHE A 57 -4.03 -10.71 -6.75
C PHE A 57 -4.58 -10.58 -5.33
N ALA A 58 -4.70 -11.73 -4.70
CA ALA A 58 -5.20 -11.86 -3.34
C ALA A 58 -4.46 -13.02 -2.67
N GLY A 59 -3.39 -12.65 -2.00
CA GLY A 59 -2.54 -13.60 -1.29
C GLY A 59 -2.90 -13.75 0.18
N ASN A 60 -3.82 -14.70 0.46
CA ASN A 60 -4.30 -14.99 1.81
C ASN A 60 -3.24 -15.67 2.67
N GLY A 61 -3.00 -15.02 3.80
CA GLY A 61 -2.02 -15.48 4.78
C GLY A 61 -2.53 -16.59 5.68
N ALA A 62 -3.79 -16.98 5.48
CA ALA A 62 -4.42 -18.01 6.28
C ALA A 62 -4.01 -19.43 5.87
N ASN A 63 -3.74 -19.60 4.59
CA ASN A 63 -3.37 -20.89 4.04
C ASN A 63 -2.23 -20.79 3.02
N HIS A 64 -1.40 -19.74 3.17
CA HIS A 64 -0.30 -19.50 2.27
C HIS A 64 0.94 -20.38 2.54
N PRO A 65 1.33 -21.27 1.58
CA PRO A 65 2.53 -22.11 1.68
C PRO A 65 3.78 -21.29 1.57
N TRP A 66 4.88 -21.87 1.99
CA TRP A 66 6.16 -21.21 1.86
C TRP A 66 6.85 -21.76 0.63
N MET A 67 6.06 -22.50 -0.18
CA MET A 67 6.54 -23.11 -1.40
C MET A 67 6.63 -22.08 -2.50
N LEU A 68 5.59 -21.25 -2.59
CA LEU A 68 5.58 -20.19 -3.56
C LEU A 68 5.46 -18.84 -2.84
N TRP A 69 5.60 -18.84 -1.50
CA TRP A 69 5.48 -17.60 -0.74
C TRP A 69 6.67 -17.38 0.19
N MET A 70 7.03 -16.10 0.36
CA MET A 70 8.14 -15.69 1.24
C MET A 70 7.76 -14.44 2.02
N ALA A 71 7.00 -13.53 1.38
CA ALA A 71 6.56 -12.28 2.01
C ALA A 71 5.22 -12.47 2.73
N GLY A 72 4.50 -13.51 2.34
CA GLY A 72 3.22 -13.84 2.96
C GLY A 72 2.02 -13.27 2.22
N ASN A 73 1.32 -12.32 2.87
CA ASN A 73 0.12 -11.69 2.31
C ASN A 73 0.46 -10.60 1.29
N ALA A 74 -0.28 -10.62 0.18
CA ALA A 74 -0.10 -9.64 -0.90
C ALA A 74 -1.40 -9.38 -1.61
N VAL A 75 -1.57 -8.13 -2.07
CA VAL A 75 -2.78 -7.71 -2.78
C VAL A 75 -2.42 -6.82 -3.95
N LEU A 76 -2.81 -7.23 -5.14
CA LEU A 76 -2.58 -6.45 -6.33
C LEU A 76 -3.91 -6.14 -6.92
N ILE A 77 -4.05 -4.88 -7.19
CA ILE A 77 -5.27 -4.30 -7.70
C ILE A 77 -4.96 -3.23 -8.75
N GLN A 78 -5.91 -3.08 -9.66
CA GLN A 78 -5.85 -2.12 -10.71
C GLN A 78 -6.72 -0.93 -10.31
N HIS A 79 -6.05 0.20 -10.16
CA HIS A 79 -6.69 1.45 -9.75
C HIS A 79 -7.62 2.04 -10.79
N ALA A 80 -8.17 3.22 -10.43
CA ALA A 80 -9.11 3.94 -11.25
C ALA A 80 -8.52 4.45 -12.58
N ASP A 81 -7.19 4.50 -12.65
CA ASP A 81 -6.48 4.97 -13.83
C ASP A 81 -6.02 3.80 -14.67
N GLY A 82 -6.10 2.61 -14.09
CA GLY A 82 -5.72 1.39 -14.77
C GLY A 82 -4.38 0.87 -14.30
N MET A 83 -3.72 1.66 -13.45
CA MET A 83 -2.44 1.31 -12.89
C MET A 83 -2.55 0.19 -11.87
N HIS A 84 -1.42 -0.43 -11.53
CA HIS A 84 -1.43 -1.51 -10.58
C HIS A 84 -0.87 -1.07 -9.24
N THR A 85 -1.47 -1.59 -8.15
CA THR A 85 -1.05 -1.25 -6.81
C THR A 85 -1.01 -2.51 -5.96
N GLY A 86 0.12 -2.72 -5.33
CA GLY A 86 0.29 -3.87 -4.47
C GLY A 86 0.29 -3.46 -3.01
N TYR A 87 -0.10 -4.43 -2.17
CA TYR A 87 -0.17 -4.27 -0.74
C TYR A 87 0.42 -5.56 -0.17
N ALA A 88 1.70 -5.50 0.23
CA ALA A 88 2.37 -6.69 0.74
C ALA A 88 2.80 -6.56 2.20
N HIS A 89 3.25 -7.69 2.77
CA HIS A 89 3.67 -7.80 4.18
C HIS A 89 2.48 -7.57 5.14
N LEU A 90 1.33 -8.08 4.73
CA LEU A 90 0.08 -8.01 5.50
C LEU A 90 -0.13 -9.32 6.27
N SER A 91 -1.10 -9.33 7.17
CA SER A 91 -1.40 -10.52 7.97
C SER A 91 -2.65 -11.23 7.48
N LYS A 92 -3.44 -10.54 6.65
CA LYS A 92 -4.68 -11.10 6.13
C LYS A 92 -5.26 -10.26 5.00
N ILE A 93 -6.11 -10.93 4.25
CA ILE A 93 -6.82 -10.35 3.12
C ILE A 93 -8.32 -10.53 3.28
N SER A 94 -9.04 -9.56 2.74
CA SER A 94 -10.49 -9.55 2.74
C SER A 94 -11.02 -9.69 1.32
N VAL A 95 -10.09 -9.68 0.36
CA VAL A 95 -10.41 -9.74 -1.02
C VAL A 95 -10.11 -11.11 -1.64
N SER A 96 -10.30 -11.18 -2.95
CA SER A 96 -10.09 -12.39 -3.72
C SER A 96 -9.73 -11.99 -5.14
N THR A 97 -8.93 -12.83 -5.77
CA THR A 97 -8.45 -12.62 -7.13
C THR A 97 -9.62 -12.53 -8.13
N ASP A 98 -9.62 -11.44 -8.93
CA ASP A 98 -10.63 -11.17 -9.97
C ASP A 98 -11.87 -10.46 -9.40
N SER A 99 -11.88 -10.27 -8.07
CA SER A 99 -12.97 -9.58 -7.40
C SER A 99 -12.82 -8.08 -7.55
N THR A 100 -13.95 -7.37 -7.58
CA THR A 100 -13.95 -5.92 -7.70
C THR A 100 -13.76 -5.27 -6.35
N VAL A 101 -13.07 -4.14 -6.35
CA VAL A 101 -12.80 -3.40 -5.15
C VAL A 101 -13.26 -1.95 -5.25
N LYS A 102 -13.27 -1.30 -4.09
CA LYS A 102 -13.66 0.07 -3.94
C LYS A 102 -12.77 0.76 -2.94
N GLN A 103 -12.57 2.04 -3.18
CA GLN A 103 -11.74 2.90 -2.36
C GLN A 103 -12.24 2.93 -0.90
N GLY A 104 -11.27 2.86 -0.01
CA GLY A 104 -11.53 2.87 1.43
C GLY A 104 -12.03 1.54 1.97
N GLN A 105 -12.28 0.58 1.08
CA GLN A 105 -12.77 -0.74 1.45
C GLN A 105 -11.65 -1.54 2.06
N ILE A 106 -12.00 -2.28 3.10
CA ILE A 106 -11.07 -3.11 3.81
C ILE A 106 -10.67 -4.29 2.94
N ILE A 107 -9.49 -4.14 2.37
CA ILE A 107 -8.92 -5.13 1.49
C ILE A 107 -7.98 -6.12 2.21
N GLY A 108 -7.76 -5.89 3.52
CA GLY A 108 -6.92 -6.74 4.31
C GLY A 108 -6.56 -6.15 5.65
N TYR A 109 -5.51 -6.70 6.24
CA TYR A 109 -4.97 -6.30 7.52
C TYR A 109 -3.46 -6.38 7.45
N THR A 110 -2.79 -5.37 7.99
CA THR A 110 -1.33 -5.26 7.99
C THR A 110 -0.68 -6.44 8.72
N GLY A 111 0.57 -6.79 8.34
CA GLY A 111 1.25 -7.90 8.98
C GLY A 111 2.74 -7.83 8.90
N ALA A 112 3.36 -8.96 9.21
CA ALA A 112 4.80 -9.12 9.17
C ALA A 112 5.13 -10.58 8.82
N THR A 113 4.41 -11.11 7.82
CA THR A 113 4.55 -12.51 7.38
C THR A 113 5.78 -12.75 6.52
N GLY A 114 6.60 -11.72 6.31
CA GLY A 114 7.80 -11.86 5.49
C GLY A 114 9.06 -11.86 6.34
N GLN A 115 10.22 -11.68 5.69
CA GLN A 115 11.51 -11.66 6.39
C GLN A 115 11.82 -10.24 6.85
N VAL A 116 11.41 -9.95 8.10
CA VAL A 116 11.60 -8.64 8.70
C VAL A 116 11.53 -8.74 10.24
N THR A 117 12.04 -7.71 10.93
CA THR A 117 12.05 -7.69 12.41
C THR A 117 10.79 -7.01 12.96
N GLY A 118 10.08 -6.27 12.11
CA GLY A 118 8.87 -5.59 12.53
C GLY A 118 7.80 -5.54 11.44
N PRO A 119 6.49 -5.33 11.79
CA PRO A 119 5.39 -5.27 10.79
C PRO A 119 5.41 -3.97 10.00
N HIS A 120 5.02 -4.02 8.70
CA HIS A 120 5.00 -2.83 7.87
C HIS A 120 4.04 -2.98 6.68
N LEU A 121 4.16 -2.01 5.78
CA LEU A 121 3.34 -1.89 4.60
C LEU A 121 4.19 -1.78 3.36
N HIS A 122 3.83 -2.59 2.38
CA HIS A 122 4.49 -2.60 1.10
C HIS A 122 3.51 -2.11 0.03
N PHE A 123 3.78 -0.92 -0.48
CA PHE A 123 2.94 -0.31 -1.49
C PHE A 123 3.74 -0.11 -2.79
N GLU A 124 3.39 -0.91 -3.80
CA GLU A 124 4.01 -0.86 -5.09
C GLU A 124 2.98 -0.43 -6.13
N MET A 125 3.34 0.59 -6.87
CA MET A 125 2.52 1.15 -7.90
C MET A 125 3.24 1.03 -9.23
N LEU A 126 2.48 0.59 -10.20
CA LEU A 126 2.96 0.33 -11.53
C LEU A 126 1.91 0.75 -12.59
N PRO A 127 2.29 0.84 -13.90
CA PRO A 127 1.35 1.15 -14.99
C PRO A 127 0.27 0.12 -15.16
N ALA A 128 -0.58 0.35 -16.16
CA ALA A 128 -1.63 -0.58 -16.50
C ALA A 128 -1.00 -1.81 -17.18
N ASN A 129 0.14 -1.55 -17.82
CA ASN A 129 0.92 -2.56 -18.54
C ASN A 129 2.35 -2.11 -18.65
N PRO A 130 3.18 -2.65 -17.74
CA PRO A 130 4.59 -2.30 -17.66
C PRO A 130 5.48 -2.79 -18.77
N ASN A 131 6.64 -2.15 -18.82
CA ASN A 131 7.69 -2.44 -19.75
C ASN A 131 8.88 -2.91 -18.93
N TRP A 132 8.73 -4.11 -18.38
CA TRP A 132 9.75 -4.75 -17.54
C TRP A 132 11.06 -5.03 -18.30
N GLN A 133 11.16 -4.41 -19.47
CA GLN A 133 12.28 -4.56 -20.37
C GLN A 133 13.48 -3.68 -19.99
N ASN A 134 13.64 -3.52 -18.68
CA ASN A 134 14.72 -2.75 -18.04
C ASN A 134 14.48 -1.27 -18.21
N GLY A 135 14.50 -0.57 -17.09
CA GLY A 135 14.27 0.86 -17.12
C GLY A 135 13.61 1.40 -15.87
N PHE A 136 12.50 0.78 -15.45
CA PHE A 136 11.76 1.20 -14.24
C PHE A 136 11.02 0.03 -13.61
N SER A 137 10.79 -1.00 -14.43
CA SER A 137 10.06 -2.22 -14.05
C SER A 137 8.62 -1.86 -13.79
N GLY A 138 8.28 -0.68 -14.33
CA GLY A 138 6.96 -0.13 -14.21
C GLY A 138 6.69 0.49 -12.86
N ARG A 139 7.60 0.24 -11.89
CA ARG A 139 7.39 0.79 -10.55
C ARG A 139 7.84 2.24 -10.45
N ILE A 140 6.93 3.08 -9.95
CA ILE A 140 7.21 4.50 -9.79
C ILE A 140 6.92 4.98 -8.36
N ASP A 141 7.04 6.31 -8.16
CA ASP A 141 6.83 6.95 -6.86
C ASP A 141 5.37 6.94 -6.41
N PRO A 142 5.08 6.59 -5.12
CA PRO A 142 3.71 6.56 -4.57
C PRO A 142 3.13 7.95 -4.24
N THR A 143 3.69 9.00 -4.87
CA THR A 143 3.29 10.40 -4.68
C THR A 143 1.80 10.64 -4.94
N GLY A 144 1.21 9.77 -5.77
CA GLY A 144 -0.23 9.85 -6.07
C GLY A 144 -1.04 9.42 -4.87
N TYR A 145 -0.40 8.60 -4.03
CA TYR A 145 -0.96 8.07 -2.80
C TYR A 145 -0.55 8.94 -1.59
N ILE A 146 0.38 9.87 -1.83
CA ILE A 146 0.86 10.77 -0.80
C ILE A 146 0.28 12.18 -0.98
N ALA A 147 -0.33 12.42 -2.14
CA ALA A 147 -0.94 13.70 -2.49
C ALA A 147 -2.30 13.89 -1.82
N ASN A 148 -2.95 12.77 -1.57
CA ASN A 148 -4.25 12.70 -0.97
C ASN A 148 -4.12 12.15 0.43
N ALA A 149 -2.89 12.19 0.91
CA ALA A 149 -2.54 11.69 2.19
C ALA A 149 -2.56 12.78 3.27
N PRO A 150 -2.98 12.40 4.51
CA PRO A 150 -3.07 13.30 5.69
C PRO A 150 -1.75 13.99 6.07
N VAL A 151 -1.82 14.81 7.12
CA VAL A 151 -0.70 15.60 7.60
C VAL A 151 0.00 14.93 8.77
N PHE A 152 1.32 14.89 8.64
CA PHE A 152 2.22 14.34 9.65
C PHE A 152 2.84 15.50 10.45
N ASN A 153 2.25 15.77 11.63
CA ASN A 153 2.71 16.83 12.57
C ASN A 153 2.54 18.26 12.01
N GLY A 154 2.69 18.42 10.69
CA GLY A 154 2.56 19.72 10.05
C GLY A 154 3.58 19.89 8.94
N THR A 155 3.37 19.17 7.83
CA THR A 155 4.26 19.20 6.70
C THR A 155 3.83 20.25 5.67
N THR A 156 4.57 21.33 5.66
CA THR A 156 4.34 22.45 4.74
C THR A 156 5.51 22.58 3.75
N PRO A 157 5.26 22.88 2.43
CA PRO A 157 6.33 23.02 1.44
C PRO A 157 6.98 24.40 1.45
N THR A 158 6.12 25.43 1.50
CA THR A 158 6.53 26.82 1.51
C THR A 158 5.39 27.71 1.99
N GLU A 159 4.35 27.77 1.16
CA GLU A 159 3.14 28.55 1.44
C GLU A 159 2.13 27.74 2.26
ZN ZN B . 8.25 -3.79 0.42
O UNL C . 8.87 -5.64 1.02
N MET A 1 -22.79 38.60 7.77
CA MET A 1 -23.09 37.35 8.52
C MET A 1 -22.04 37.09 9.58
N ARG A 2 -22.49 36.64 10.76
CA ARG A 2 -21.60 36.33 11.88
C ARG A 2 -21.22 34.84 11.89
N GLY A 3 -19.91 34.58 11.91
CA GLY A 3 -19.40 33.22 11.92
C GLY A 3 -17.92 33.16 12.24
N SER A 4 -17.58 33.11 13.54
CA SER A 4 -16.20 33.05 13.99
C SER A 4 -15.97 31.93 14.99
N HIS A 5 -16.99 31.65 15.83
CA HIS A 5 -16.91 30.60 16.84
C HIS A 5 -17.38 29.25 16.31
N HIS A 6 -18.45 29.26 15.50
CA HIS A 6 -19.02 28.04 14.93
C HIS A 6 -18.51 27.80 13.50
N HIS A 7 -18.12 26.56 13.23
CA HIS A 7 -17.61 26.16 11.91
C HIS A 7 -18.26 24.84 11.46
N HIS A 8 -18.39 24.68 10.13
CA HIS A 8 -19.00 23.48 9.56
C HIS A 8 -17.93 22.50 9.07
N HIS A 9 -16.94 23.01 8.33
CA HIS A 9 -15.86 22.16 7.79
C HIS A 9 -14.50 22.77 8.09
N HIS A 10 -13.52 21.89 8.33
CA HIS A 10 -12.14 22.31 8.62
C HIS A 10 -11.12 21.43 7.89
N GLY A 11 -11.38 20.11 7.86
CA GLY A 11 -10.51 19.16 7.20
C GLY A 11 -9.86 18.19 8.18
N SER A 12 -10.63 17.15 8.55
CA SER A 12 -10.15 16.12 9.48
C SER A 12 -9.59 14.91 8.76
N ALA A 13 -8.78 14.14 9.52
CA ALA A 13 -8.21 12.90 9.04
C ALA A 13 -7.69 12.06 10.20
N THR A 14 -8.25 10.85 10.34
CA THR A 14 -7.88 9.93 11.42
C THR A 14 -6.70 9.01 11.03
N TYR A 15 -6.33 9.03 9.75
CA TYR A 15 -5.25 8.21 9.25
C TYR A 15 -3.98 9.00 9.05
N THR A 16 -2.91 8.45 9.62
CA THR A 16 -1.60 9.07 9.57
C THR A 16 -0.75 8.52 8.43
N ARG A 17 0.26 9.31 8.02
CA ARG A 17 1.17 8.95 6.96
C ARG A 17 2.49 8.36 7.51
N PRO A 18 2.78 7.05 7.27
CA PRO A 18 4.03 6.42 7.72
C PRO A 18 5.28 6.90 6.94
N LEU A 19 5.05 7.45 5.74
CA LEU A 19 6.11 7.94 4.89
C LEU A 19 5.76 9.29 4.33
N ASP A 20 6.62 9.69 3.42
CA ASP A 20 6.52 10.91 2.67
C ASP A 20 6.66 10.58 1.21
N THR A 21 7.33 9.45 0.94
CA THR A 21 7.62 8.98 -0.40
C THR A 21 8.16 7.52 -0.40
N GLY A 22 8.64 7.12 -1.56
CA GLY A 22 9.26 5.81 -1.78
C GLY A 22 9.58 5.60 -3.24
N ASN A 23 10.88 5.59 -3.58
CA ASN A 23 11.34 5.42 -4.97
C ASN A 23 12.72 4.79 -5.06
N ILE A 24 12.75 3.69 -5.81
CA ILE A 24 14.00 2.97 -6.05
C ILE A 24 14.50 3.29 -7.45
N THR A 25 14.69 4.57 -7.64
CA THR A 25 15.18 5.12 -8.91
C THR A 25 16.67 5.49 -8.79
N THR A 26 17.08 5.82 -7.57
CA THR A 26 18.46 6.20 -7.29
C THR A 26 19.14 5.16 -6.40
N GLY A 27 18.64 5.08 -5.17
CA GLY A 27 19.16 4.14 -4.18
C GLY A 27 18.28 4.06 -2.96
N PHE A 28 17.82 2.84 -2.62
CA PHE A 28 16.94 2.62 -1.49
C PHE A 28 17.64 2.71 -0.14
N ASN A 29 16.82 2.98 0.88
CA ASN A 29 17.23 3.18 2.27
C ASN A 29 17.96 1.99 2.91
N GLY A 30 18.69 1.26 2.09
CA GLY A 30 19.44 0.11 2.58
C GLY A 30 18.76 -1.18 2.23
N TYR A 31 17.59 -1.05 1.58
CA TYR A 31 16.82 -2.23 1.14
C TYR A 31 17.05 -2.41 -0.39
N PRO A 32 18.14 -3.12 -0.81
CA PRO A 32 18.47 -3.33 -2.24
C PRO A 32 17.62 -4.42 -2.90
N GLY A 33 17.22 -4.17 -4.15
CA GLY A 33 16.41 -5.14 -4.90
C GLY A 33 14.92 -4.95 -4.71
N HIS A 34 14.55 -3.90 -3.98
CA HIS A 34 13.17 -3.55 -3.69
C HIS A 34 12.54 -2.83 -4.88
N VAL A 35 11.33 -3.27 -5.25
CA VAL A 35 10.61 -2.70 -6.38
C VAL A 35 9.50 -1.75 -5.93
N GLY A 36 9.21 -1.74 -4.63
CA GLY A 36 8.17 -0.88 -4.09
C GLY A 36 8.65 -0.10 -2.89
N VAL A 37 7.73 0.20 -1.99
CA VAL A 37 8.04 0.95 -0.78
C VAL A 37 7.47 0.23 0.46
N ASP A 38 8.11 0.43 1.61
CA ASP A 38 7.69 -0.21 2.86
C ASP A 38 7.51 0.82 3.98
N TYR A 39 6.37 0.70 4.66
CA TYR A 39 5.98 1.62 5.72
C TYR A 39 5.83 0.87 7.05
N ALA A 40 6.75 1.17 7.97
CA ALA A 40 6.73 0.60 9.31
C ALA A 40 5.44 0.95 10.07
N VAL A 41 4.51 -0.01 10.08
CA VAL A 41 3.21 0.15 10.74
C VAL A 41 2.81 -1.19 11.40
N PRO A 42 2.42 -1.19 12.71
CA PRO A 42 2.03 -2.41 13.45
C PRO A 42 1.02 -3.31 12.76
N VAL A 43 1.30 -4.59 12.91
CA VAL A 43 0.55 -5.70 12.37
C VAL A 43 -0.85 -5.85 12.97
N GLY A 44 -1.82 -6.12 12.10
CA GLY A 44 -3.18 -6.32 12.54
C GLY A 44 -4.08 -5.12 12.30
N THR A 45 -3.54 -4.07 11.67
CA THR A 45 -4.30 -2.88 11.37
C THR A 45 -5.00 -3.02 10.02
N PRO A 46 -6.33 -2.71 9.91
CA PRO A 46 -7.08 -2.85 8.64
C PRO A 46 -6.51 -1.97 7.52
N VAL A 47 -6.25 -2.61 6.38
CA VAL A 47 -5.72 -1.94 5.21
C VAL A 47 -6.85 -1.69 4.25
N ARG A 48 -6.98 -0.41 3.94
CA ARG A 48 -7.99 0.07 3.05
C ARG A 48 -7.44 0.35 1.68
N ALA A 49 -8.32 0.22 0.69
CA ALA A 49 -7.97 0.43 -0.71
C ALA A 49 -7.77 1.91 -1.00
N VAL A 50 -6.59 2.23 -1.52
CA VAL A 50 -6.23 3.62 -1.86
C VAL A 50 -7.05 4.17 -3.04
N ALA A 51 -7.71 3.27 -3.80
CA ALA A 51 -8.53 3.64 -4.94
C ALA A 51 -9.29 2.43 -5.46
N ASN A 52 -10.52 2.67 -5.89
CA ASN A 52 -11.40 1.65 -6.43
C ASN A 52 -10.83 1.02 -7.71
N GLY A 53 -11.26 -0.21 -7.99
CA GLY A 53 -10.78 -0.93 -9.16
C GLY A 53 -11.18 -2.40 -9.17
N THR A 54 -10.18 -3.26 -9.33
CA THR A 54 -10.36 -4.69 -9.40
C THR A 54 -9.15 -5.39 -8.80
N VAL A 55 -9.43 -6.48 -8.08
CA VAL A 55 -8.42 -7.30 -7.43
C VAL A 55 -7.87 -8.30 -8.44
N LYS A 56 -6.62 -8.12 -8.77
CA LYS A 56 -5.90 -8.98 -9.72
C LYS A 56 -5.12 -10.06 -8.99
N PHE A 57 -4.97 -9.86 -7.67
CA PHE A 57 -4.27 -10.78 -6.79
C PHE A 57 -4.76 -10.60 -5.36
N ALA A 58 -4.89 -11.73 -4.69
CA ALA A 58 -5.33 -11.81 -3.31
C ALA A 58 -4.68 -13.02 -2.66
N GLY A 59 -3.53 -12.76 -2.04
CA GLY A 59 -2.76 -13.78 -1.35
C GLY A 59 -3.09 -13.85 0.12
N ASN A 60 -4.07 -14.71 0.44
CA ASN A 60 -4.55 -14.92 1.81
C ASN A 60 -3.54 -15.64 2.69
N GLY A 61 -3.22 -14.95 3.77
CA GLY A 61 -2.27 -15.44 4.77
C GLY A 61 -2.87 -16.42 5.76
N ALA A 62 -4.17 -16.70 5.59
CA ALA A 62 -4.89 -17.61 6.47
C ALA A 62 -4.56 -19.08 6.21
N ASN A 63 -4.27 -19.38 4.94
CA ASN A 63 -3.96 -20.74 4.54
C ASN A 63 -2.81 -20.78 3.52
N HIS A 64 -1.93 -19.78 3.57
CA HIS A 64 -0.83 -19.69 2.65
C HIS A 64 0.40 -20.55 3.04
N PRO A 65 0.73 -21.60 2.24
CA PRO A 65 1.90 -22.47 2.46
C PRO A 65 3.21 -21.73 2.25
N TRP A 66 4.26 -22.30 2.77
CA TRP A 66 5.58 -21.74 2.56
C TRP A 66 6.23 -22.44 1.38
N MET A 67 5.40 -23.20 0.66
CA MET A 67 5.83 -23.94 -0.51
C MET A 67 5.96 -23.01 -1.69
N LEU A 68 4.97 -22.13 -1.82
CA LEU A 68 4.99 -21.15 -2.87
C LEU A 68 4.82 -19.75 -2.28
N TRP A 69 4.99 -19.61 -0.93
CA TRP A 69 4.82 -18.30 -0.29
C TRP A 69 5.90 -18.00 0.76
N MET A 70 6.74 -17.00 0.46
CA MET A 70 7.82 -16.59 1.37
C MET A 70 7.56 -15.21 1.98
N ALA A 71 6.92 -14.32 1.21
CA ALA A 71 6.64 -12.94 1.65
C ALA A 71 5.36 -12.83 2.46
N GLY A 72 4.48 -13.82 2.35
CA GLY A 72 3.23 -13.82 3.09
C GLY A 72 2.03 -13.36 2.26
N ASN A 73 1.32 -12.36 2.81
CA ASN A 73 0.12 -11.80 2.19
C ASN A 73 0.45 -10.77 1.11
N ALA A 74 -0.39 -10.73 0.08
CA ALA A 74 -0.22 -9.81 -1.03
C ALA A 74 -1.56 -9.47 -1.68
N VAL A 75 -1.68 -8.23 -2.14
CA VAL A 75 -2.89 -7.76 -2.80
C VAL A 75 -2.52 -6.87 -3.97
N LEU A 76 -2.97 -7.29 -5.15
CA LEU A 76 -2.73 -6.54 -6.36
C LEU A 76 -4.06 -6.20 -6.96
N ILE A 77 -4.18 -4.94 -7.23
CA ILE A 77 -5.39 -4.34 -7.72
C ILE A 77 -5.07 -3.31 -8.80
N GLN A 78 -6.03 -3.17 -9.70
CA GLN A 78 -5.97 -2.22 -10.78
C GLN A 78 -6.81 -1.00 -10.41
N HIS A 79 -6.12 0.12 -10.33
CA HIS A 79 -6.71 1.41 -9.98
C HIS A 79 -7.62 1.99 -11.04
N ALA A 80 -8.10 3.20 -10.75
CA ALA A 80 -9.02 3.93 -11.59
C ALA A 80 -8.45 4.34 -12.95
N ASP A 81 -7.13 4.34 -13.07
CA ASP A 81 -6.46 4.72 -14.30
C ASP A 81 -5.98 3.48 -15.07
N GLY A 82 -6.08 2.32 -14.40
CA GLY A 82 -5.69 1.06 -15.00
C GLY A 82 -4.38 0.56 -14.47
N MET A 83 -3.71 1.40 -13.66
CA MET A 83 -2.45 1.07 -13.04
C MET A 83 -2.60 -0.03 -12.00
N HIS A 84 -1.49 -0.63 -11.61
CA HIS A 84 -1.53 -1.70 -10.65
C HIS A 84 -0.95 -1.23 -9.31
N THR A 85 -1.53 -1.74 -8.21
CA THR A 85 -1.08 -1.39 -6.90
C THR A 85 -1.05 -2.62 -6.02
N GLY A 86 0.09 -2.84 -5.40
CA GLY A 86 0.25 -3.97 -4.52
C GLY A 86 0.30 -3.55 -3.08
N TYR A 87 -0.08 -4.51 -2.23
CA TYR A 87 -0.11 -4.37 -0.79
C TYR A 87 0.44 -5.69 -0.27
N ALA A 88 1.73 -5.71 0.08
CA ALA A 88 2.37 -6.95 0.53
C ALA A 88 2.85 -6.88 1.97
N HIS A 89 3.33 -8.05 2.46
CA HIS A 89 3.84 -8.24 3.84
C HIS A 89 2.73 -8.07 4.90
N LEU A 90 1.46 -8.21 4.46
CA LEU A 90 0.29 -8.12 5.32
C LEU A 90 0.06 -9.42 6.09
N SER A 91 -0.90 -9.41 7.02
CA SER A 91 -1.20 -10.56 7.84
C SER A 91 -2.49 -11.23 7.39
N LYS A 92 -3.30 -10.51 6.60
CA LYS A 92 -4.58 -11.04 6.15
C LYS A 92 -5.19 -10.20 5.05
N ILE A 93 -6.07 -10.86 4.30
CA ILE A 93 -6.81 -10.26 3.21
C ILE A 93 -8.31 -10.42 3.41
N SER A 94 -9.04 -9.47 2.87
CA SER A 94 -10.49 -9.45 2.90
C SER A 94 -11.04 -9.60 1.50
N VAL A 95 -10.14 -9.58 0.52
CA VAL A 95 -10.49 -9.64 -0.86
C VAL A 95 -10.24 -11.02 -1.47
N SER A 96 -10.45 -11.09 -2.78
CA SER A 96 -10.29 -12.30 -3.56
C SER A 96 -9.96 -11.92 -4.98
N THR A 97 -9.12 -12.74 -5.61
CA THR A 97 -8.68 -12.53 -6.99
C THR A 97 -9.87 -12.47 -7.95
N ASP A 98 -9.91 -11.39 -8.76
CA ASP A 98 -10.96 -11.13 -9.78
C ASP A 98 -12.16 -10.40 -9.18
N SER A 99 -12.14 -10.15 -7.85
CA SER A 99 -13.19 -9.44 -7.17
C SER A 99 -13.01 -7.94 -7.35
N THR A 100 -14.13 -7.21 -7.37
CA THR A 100 -14.09 -5.77 -7.50
C THR A 100 -13.86 -5.11 -6.16
N VAL A 101 -13.13 -4.00 -6.19
CA VAL A 101 -12.81 -3.27 -5.00
C VAL A 101 -13.21 -1.80 -5.11
N LYS A 102 -13.20 -1.15 -3.94
CA LYS A 102 -13.54 0.23 -3.80
C LYS A 102 -12.60 0.89 -2.82
N GLN A 103 -12.37 2.17 -3.07
CA GLN A 103 -11.50 3.00 -2.26
C GLN A 103 -11.97 3.05 -0.80
N GLY A 104 -11.00 2.98 0.09
CA GLY A 104 -11.23 3.01 1.53
C GLY A 104 -11.75 1.70 2.10
N GLN A 105 -12.05 0.75 1.21
CA GLN A 105 -12.56 -0.56 1.60
C GLN A 105 -11.45 -1.37 2.20
N ILE A 106 -11.82 -2.17 3.19
CA ILE A 106 -10.87 -3.00 3.88
C ILE A 106 -10.49 -4.18 3.00
N ILE A 107 -9.32 -4.04 2.40
CA ILE A 107 -8.77 -5.02 1.52
C ILE A 107 -7.83 -6.01 2.23
N GLY A 108 -7.61 -5.79 3.53
CA GLY A 108 -6.79 -6.66 4.32
C GLY A 108 -6.42 -6.07 5.66
N TYR A 109 -5.38 -6.63 6.24
CA TYR A 109 -4.82 -6.25 7.52
C TYR A 109 -3.30 -6.35 7.44
N THR A 110 -2.63 -5.35 7.99
CA THR A 110 -1.16 -5.26 7.98
C THR A 110 -0.50 -6.47 8.65
N GLY A 111 0.73 -6.80 8.22
CA GLY A 111 1.41 -7.95 8.80
C GLY A 111 2.90 -7.80 8.87
N ALA A 112 3.56 -8.90 9.21
CA ALA A 112 5.00 -8.96 9.31
C ALA A 112 5.48 -10.34 8.85
N THR A 113 4.90 -10.81 7.73
CA THR A 113 5.21 -12.14 7.19
C THR A 113 6.50 -12.18 6.34
N GLY A 114 7.17 -11.03 6.21
CA GLY A 114 8.41 -10.97 5.44
C GLY A 114 9.64 -10.96 6.32
N GLN A 115 10.80 -10.66 5.72
CA GLN A 115 12.07 -10.61 6.45
C GLN A 115 12.38 -9.19 6.92
N VAL A 116 11.94 -8.89 8.15
CA VAL A 116 12.14 -7.57 8.78
C VAL A 116 12.10 -7.69 10.30
N THR A 117 12.56 -6.63 10.99
CA THR A 117 12.59 -6.61 12.46
C THR A 117 11.22 -6.30 13.07
N GLY A 118 10.25 -5.96 12.21
CA GLY A 118 8.92 -5.64 12.68
C GLY A 118 7.87 -5.69 11.56
N PRO A 119 6.62 -5.22 11.82
CA PRO A 119 5.53 -5.20 10.82
C PRO A 119 5.77 -4.16 9.72
N HIS A 120 5.32 -4.45 8.49
CA HIS A 120 5.51 -3.55 7.38
C HIS A 120 4.43 -3.68 6.32
N LEU A 121 4.29 -2.59 5.59
CA LEU A 121 3.37 -2.42 4.51
C LEU A 121 4.17 -2.20 3.24
N HIS A 122 3.85 -2.99 2.25
CA HIS A 122 4.49 -2.90 0.97
C HIS A 122 3.51 -2.40 -0.09
N PHE A 123 3.74 -1.18 -0.54
CA PHE A 123 2.91 -0.53 -1.54
C PHE A 123 3.72 -0.28 -2.80
N GLU A 124 3.41 -1.04 -3.84
CA GLU A 124 4.05 -0.90 -5.11
C GLU A 124 3.02 -0.59 -6.19
N MET A 125 3.26 0.50 -6.90
CA MET A 125 2.43 0.96 -7.96
C MET A 125 3.14 0.80 -9.27
N LEU A 126 2.40 0.30 -10.23
CA LEU A 126 2.92 0.05 -11.54
C LEU A 126 1.89 0.45 -12.61
N PRO A 127 2.28 0.57 -13.92
CA PRO A 127 1.34 0.89 -15.01
C PRO A 127 0.28 -0.17 -15.21
N ALA A 128 -0.56 0.05 -16.21
CA ALA A 128 -1.58 -0.90 -16.57
C ALA A 128 -0.92 -2.11 -17.25
N ASN A 129 0.23 -1.82 -17.88
CA ASN A 129 1.05 -2.80 -18.58
C ASN A 129 2.46 -2.31 -18.66
N PRO A 130 3.32 -2.86 -17.78
CA PRO A 130 4.70 -2.45 -17.68
C PRO A 130 5.61 -2.91 -18.80
N ASN A 131 6.75 -2.23 -18.82
CA ASN A 131 7.82 -2.47 -19.73
C ASN A 131 9.03 -2.88 -18.91
N TRP A 132 8.94 -4.10 -18.36
CA TRP A 132 9.98 -4.68 -17.51
C TRP A 132 11.31 -4.90 -18.24
N GLN A 133 11.42 -4.26 -19.41
CA GLN A 133 12.57 -4.37 -20.28
C GLN A 133 13.72 -3.45 -19.86
N ASN A 134 13.85 -3.32 -18.53
CA ASN A 134 14.86 -2.53 -17.84
C ASN A 134 14.62 -1.05 -18.03
N GLY A 135 14.58 -0.34 -16.91
CA GLY A 135 14.34 1.07 -16.94
C GLY A 135 13.61 1.58 -15.71
N PHE A 136 12.51 0.91 -15.36
CA PHE A 136 11.70 1.29 -14.19
C PHE A 136 11.01 0.08 -13.58
N SER A 137 10.84 -0.97 -14.41
CA SER A 137 10.16 -2.22 -14.03
C SER A 137 8.70 -1.92 -13.79
N GLY A 138 8.32 -0.75 -14.32
CA GLY A 138 6.98 -0.25 -14.22
C GLY A 138 6.69 0.33 -12.85
N ARG A 139 7.59 0.13 -11.89
CA ARG A 139 7.38 0.64 -10.54
C ARG A 139 7.77 2.10 -10.39
N ILE A 140 6.83 2.91 -9.91
CA ILE A 140 7.07 4.33 -9.67
C ILE A 140 6.75 4.74 -8.22
N ASP A 141 6.83 6.05 -7.97
CA ASP A 141 6.63 6.63 -6.62
C ASP A 141 5.14 6.77 -6.21
N PRO A 142 4.77 6.39 -4.93
CA PRO A 142 3.39 6.50 -4.42
C PRO A 142 3.00 7.94 -4.06
N THR A 143 3.93 8.89 -4.25
CA THR A 143 3.75 10.31 -3.92
C THR A 143 2.49 10.93 -4.52
N GLY A 144 2.00 10.32 -5.60
CA GLY A 144 0.79 10.78 -6.26
C GLY A 144 -0.44 10.56 -5.39
N TYR A 145 -0.39 9.49 -4.59
CA TYR A 145 -1.48 9.13 -3.69
C TYR A 145 -1.24 9.70 -2.28
N ILE A 146 -0.02 10.16 -2.04
CA ILE A 146 0.37 10.70 -0.74
C ILE A 146 0.36 12.23 -0.75
N ALA A 147 0.21 12.82 -1.94
CA ALA A 147 0.17 14.27 -2.11
C ALA A 147 -1.20 14.83 -1.72
N ASN A 148 -2.22 14.01 -1.93
CA ASN A 148 -3.58 14.34 -1.63
C ASN A 148 -4.01 13.65 -0.36
N ALA A 149 -3.00 13.15 0.35
CA ALA A 149 -3.18 12.44 1.56
C ALA A 149 -2.90 13.32 2.81
N PRO A 150 -3.45 12.94 3.99
CA PRO A 150 -3.29 13.65 5.28
C PRO A 150 -1.83 13.87 5.73
N VAL A 151 -1.68 14.55 6.89
CA VAL A 151 -0.38 14.89 7.45
C VAL A 151 -0.14 14.16 8.77
N PHE A 152 1.06 13.62 8.88
CA PHE A 152 1.54 12.90 10.07
C PHE A 152 2.44 13.82 10.92
N ASN A 153 1.83 14.44 11.96
CA ASN A 153 2.51 15.35 12.92
C ASN A 153 3.04 16.65 12.28
N GLY A 154 3.34 16.61 10.98
CA GLY A 154 3.85 17.79 10.28
C GLY A 154 5.20 17.53 9.64
N THR A 155 5.17 16.79 8.51
CA THR A 155 6.36 16.43 7.77
C THR A 155 6.66 17.45 6.68
N THR A 156 7.68 18.26 6.94
CA THR A 156 8.14 19.29 6.01
C THR A 156 9.62 19.08 5.63
N PRO A 157 9.97 18.91 4.32
CA PRO A 157 11.36 18.71 3.91
C PRO A 157 12.13 20.03 3.79
N THR A 158 11.45 21.03 3.27
CA THR A 158 11.98 22.37 3.06
C THR A 158 10.82 23.36 2.88
N GLU A 159 10.08 23.13 1.81
CA GLU A 159 8.91 23.94 1.45
C GLU A 159 7.67 23.48 2.22
ZN ZN B . 8.37 -4.04 0.31
O UNL C . 8.97 -5.92 0.82
N MET A 1 5.69 34.35 -8.01
CA MET A 1 5.41 33.63 -6.75
C MET A 1 5.11 34.60 -5.61
N ARG A 2 4.12 34.24 -4.79
CA ARG A 2 3.70 35.06 -3.65
C ARG A 2 3.54 34.22 -2.39
N GLY A 3 2.93 33.03 -2.55
CA GLY A 3 2.72 32.12 -1.42
C GLY A 3 1.27 32.07 -0.97
N SER A 4 0.37 31.89 -1.94
CA SER A 4 -1.06 31.82 -1.66
C SER A 4 -1.57 30.38 -1.75
N HIS A 5 -2.45 30.00 -0.82
CA HIS A 5 -3.01 28.65 -0.79
C HIS A 5 -4.54 28.69 -0.82
N HIS A 6 -5.14 27.61 -1.35
CA HIS A 6 -6.60 27.50 -1.46
C HIS A 6 -7.19 26.73 -0.28
N HIS A 7 -6.52 25.64 0.12
CA HIS A 7 -6.97 24.80 1.22
C HIS A 7 -6.03 24.88 2.41
N HIS A 8 -6.61 25.00 3.60
CA HIS A 8 -5.84 25.08 4.85
C HIS A 8 -6.27 24.00 5.82
N HIS A 9 -5.28 23.29 6.38
CA HIS A 9 -5.55 22.21 7.33
C HIS A 9 -5.34 22.69 8.77
N HIS A 10 -6.44 22.73 9.53
CA HIS A 10 -6.41 23.16 10.94
C HIS A 10 -7.47 22.41 11.74
N GLY A 11 -7.07 21.94 12.93
CA GLY A 11 -7.98 21.20 13.79
C GLY A 11 -7.46 19.83 14.16
N SER A 12 -8.31 18.81 14.00
CA SER A 12 -7.94 17.43 14.32
C SER A 12 -7.46 16.66 13.11
N ALA A 13 -6.81 15.52 13.39
CA ALA A 13 -6.33 14.61 12.38
C ALA A 13 -6.13 13.22 12.99
N THR A 14 -6.99 12.27 12.60
CA THR A 14 -6.95 10.92 13.11
C THR A 14 -6.12 9.95 12.24
N TYR A 15 -5.90 10.33 10.98
CA TYR A 15 -5.17 9.51 10.05
C TYR A 15 -3.73 9.95 9.90
N THR A 16 -2.84 9.01 10.20
CA THR A 16 -1.41 9.24 10.16
C THR A 16 -0.73 8.64 8.92
N ARG A 17 0.19 9.43 8.32
CA ARG A 17 0.97 9.03 7.17
C ARG A 17 2.34 8.47 7.61
N PRO A 18 2.62 7.14 7.41
CA PRO A 18 3.91 6.53 7.79
C PRO A 18 5.09 7.07 6.96
N LEU A 19 4.80 7.54 5.75
CA LEU A 19 5.81 8.07 4.85
C LEU A 19 5.35 9.37 4.25
N ASP A 20 6.16 9.79 3.31
CA ASP A 20 5.96 10.97 2.53
C ASP A 20 6.11 10.62 1.07
N THR A 21 6.85 9.54 0.83
CA THR A 21 7.16 9.04 -0.50
C THR A 21 7.80 7.64 -0.48
N GLY A 22 8.29 7.25 -1.64
CA GLY A 22 9.00 5.99 -1.85
C GLY A 22 9.29 5.77 -3.32
N ASN A 23 10.59 5.81 -3.68
CA ASN A 23 11.03 5.64 -5.08
C ASN A 23 12.42 5.06 -5.19
N ILE A 24 12.48 3.96 -5.93
CA ILE A 24 13.71 3.26 -6.19
C ILE A 24 14.17 3.59 -7.61
N THR A 25 14.35 4.87 -7.80
CA THR A 25 14.80 5.43 -9.07
C THR A 25 16.31 5.75 -9.02
N THR A 26 16.78 6.04 -7.81
CA THR A 26 18.20 6.36 -7.58
C THR A 26 18.83 5.32 -6.67
N GLY A 27 18.37 5.30 -5.43
CA GLY A 27 18.88 4.37 -4.43
C GLY A 27 18.01 4.36 -3.18
N PHE A 28 17.54 3.16 -2.79
CA PHE A 28 16.66 3.01 -1.63
C PHE A 28 17.39 3.18 -0.30
N ASN A 29 16.58 3.52 0.71
CA ASN A 29 17.02 3.80 2.08
C ASN A 29 17.78 2.67 2.78
N GLY A 30 18.53 1.91 1.99
CA GLY A 30 19.31 0.81 2.53
C GLY A 30 18.65 -0.52 2.25
N TYR A 31 17.52 -0.46 1.58
CA TYR A 31 16.77 -1.65 1.18
C TYR A 31 17.03 -1.94 -0.31
N PRO A 32 18.15 -2.67 -0.67
CA PRO A 32 18.50 -2.97 -2.07
C PRO A 32 17.65 -4.07 -2.69
N GLY A 33 17.29 -3.90 -3.96
CA GLY A 33 16.49 -4.88 -4.68
C GLY A 33 15.00 -4.66 -4.52
N HIS A 34 14.64 -3.57 -3.84
CA HIS A 34 13.26 -3.20 -3.57
C HIS A 34 12.64 -2.53 -4.80
N VAL A 35 11.46 -3.02 -5.19
CA VAL A 35 10.74 -2.50 -6.34
C VAL A 35 9.54 -1.65 -5.91
N GLY A 36 9.29 -1.59 -4.60
CA GLY A 36 8.19 -0.81 -4.07
C GLY A 36 8.62 0.07 -2.92
N VAL A 37 7.69 0.31 -2.01
CA VAL A 37 7.93 1.14 -0.82
C VAL A 37 7.41 0.42 0.44
N ASP A 38 8.04 0.70 1.59
CA ASP A 38 7.65 0.07 2.85
C ASP A 38 7.39 1.09 3.93
N TYR A 39 6.31 0.86 4.69
CA TYR A 39 5.87 1.75 5.76
C TYR A 39 5.74 0.98 7.08
N ALA A 40 6.67 1.25 7.99
CA ALA A 40 6.70 0.62 9.32
C ALA A 40 5.42 0.90 10.13
N VAL A 41 4.56 -0.11 10.22
CA VAL A 41 3.29 -0.03 10.94
C VAL A 41 2.94 -1.43 11.52
N PRO A 42 2.61 -1.53 12.83
CA PRO A 42 2.29 -2.82 13.50
C PRO A 42 1.19 -3.62 12.83
N VAL A 43 1.43 -4.92 12.91
CA VAL A 43 0.58 -5.97 12.37
C VAL A 43 -0.82 -6.00 13.00
N GLY A 44 -1.82 -6.31 12.16
CA GLY A 44 -3.18 -6.41 12.63
C GLY A 44 -4.00 -5.16 12.40
N THR A 45 -3.40 -4.15 11.77
CA THR A 45 -4.07 -2.91 11.48
C THR A 45 -4.78 -3.00 10.12
N PRO A 46 -6.10 -2.65 10.02
CA PRO A 46 -6.84 -2.73 8.75
C PRO A 46 -6.21 -1.88 7.63
N VAL A 47 -5.96 -2.53 6.49
CA VAL A 47 -5.38 -1.91 5.34
C VAL A 47 -6.48 -1.59 4.36
N ARG A 48 -6.52 -0.32 4.02
CA ARG A 48 -7.49 0.20 3.11
C ARG A 48 -6.91 0.41 1.73
N ALA A 49 -7.81 0.34 0.74
CA ALA A 49 -7.44 0.50 -0.65
C ALA A 49 -7.12 1.96 -0.96
N VAL A 50 -5.90 2.19 -1.43
CA VAL A 50 -5.44 3.54 -1.77
C VAL A 50 -6.18 4.13 -3.00
N ALA A 51 -6.88 3.27 -3.75
CA ALA A 51 -7.65 3.68 -4.92
C ALA A 51 -8.51 2.52 -5.42
N ASN A 52 -9.71 2.88 -5.89
CA ASN A 52 -10.66 1.92 -6.43
C ASN A 52 -10.12 1.19 -7.66
N GLY A 53 -10.67 0.01 -7.93
CA GLY A 53 -10.24 -0.77 -9.07
C GLY A 53 -10.75 -2.19 -9.08
N THR A 54 -9.82 -3.15 -9.23
CA THR A 54 -10.12 -4.56 -9.29
C THR A 54 -8.98 -5.39 -8.71
N VAL A 55 -9.34 -6.39 -7.93
CA VAL A 55 -8.39 -7.30 -7.29
C VAL A 55 -7.99 -8.39 -8.27
N LYS A 56 -6.74 -8.35 -8.64
CA LYS A 56 -6.15 -9.32 -9.57
C LYS A 56 -5.40 -10.40 -8.82
N PHE A 57 -5.10 -10.12 -7.54
CA PHE A 57 -4.43 -11.04 -6.66
C PHE A 57 -4.90 -10.81 -5.23
N ALA A 58 -5.08 -11.91 -4.53
CA ALA A 58 -5.53 -11.93 -3.16
C ALA A 58 -4.93 -13.15 -2.46
N GLY A 59 -3.77 -12.92 -1.85
CA GLY A 59 -3.06 -13.95 -1.13
C GLY A 59 -3.38 -13.96 0.34
N ASN A 60 -4.41 -14.75 0.70
CA ASN A 60 -4.89 -14.89 2.07
C ASN A 60 -3.94 -15.70 2.94
N GLY A 61 -3.54 -15.05 4.01
CA GLY A 61 -2.63 -15.63 5.00
C GLY A 61 -3.32 -16.55 5.99
N ALA A 62 -4.63 -16.69 5.84
CA ALA A 62 -5.43 -17.53 6.72
C ALA A 62 -5.29 -19.01 6.41
N ASN A 63 -5.09 -19.32 5.14
CA ASN A 63 -4.97 -20.70 4.68
C ASN A 63 -3.86 -20.87 3.64
N HIS A 64 -2.89 -19.94 3.62
CA HIS A 64 -1.81 -19.99 2.67
C HIS A 64 -0.72 -21.02 3.03
N PRO A 65 -0.55 -22.12 2.23
CA PRO A 65 0.48 -23.13 2.44
C PRO A 65 1.86 -22.58 2.22
N TRP A 66 2.85 -23.28 2.71
CA TRP A 66 4.22 -22.89 2.49
C TRP A 66 4.75 -23.67 1.29
N MET A 67 3.81 -24.38 0.63
CA MET A 67 4.14 -25.19 -0.53
C MET A 67 4.38 -24.31 -1.75
N LEU A 68 3.50 -23.33 -1.92
CA LEU A 68 3.64 -22.40 -3.00
C LEU A 68 3.74 -20.97 -2.45
N TRP A 69 3.91 -20.85 -1.11
CA TRP A 69 4.00 -19.52 -0.49
C TRP A 69 5.20 -19.42 0.43
N MET A 70 5.83 -18.23 0.43
CA MET A 70 6.99 -17.94 1.28
C MET A 70 7.00 -16.47 1.71
N ALA A 71 6.27 -15.61 0.98
CA ALA A 71 6.21 -14.17 1.28
C ALA A 71 5.07 -13.83 2.23
N GLY A 72 4.01 -14.62 2.18
CA GLY A 72 2.86 -14.41 3.04
C GLY A 72 1.64 -13.84 2.32
N ASN A 73 1.11 -12.74 2.87
CA ASN A 73 -0.06 -12.07 2.32
C ASN A 73 0.31 -11.03 1.27
N ALA A 74 -0.48 -10.99 0.19
CA ALA A 74 -0.25 -10.05 -0.90
C ALA A 74 -1.55 -9.73 -1.63
N VAL A 75 -1.67 -8.49 -2.10
CA VAL A 75 -2.86 -8.03 -2.82
C VAL A 75 -2.47 -7.17 -4.01
N LEU A 76 -2.88 -7.61 -5.19
CA LEU A 76 -2.62 -6.89 -6.40
C LEU A 76 -3.93 -6.48 -6.98
N ILE A 77 -3.99 -5.21 -7.23
CA ILE A 77 -5.18 -4.53 -7.72
C ILE A 77 -4.79 -3.48 -8.77
N GLN A 78 -5.74 -3.27 -9.67
CA GLN A 78 -5.64 -2.30 -10.73
C GLN A 78 -6.36 -1.03 -10.28
N HIS A 79 -5.59 0.03 -10.17
CA HIS A 79 -6.09 1.34 -9.74
C HIS A 79 -6.99 2.02 -10.75
N ALA A 80 -7.39 3.24 -10.38
CA ALA A 80 -8.29 4.07 -11.17
C ALA A 80 -7.71 4.50 -12.52
N ASP A 81 -6.38 4.41 -12.66
CA ASP A 81 -5.69 4.78 -13.88
C ASP A 81 -5.39 3.57 -14.74
N GLY A 82 -5.57 2.40 -14.14
CA GLY A 82 -5.34 1.14 -14.83
C GLY A 82 -4.04 0.50 -14.41
N MET A 83 -3.27 1.23 -13.61
CA MET A 83 -2.00 0.77 -13.10
C MET A 83 -2.21 -0.32 -12.07
N HIS A 84 -1.15 -1.03 -11.67
CA HIS A 84 -1.33 -2.08 -10.72
C HIS A 84 -0.55 -1.81 -9.44
N THR A 85 -1.15 -2.16 -8.31
CA THR A 85 -0.58 -1.91 -7.02
C THR A 85 -0.66 -3.13 -6.14
N GLY A 86 0.47 -3.49 -5.59
CA GLY A 86 0.54 -4.62 -4.69
C GLY A 86 0.58 -4.17 -3.23
N TYR A 87 0.13 -5.04 -2.35
CA TYR A 87 0.10 -4.81 -0.92
C TYR A 87 0.66 -6.08 -0.30
N ALA A 88 1.95 -6.03 0.06
CA ALA A 88 2.61 -7.20 0.62
C ALA A 88 2.96 -7.03 2.08
N HIS A 89 3.36 -8.16 2.70
CA HIS A 89 3.75 -8.23 4.13
C HIS A 89 2.55 -7.95 5.07
N LEU A 90 1.37 -8.44 4.66
CA LEU A 90 0.14 -8.32 5.43
C LEU A 90 -0.12 -9.62 6.21
N SER A 91 -1.08 -9.60 7.13
CA SER A 91 -1.41 -10.75 7.93
C SER A 91 -2.73 -11.37 7.52
N LYS A 92 -3.53 -10.61 6.73
CA LYS A 92 -4.84 -11.08 6.30
C LYS A 92 -5.40 -10.21 5.20
N ILE A 93 -6.33 -10.81 4.47
CA ILE A 93 -7.02 -10.17 3.37
C ILE A 93 -8.54 -10.22 3.58
N SER A 94 -9.19 -9.19 3.06
CA SER A 94 -10.63 -9.06 3.11
C SER A 94 -11.21 -9.17 1.71
N VAL A 95 -10.30 -9.21 0.73
CA VAL A 95 -10.65 -9.25 -0.64
C VAL A 95 -10.53 -10.65 -1.23
N SER A 96 -10.74 -10.74 -2.55
CA SER A 96 -10.70 -11.97 -3.29
C SER A 96 -10.32 -11.68 -4.72
N THR A 97 -9.58 -12.61 -5.31
CA THR A 97 -9.10 -12.49 -6.69
C THR A 97 -10.27 -12.31 -7.68
N ASP A 98 -10.17 -11.25 -8.50
CA ASP A 98 -11.16 -10.90 -9.54
C ASP A 98 -12.31 -10.06 -8.97
N SER A 99 -12.30 -9.81 -7.65
CA SER A 99 -13.31 -9.02 -7.00
C SER A 99 -13.03 -7.54 -7.19
N THR A 100 -14.09 -6.73 -7.24
CA THR A 100 -13.96 -5.30 -7.38
C THR A 100 -13.70 -4.63 -6.06
N VAL A 101 -12.89 -3.58 -6.10
CA VAL A 101 -12.52 -2.84 -4.92
C VAL A 101 -12.83 -1.35 -5.05
N LYS A 102 -12.73 -0.67 -3.91
CA LYS A 102 -12.97 0.73 -3.80
C LYS A 102 -11.98 1.34 -2.83
N GLN A 103 -11.64 2.59 -3.10
CA GLN A 103 -10.72 3.36 -2.29
C GLN A 103 -11.19 3.46 -0.84
N GLY A 104 -10.23 3.32 0.06
CA GLY A 104 -10.46 3.37 1.49
C GLY A 104 -11.10 2.12 2.07
N GLN A 105 -11.44 1.18 1.19
CA GLN A 105 -12.05 -0.08 1.59
C GLN A 105 -11.03 -0.99 2.22
N ILE A 106 -11.47 -1.69 3.24
CA ILE A 106 -10.61 -2.59 3.97
C ILE A 106 -10.32 -3.81 3.11
N ILE A 107 -9.14 -3.79 2.53
CA ILE A 107 -8.66 -4.83 1.66
C ILE A 107 -7.83 -5.89 2.40
N GLY A 108 -7.55 -5.65 3.69
CA GLY A 108 -6.81 -6.59 4.49
C GLY A 108 -6.37 -6.02 5.81
N TYR A 109 -5.37 -6.66 6.38
CA TYR A 109 -4.77 -6.30 7.66
C TYR A 109 -3.27 -6.47 7.55
N THR A 110 -2.53 -5.52 8.10
CA THR A 110 -1.07 -5.50 8.08
C THR A 110 -0.45 -6.72 8.75
N GLY A 111 0.75 -7.12 8.28
CA GLY A 111 1.42 -8.28 8.85
C GLY A 111 2.92 -8.16 8.79
N ALA A 112 3.60 -9.30 8.98
CA ALA A 112 5.04 -9.35 8.95
C ALA A 112 5.49 -10.74 8.46
N THR A 113 4.83 -11.22 7.41
CA THR A 113 5.11 -12.55 6.84
C THR A 113 6.28 -12.54 5.85
N GLY A 114 6.87 -11.35 5.62
CA GLY A 114 8.00 -11.24 4.71
C GLY A 114 9.33 -11.36 5.42
N GLN A 115 10.16 -10.30 5.32
CA GLN A 115 11.48 -10.27 5.96
C GLN A 115 11.40 -9.68 7.37
N VAL A 116 12.36 -10.08 8.22
CA VAL A 116 12.48 -9.62 9.64
C VAL A 116 11.17 -9.74 10.45
N THR A 117 11.29 -9.61 11.78
CA THR A 117 10.14 -9.70 12.70
C THR A 117 9.40 -8.36 12.81
N GLY A 118 9.83 -7.37 12.01
CA GLY A 118 9.22 -6.05 12.02
C GLY A 118 8.03 -5.94 11.05
N PRO A 119 6.77 -5.70 11.54
CA PRO A 119 5.60 -5.57 10.66
C PRO A 119 5.59 -4.24 9.91
N HIS A 120 5.12 -4.27 8.64
CA HIS A 120 5.07 -3.07 7.82
C HIS A 120 4.15 -3.27 6.60
N LEU A 121 4.18 -2.29 5.72
CA LEU A 121 3.40 -2.26 4.53
C LEU A 121 4.28 -2.09 3.31
N HIS A 122 4.03 -2.94 2.33
CA HIS A 122 4.74 -2.91 1.09
C HIS A 122 3.79 -2.50 -0.03
N PHE A 123 4.00 -1.30 -0.55
CA PHE A 123 3.18 -0.75 -1.62
C PHE A 123 4.02 -0.59 -2.89
N GLU A 124 3.72 -1.41 -3.86
CA GLU A 124 4.36 -1.39 -5.14
C GLU A 124 3.33 -1.01 -6.18
N MET A 125 3.68 0.01 -6.95
CA MET A 125 2.85 0.57 -7.96
C MET A 125 3.57 0.49 -9.29
N LEU A 126 2.81 0.06 -10.27
CA LEU A 126 3.30 -0.15 -11.62
C LEU A 126 2.21 0.24 -12.64
N PRO A 127 2.56 0.41 -13.95
CA PRO A 127 1.57 0.74 -15.01
C PRO A 127 0.53 -0.33 -15.21
N ALA A 128 -0.37 -0.10 -16.18
CA ALA A 128 -1.37 -1.06 -16.54
C ALA A 128 -0.70 -2.27 -17.21
N ASN A 129 0.44 -1.96 -17.85
CA ASN A 129 1.27 -2.93 -18.57
C ASN A 129 2.66 -2.40 -18.69
N PRO A 130 3.57 -2.94 -17.85
CA PRO A 130 4.93 -2.47 -17.79
C PRO A 130 5.84 -2.85 -18.95
N ASN A 131 6.93 -2.12 -18.99
CA ASN A 131 7.97 -2.28 -19.95
C ASN A 131 9.24 -2.63 -19.18
N TRP A 132 9.23 -3.86 -18.65
CA TRP A 132 10.34 -4.40 -17.85
C TRP A 132 11.65 -4.51 -18.64
N GLN A 133 11.66 -3.89 -19.82
CA GLN A 133 12.77 -3.89 -20.74
C GLN A 133 13.84 -2.87 -20.38
N ASN A 134 13.99 -2.68 -19.07
CA ASN A 134 14.94 -1.76 -18.45
C ASN A 134 14.52 -0.33 -18.64
N GLY A 135 14.48 0.40 -17.53
CA GLY A 135 14.07 1.78 -17.58
C GLY A 135 13.39 2.24 -16.31
N PHE A 136 12.41 1.46 -15.84
CA PHE A 136 11.67 1.77 -14.61
C PHE A 136 11.18 0.52 -13.90
N SER A 137 11.09 -0.58 -14.66
CA SER A 137 10.61 -1.90 -14.20
C SER A 137 9.14 -1.76 -13.85
N GLY A 138 8.59 -0.67 -14.40
CA GLY A 138 7.22 -0.32 -14.23
C GLY A 138 6.92 0.26 -12.86
N ARG A 139 7.89 0.13 -11.95
CA ARG A 139 7.71 0.64 -10.59
C ARG A 139 7.91 2.15 -10.50
N ILE A 140 6.91 2.85 -9.96
CA ILE A 140 6.97 4.29 -9.81
C ILE A 140 6.62 4.74 -8.38
N ASP A 141 6.55 6.06 -8.18
CA ASP A 141 6.29 6.67 -6.88
C ASP A 141 4.80 6.68 -6.50
N PRO A 142 4.42 6.27 -5.23
CA PRO A 142 3.02 6.29 -4.76
C PRO A 142 2.52 7.70 -4.40
N THR A 143 3.43 8.70 -4.51
CA THR A 143 3.18 10.10 -4.17
C THR A 143 1.94 10.70 -4.84
N GLY A 144 1.55 10.09 -5.96
CA GLY A 144 0.39 10.57 -6.72
C GLY A 144 -0.91 10.35 -5.97
N TYR A 145 -0.95 9.30 -5.15
CA TYR A 145 -2.13 8.96 -4.37
C TYR A 145 -1.97 9.35 -2.90
N ILE A 146 -0.74 9.68 -2.52
CA ILE A 146 -0.42 10.08 -1.15
C ILE A 146 -0.43 11.61 -1.01
N ALA A 147 -0.54 12.30 -2.15
CA ALA A 147 -0.61 13.76 -2.20
C ALA A 147 -2.00 14.26 -1.80
N ASN A 148 -2.98 13.39 -1.97
CA ASN A 148 -4.35 13.67 -1.65
C ASN A 148 -4.69 13.04 -0.32
N ALA A 149 -3.62 12.65 0.36
CA ALA A 149 -3.70 11.99 1.61
C ALA A 149 -3.45 12.96 2.79
N PRO A 150 -3.93 12.59 4.01
CA PRO A 150 -3.76 13.38 5.26
C PRO A 150 -2.30 13.75 5.59
N VAL A 151 -2.11 14.50 6.68
CA VAL A 151 -0.81 14.98 7.11
C VAL A 151 -0.39 14.38 8.44
N PHE A 152 0.84 13.91 8.45
CA PHE A 152 1.48 13.33 9.62
C PHE A 152 2.36 14.37 10.33
N ASN A 153 1.80 15.01 11.36
CA ASN A 153 2.48 16.05 12.19
C ASN A 153 2.87 17.31 11.40
N GLY A 154 3.17 17.14 10.10
CA GLY A 154 3.57 18.24 9.26
C GLY A 154 5.03 18.11 8.84
N THR A 155 5.31 17.06 8.06
CA THR A 155 6.64 16.76 7.58
C THR A 155 6.87 17.32 6.18
N THR A 156 7.65 18.39 6.13
CA THR A 156 7.99 19.05 4.87
C THR A 156 9.34 18.52 4.34
N PRO A 157 9.41 18.01 3.06
CA PRO A 157 10.66 17.50 2.48
C PRO A 157 11.57 18.60 1.93
N THR A 158 10.93 19.55 1.24
CA THR A 158 11.62 20.68 0.62
C THR A 158 10.63 21.81 0.34
N GLU A 159 9.68 21.50 -0.53
CA GLU A 159 8.62 22.43 -0.94
C GLU A 159 7.54 22.55 0.14
ZN ZN B . 8.60 -3.82 0.51
O UNL C . 9.40 -5.59 1.16
N MET A 1 -10.14 31.24 21.54
CA MET A 1 -10.98 30.33 20.73
C MET A 1 -11.00 28.92 21.33
N ARG A 2 -12.18 28.28 21.27
CA ARG A 2 -12.36 26.93 21.81
C ARG A 2 -12.46 25.88 20.67
N GLY A 3 -13.28 26.21 19.66
CA GLY A 3 -13.47 25.32 18.53
C GLY A 3 -14.91 24.88 18.37
N SER A 4 -15.30 24.54 17.13
CA SER A 4 -16.65 24.10 16.83
C SER A 4 -16.65 22.65 16.33
N HIS A 5 -17.55 21.85 16.89
CA HIS A 5 -17.67 20.43 16.53
C HIS A 5 -18.96 20.15 15.78
N HIS A 6 -18.84 19.63 14.55
CA HIS A 6 -20.00 19.31 13.71
C HIS A 6 -19.83 17.92 13.09
N HIS A 7 -20.95 17.20 13.01
CA HIS A 7 -20.97 15.85 12.42
C HIS A 7 -22.04 15.74 11.34
N HIS A 8 -21.60 15.51 10.09
CA HIS A 8 -22.51 15.39 8.96
C HIS A 8 -22.11 14.24 8.04
N HIS A 9 -20.80 14.13 7.77
CA HIS A 9 -20.26 13.07 6.91
C HIS A 9 -19.31 12.15 7.66
N HIS A 10 -19.28 10.87 7.26
CA HIS A 10 -18.42 9.87 7.88
C HIS A 10 -17.18 9.61 7.02
N GLY A 11 -16.03 9.44 7.69
CA GLY A 11 -14.78 9.19 6.98
C GLY A 11 -13.58 9.78 7.70
N SER A 12 -13.36 9.34 8.94
CA SER A 12 -12.24 9.82 9.76
C SER A 12 -11.03 8.92 9.65
N ALA A 13 -9.87 9.46 10.11
CA ALA A 13 -8.63 8.74 10.14
C ALA A 13 -7.66 9.37 11.14
N THR A 14 -7.37 8.64 12.22
CA THR A 14 -6.49 9.11 13.28
C THR A 14 -5.01 8.72 13.02
N TYR A 15 -4.74 8.15 11.85
CA TYR A 15 -3.41 7.73 11.48
C TYR A 15 -2.77 8.71 10.53
N THR A 16 -1.50 8.99 10.82
CA THR A 16 -0.73 9.93 10.05
C THR A 16 0.10 9.26 8.95
N ARG A 17 0.87 10.08 8.21
CA ARG A 17 1.71 9.63 7.11
C ARG A 17 3.02 8.99 7.60
N PRO A 18 3.21 7.64 7.40
CA PRO A 18 4.46 6.94 7.78
C PRO A 18 5.66 7.39 6.95
N LEU A 19 5.36 7.91 5.75
CA LEU A 19 6.36 8.37 4.82
C LEU A 19 5.94 9.69 4.20
N ASP A 20 6.73 10.06 3.24
CA ASP A 20 6.54 11.24 2.44
C ASP A 20 6.60 10.86 0.98
N THR A 21 7.30 9.74 0.73
CA THR A 21 7.51 9.21 -0.60
C THR A 21 8.09 7.79 -0.56
N GLY A 22 8.53 7.34 -1.73
CA GLY A 22 9.17 6.05 -1.92
C GLY A 22 9.54 5.82 -3.37
N ASN A 23 10.85 5.81 -3.66
CA ASN A 23 11.36 5.63 -5.03
C ASN A 23 12.72 5.00 -5.05
N ILE A 24 12.80 3.90 -5.79
CA ILE A 24 14.04 3.16 -5.97
C ILE A 24 14.60 3.48 -7.34
N THR A 25 14.84 4.74 -7.52
CA THR A 25 15.39 5.30 -8.75
C THR A 25 16.87 5.70 -8.56
N THR A 26 17.20 6.04 -7.32
CA THR A 26 18.57 6.46 -6.98
C THR A 26 19.22 5.44 -6.02
N GLY A 27 18.67 5.38 -4.82
CA GLY A 27 19.17 4.47 -3.79
C GLY A 27 18.23 4.39 -2.61
N PHE A 28 17.77 3.17 -2.30
CA PHE A 28 16.83 2.92 -1.21
C PHE A 28 17.48 2.99 0.17
N ASN A 29 16.61 3.24 1.16
CA ASN A 29 16.97 3.40 2.56
C ASN A 29 17.71 2.22 3.21
N GLY A 30 18.49 1.52 2.41
CA GLY A 30 19.25 0.39 2.91
C GLY A 30 18.61 -0.91 2.51
N TYR A 31 17.46 -0.80 1.84
CA TYR A 31 16.72 -1.97 1.35
C TYR A 31 17.00 -2.13 -0.17
N PRO A 32 18.12 -2.82 -0.58
CA PRO A 32 18.48 -3.00 -1.99
C PRO A 32 17.65 -4.09 -2.69
N GLY A 33 17.24 -3.81 -3.93
CA GLY A 33 16.46 -4.77 -4.70
C GLY A 33 14.95 -4.58 -4.55
N HIS A 34 14.56 -3.54 -3.81
CA HIS A 34 13.18 -3.22 -3.53
C HIS A 34 12.54 -2.57 -4.76
N VAL A 35 11.33 -3.00 -5.08
CA VAL A 35 10.59 -2.51 -6.24
C VAL A 35 9.48 -1.54 -5.81
N GLY A 36 9.08 -1.59 -4.54
CA GLY A 36 8.05 -0.73 -4.01
C GLY A 36 8.54 0.13 -2.87
N VAL A 37 7.64 0.45 -1.97
CA VAL A 37 7.94 1.26 -0.79
C VAL A 37 7.38 0.58 0.47
N ASP A 38 8.07 0.78 1.61
CA ASP A 38 7.66 0.18 2.87
C ASP A 38 7.50 1.21 3.97
N TYR A 39 6.39 1.06 4.71
CA TYR A 39 6.02 1.96 5.79
C TYR A 39 5.81 1.16 7.08
N ALA A 40 6.72 1.33 8.02
CA ALA A 40 6.67 0.66 9.33
C ALA A 40 5.35 0.89 10.07
N VAL A 41 4.48 -0.13 10.06
CA VAL A 41 3.17 -0.08 10.71
C VAL A 41 2.83 -1.47 11.30
N PRO A 42 2.60 -1.57 12.65
CA PRO A 42 2.28 -2.85 13.32
C PRO A 42 1.18 -3.67 12.68
N VAL A 43 1.42 -4.97 12.79
CA VAL A 43 0.57 -6.04 12.27
C VAL A 43 -0.84 -6.05 12.89
N GLY A 44 -1.84 -6.30 12.04
CA GLY A 44 -3.19 -6.39 12.51
C GLY A 44 -4.01 -5.13 12.26
N THR A 45 -3.41 -4.14 11.60
CA THR A 45 -4.09 -2.89 11.29
C THR A 45 -4.83 -3.03 9.94
N PRO A 46 -6.16 -2.70 9.88
CA PRO A 46 -6.93 -2.82 8.63
C PRO A 46 -6.37 -1.97 7.48
N VAL A 47 -6.14 -2.63 6.34
CA VAL A 47 -5.63 -2.00 5.15
C VAL A 47 -6.77 -1.71 4.22
N ARG A 48 -6.85 -0.45 3.88
CA ARG A 48 -7.86 0.05 3.00
C ARG A 48 -7.32 0.29 1.61
N ALA A 49 -8.22 0.19 0.64
CA ALA A 49 -7.87 0.38 -0.76
C ALA A 49 -7.63 1.85 -1.06
N VAL A 50 -6.42 2.16 -1.53
CA VAL A 50 -6.03 3.54 -1.86
C VAL A 50 -6.83 4.13 -3.04
N ALA A 51 -7.50 3.26 -3.82
CA ALA A 51 -8.31 3.65 -4.96
C ALA A 51 -9.09 2.47 -5.49
N ASN A 52 -10.31 2.75 -5.95
CA ASN A 52 -11.21 1.76 -6.51
C ASN A 52 -10.64 1.09 -7.76
N GLY A 53 -11.12 -0.12 -8.04
CA GLY A 53 -10.66 -0.86 -9.20
C GLY A 53 -11.07 -2.33 -9.19
N THR A 54 -10.07 -3.21 -9.33
CA THR A 54 -10.28 -4.64 -9.38
C THR A 54 -9.08 -5.35 -8.77
N VAL A 55 -9.36 -6.45 -8.07
CA VAL A 55 -8.36 -7.26 -7.41
C VAL A 55 -7.80 -8.27 -8.43
N LYS A 56 -6.55 -8.07 -8.77
CA LYS A 56 -5.83 -8.92 -9.73
C LYS A 56 -5.05 -10.01 -9.01
N PHE A 57 -4.89 -9.81 -7.70
CA PHE A 57 -4.19 -10.75 -6.82
C PHE A 57 -4.70 -10.60 -5.40
N ALA A 58 -4.82 -11.75 -4.75
CA ALA A 58 -5.29 -11.87 -3.38
C ALA A 58 -4.60 -13.06 -2.72
N GLY A 59 -3.47 -12.76 -2.09
CA GLY A 59 -2.68 -13.76 -1.40
C GLY A 59 -3.02 -13.84 0.07
N ASN A 60 -3.99 -14.72 0.39
CA ASN A 60 -4.48 -14.95 1.76
C ASN A 60 -3.49 -15.70 2.62
N GLY A 61 -3.13 -15.05 3.71
CA GLY A 61 -2.18 -15.58 4.69
C GLY A 61 -2.80 -16.58 5.65
N ALA A 62 -4.10 -16.82 5.51
CA ALA A 62 -4.83 -17.73 6.38
C ALA A 62 -4.56 -19.19 6.06
N ASN A 63 -4.34 -19.47 4.76
CA ASN A 63 -4.10 -20.81 4.29
C ASN A 63 -2.99 -20.86 3.24
N HIS A 64 -2.07 -19.89 3.30
CA HIS A 64 -1.00 -19.80 2.34
C HIS A 64 0.15 -20.79 2.62
N PRO A 65 0.41 -21.78 1.72
CA PRO A 65 1.50 -22.74 1.84
C PRO A 65 2.84 -22.10 1.68
N TRP A 66 3.86 -22.78 2.11
CA TRP A 66 5.22 -22.30 1.93
C TRP A 66 5.79 -22.95 0.67
N MET A 67 4.90 -23.64 -0.06
CA MET A 67 5.26 -24.33 -1.28
C MET A 67 5.46 -23.35 -2.40
N LEU A 68 4.54 -22.40 -2.50
CA LEU A 68 4.64 -21.37 -3.50
C LEU A 68 4.66 -20.00 -2.83
N TRP A 69 4.83 -19.97 -1.47
CA TRP A 69 4.83 -18.69 -0.76
C TRP A 69 6.05 -18.54 0.15
N MET A 70 6.55 -17.31 0.24
CA MET A 70 7.69 -16.95 1.09
C MET A 70 7.55 -15.54 1.65
N ALA A 71 6.90 -14.65 0.86
CA ALA A 71 6.68 -13.25 1.24
C ALA A 71 5.44 -13.05 2.10
N GLY A 72 4.54 -14.03 2.06
CA GLY A 72 3.31 -13.98 2.85
C GLY A 72 2.11 -13.46 2.09
N ASN A 73 1.41 -12.48 2.71
CA ASN A 73 0.21 -11.87 2.14
C ASN A 73 0.53 -10.79 1.13
N ALA A 74 -0.28 -10.76 0.05
CA ALA A 74 -0.10 -9.79 -1.02
C ALA A 74 -1.41 -9.50 -1.72
N VAL A 75 -1.58 -8.25 -2.18
CA VAL A 75 -2.80 -7.83 -2.88
C VAL A 75 -2.44 -6.92 -4.04
N LEU A 76 -2.85 -7.33 -5.23
CA LEU A 76 -2.63 -6.54 -6.42
C LEU A 76 -3.98 -6.20 -6.98
N ILE A 77 -4.10 -4.94 -7.24
CA ILE A 77 -5.31 -4.34 -7.73
C ILE A 77 -5.00 -3.31 -8.81
N GLN A 78 -5.95 -3.16 -9.70
CA GLN A 78 -5.90 -2.21 -10.78
C GLN A 78 -6.73 -0.99 -10.38
N HIS A 79 -6.04 0.12 -10.27
CA HIS A 79 -6.62 1.41 -9.88
C HIS A 79 -7.57 2.01 -10.91
N ALA A 80 -8.03 3.22 -10.58
CA ALA A 80 -8.98 3.95 -11.39
C ALA A 80 -8.45 4.38 -12.78
N ASP A 81 -7.13 4.36 -12.93
CA ASP A 81 -6.50 4.75 -14.19
C ASP A 81 -6.06 3.52 -14.97
N GLY A 82 -6.13 2.37 -14.31
CA GLY A 82 -5.76 1.12 -14.93
C GLY A 82 -4.44 0.61 -14.44
N MET A 83 -3.75 1.43 -13.63
CA MET A 83 -2.47 1.11 -13.05
C MET A 83 -2.59 -0.03 -12.03
N HIS A 84 -1.46 -0.61 -11.64
CA HIS A 84 -1.49 -1.71 -10.71
C HIS A 84 -0.88 -1.29 -9.38
N THR A 85 -1.43 -1.81 -8.28
CA THR A 85 -0.95 -1.51 -6.96
C THR A 85 -0.94 -2.75 -6.11
N GLY A 86 0.22 -3.01 -5.52
CA GLY A 86 0.38 -4.15 -4.66
C GLY A 86 0.40 -3.74 -3.20
N TYR A 87 0.03 -4.69 -2.35
CA TYR A 87 -0.03 -4.52 -0.91
C TYR A 87 0.59 -5.79 -0.34
N ALA A 88 1.87 -5.72 0.04
CA ALA A 88 2.57 -6.88 0.55
C ALA A 88 2.95 -6.73 2.02
N HIS A 89 3.37 -7.86 2.62
CA HIS A 89 3.76 -7.95 4.05
C HIS A 89 2.56 -7.69 4.98
N LEU A 90 1.42 -8.28 4.61
CA LEU A 90 0.18 -8.19 5.36
C LEU A 90 -0.07 -9.49 6.13
N SER A 91 -1.04 -9.46 7.04
CA SER A 91 -1.36 -10.64 7.84
C SER A 91 -2.62 -11.33 7.35
N LYS A 92 -3.43 -10.62 6.54
CA LYS A 92 -4.67 -11.15 6.04
C LYS A 92 -5.24 -10.30 4.92
N ILE A 93 -6.17 -10.91 4.21
CA ILE A 93 -6.88 -10.30 3.11
C ILE A 93 -8.39 -10.43 3.30
N SER A 94 -9.08 -9.43 2.79
CA SER A 94 -10.52 -9.37 2.82
C SER A 94 -11.07 -9.51 1.40
N VAL A 95 -10.15 -9.51 0.44
CA VAL A 95 -10.49 -9.57 -0.93
C VAL A 95 -10.26 -10.96 -1.54
N SER A 96 -10.47 -11.04 -2.85
CA SER A 96 -10.35 -12.25 -3.63
C SER A 96 -9.98 -11.89 -5.05
N THR A 97 -9.15 -12.72 -5.65
CA THR A 97 -8.68 -12.52 -7.03
C THR A 97 -9.86 -12.41 -8.02
N ASP A 98 -9.85 -11.33 -8.83
CA ASP A 98 -10.88 -11.05 -9.87
C ASP A 98 -12.07 -10.29 -9.29
N SER A 99 -12.09 -10.08 -7.96
CA SER A 99 -13.16 -9.36 -7.30
C SER A 99 -12.96 -7.86 -7.45
N THR A 100 -14.06 -7.12 -7.43
CA THR A 100 -14.02 -5.68 -7.54
C THR A 100 -13.79 -5.03 -6.19
N VAL A 101 -13.06 -3.92 -6.20
CA VAL A 101 -12.75 -3.18 -5.02
C VAL A 101 -13.14 -1.72 -5.11
N LYS A 102 -13.08 -1.05 -3.97
CA LYS A 102 -13.41 0.34 -3.83
C LYS A 102 -12.45 1.00 -2.86
N GLN A 103 -12.20 2.27 -3.11
CA GLN A 103 -11.31 3.09 -2.31
C GLN A 103 -11.76 3.15 -0.85
N GLY A 104 -10.79 3.05 0.03
CA GLY A 104 -11.02 3.09 1.47
C GLY A 104 -11.55 1.79 2.05
N GLN A 105 -11.91 0.85 1.17
CA GLN A 105 -12.44 -0.44 1.56
C GLN A 105 -11.35 -1.29 2.17
N ILE A 106 -11.73 -2.02 3.20
CA ILE A 106 -10.81 -2.87 3.90
C ILE A 106 -10.48 -4.09 3.05
N ILE A 107 -9.31 -4.01 2.45
CA ILE A 107 -8.79 -5.03 1.57
C ILE A 107 -7.90 -6.05 2.30
N GLY A 108 -7.63 -5.82 3.59
CA GLY A 108 -6.83 -6.73 4.38
C GLY A 108 -6.41 -6.14 5.70
N TYR A 109 -5.37 -6.76 6.27
CA TYR A 109 -4.78 -6.37 7.53
C TYR A 109 -3.27 -6.50 7.41
N THR A 110 -2.56 -5.52 7.96
CA THR A 110 -1.09 -5.45 7.93
C THR A 110 -0.43 -6.63 8.66
N GLY A 111 0.77 -7.03 8.23
CA GLY A 111 1.45 -8.13 8.90
C GLY A 111 2.94 -8.19 8.63
N ALA A 112 3.49 -9.38 8.88
CA ALA A 112 4.89 -9.67 8.66
C ALA A 112 5.04 -11.15 8.32
N THR A 113 4.25 -11.60 7.34
CA THR A 113 4.23 -13.00 6.91
C THR A 113 5.39 -13.38 5.97
N GLY A 114 6.27 -12.42 5.71
CA GLY A 114 7.42 -12.67 4.85
C GLY A 114 8.72 -12.67 5.62
N GLN A 115 9.85 -12.52 4.91
CA GLN A 115 11.18 -12.50 5.54
C GLN A 115 11.58 -11.06 5.88
N VAL A 116 11.22 -10.65 7.12
CA VAL A 116 11.51 -9.29 7.62
C VAL A 116 11.66 -9.31 9.14
N THR A 117 12.33 -8.28 9.67
CA THR A 117 12.56 -8.17 11.12
C THR A 117 11.38 -7.48 11.86
N GLY A 118 10.37 -7.01 11.10
CA GLY A 118 9.22 -6.36 11.71
C GLY A 118 8.05 -6.19 10.75
N PRO A 119 6.80 -5.90 11.28
CA PRO A 119 5.61 -5.69 10.44
C PRO A 119 5.54 -4.29 9.83
N HIS A 120 5.12 -4.22 8.56
CA HIS A 120 5.02 -2.95 7.86
C HIS A 120 4.10 -3.07 6.63
N LEU A 121 4.17 -2.05 5.79
CA LEU A 121 3.38 -1.93 4.61
C LEU A 121 4.23 -1.79 3.37
N HIS A 122 3.92 -2.61 2.40
CA HIS A 122 4.59 -2.60 1.13
C HIS A 122 3.60 -2.14 0.06
N PHE A 123 3.88 -0.97 -0.49
CA PHE A 123 3.04 -0.38 -1.52
C PHE A 123 3.83 -0.21 -2.82
N GLU A 124 3.47 -1.00 -3.82
CA GLU A 124 4.09 -0.95 -5.12
C GLU A 124 3.04 -0.58 -6.15
N MET A 125 3.37 0.43 -6.93
CA MET A 125 2.53 0.94 -7.97
C MET A 125 3.23 0.77 -9.29
N LEU A 126 2.45 0.37 -10.25
CA LEU A 126 2.92 0.08 -11.59
C LEU A 126 1.88 0.50 -12.64
N PRO A 127 2.27 0.56 -13.96
CA PRO A 127 1.34 0.88 -15.07
C PRO A 127 0.23 -0.14 -15.21
N ALA A 128 -0.62 0.08 -16.21
CA ALA A 128 -1.68 -0.84 -16.52
C ALA A 128 -1.08 -2.12 -17.10
N ASN A 129 0.09 -1.94 -17.74
CA ASN A 129 0.85 -3.02 -18.39
C ASN A 129 2.29 -2.60 -18.48
N PRO A 130 3.12 -3.12 -17.56
CA PRO A 130 4.51 -2.78 -17.48
C PRO A 130 5.42 -3.33 -18.57
N ASN A 131 6.58 -2.70 -18.63
CA ASN A 131 7.63 -3.05 -19.53
C ASN A 131 8.82 -3.48 -18.70
N TRP A 132 8.66 -4.66 -18.09
CA TRP A 132 9.68 -5.26 -17.21
C TRP A 132 10.98 -5.57 -17.97
N GLN A 133 11.08 -5.03 -19.18
CA GLN A 133 12.20 -5.22 -20.07
C GLN A 133 13.38 -4.30 -19.75
N ASN A 134 13.51 -4.03 -18.45
CA ASN A 134 14.55 -3.19 -17.84
C ASN A 134 14.31 -1.73 -18.15
N GLY A 135 14.34 -0.94 -17.09
CA GLY A 135 14.11 0.48 -17.23
C GLY A 135 13.45 1.11 -16.02
N PHE A 136 12.37 0.49 -15.53
CA PHE A 136 11.65 0.97 -14.34
C PHE A 136 10.96 -0.15 -13.60
N SER A 137 10.74 -1.27 -14.31
CA SER A 137 10.06 -2.48 -13.81
C SER A 137 8.61 -2.13 -13.56
N GLY A 138 8.23 -1.01 -14.18
CA GLY A 138 6.91 -0.47 -14.11
C GLY A 138 6.62 0.20 -12.78
N ARG A 139 7.52 0.04 -11.81
CA ARG A 139 7.30 0.62 -10.49
C ARG A 139 7.72 2.09 -10.42
N ILE A 140 6.79 2.93 -9.95
CA ILE A 140 7.07 4.36 -9.79
C ILE A 140 6.71 4.88 -8.39
N ASP A 141 6.79 6.22 -8.22
CA ASP A 141 6.56 6.90 -6.94
C ASP A 141 5.08 6.94 -6.49
N PRO A 142 4.79 6.63 -5.17
CA PRO A 142 3.41 6.69 -4.62
C PRO A 142 2.93 8.12 -4.32
N THR A 143 3.78 9.12 -4.63
CA THR A 143 3.52 10.54 -4.38
C THR A 143 2.17 11.03 -4.91
N GLY A 144 1.64 10.32 -5.90
CA GLY A 144 0.36 10.66 -6.50
C GLY A 144 -0.80 10.37 -5.56
N TYR A 145 -0.58 9.39 -4.67
CA TYR A 145 -1.58 8.97 -3.69
C TYR A 145 -1.25 9.53 -2.30
N ILE A 146 -0.06 10.11 -2.16
CA ILE A 146 0.38 10.66 -0.88
C ILE A 146 0.15 12.18 -0.83
N ALA A 147 -0.16 12.76 -1.99
CA ALA A 147 -0.45 14.18 -2.12
C ALA A 147 -1.83 14.55 -1.58
N ASN A 148 -2.72 13.55 -1.60
CA ASN A 148 -4.07 13.70 -1.14
C ASN A 148 -4.23 13.06 0.21
N ALA A 149 -3.08 12.81 0.82
CA ALA A 149 -3.02 12.17 2.10
C ALA A 149 -2.94 13.17 3.27
N PRO A 150 -3.33 12.72 4.50
CA PRO A 150 -3.33 13.55 5.74
C PRO A 150 -1.97 14.17 6.09
N VAL A 151 -1.97 14.92 7.19
CA VAL A 151 -0.81 15.63 7.69
C VAL A 151 -0.14 14.88 8.83
N PHE A 152 1.16 14.74 8.68
CA PHE A 152 2.02 14.08 9.66
C PHE A 152 2.87 15.14 10.37
N ASN A 153 2.45 15.47 11.61
CA ASN A 153 3.12 16.48 12.49
C ASN A 153 2.89 17.91 12.01
N GLY A 154 2.94 18.12 10.70
CA GLY A 154 2.75 19.45 10.13
C GLY A 154 3.91 19.88 9.25
N THR A 155 3.83 19.54 7.97
CA THR A 155 4.85 19.85 7.00
C THR A 155 4.53 21.14 6.26
N THR A 156 5.26 22.20 6.61
CA THR A 156 5.10 23.51 5.99
C THR A 156 6.26 23.77 5.00
N PRO A 157 6.00 24.34 3.79
CA PRO A 157 7.05 24.63 2.81
C PRO A 157 7.79 25.95 3.08
N THR A 158 7.00 26.96 3.44
CA THR A 158 7.50 28.29 3.74
C THR A 158 6.48 29.08 4.54
N GLU A 159 5.34 29.30 3.90
CA GLU A 159 4.20 30.02 4.49
C GLU A 159 3.38 29.12 5.42
ZN ZN B . 8.35 -3.74 0.45
O UNL C . 8.98 -5.59 1.08
N MET A 1 -21.87 18.82 27.77
CA MET A 1 -23.00 17.90 27.48
C MET A 1 -23.18 17.72 25.97
N ARG A 2 -23.29 16.46 25.55
CA ARG A 2 -23.47 16.12 24.13
C ARG A 2 -24.95 16.02 23.76
N GLY A 3 -25.28 16.54 22.57
CA GLY A 3 -26.65 16.52 22.08
C GLY A 3 -26.81 17.32 20.80
N SER A 4 -26.45 16.69 19.68
CA SER A 4 -26.53 17.33 18.37
C SER A 4 -27.59 16.67 17.49
N HIS A 5 -28.23 17.47 16.64
CA HIS A 5 -29.27 16.98 15.73
C HIS A 5 -28.72 16.82 14.31
N HIS A 6 -27.95 17.84 13.86
CA HIS A 6 -27.35 17.84 12.52
C HIS A 6 -25.85 17.59 12.61
N HIS A 7 -25.31 16.94 11.56
CA HIS A 7 -23.88 16.63 11.50
C HIS A 7 -23.17 17.54 10.53
N HIS A 8 -21.88 17.81 10.81
CA HIS A 8 -21.05 18.67 9.97
C HIS A 8 -19.73 17.99 9.65
N HIS A 9 -19.17 18.33 8.49
CA HIS A 9 -17.89 17.75 8.04
C HIS A 9 -16.71 18.66 8.38
N HIS A 10 -15.57 18.04 8.67
CA HIS A 10 -14.33 18.76 9.00
C HIS A 10 -13.14 18.13 8.28
N GLY A 11 -12.11 18.95 8.03
CA GLY A 11 -10.91 18.47 7.35
C GLY A 11 -9.78 18.17 8.32
N SER A 12 -10.04 17.28 9.26
CA SER A 12 -9.04 16.88 10.27
C SER A 12 -8.26 15.65 9.85
N ALA A 13 -7.13 15.43 10.52
CA ALA A 13 -6.30 14.26 10.28
C ALA A 13 -5.39 13.98 11.48
N THR A 14 -5.78 12.97 12.27
CA THR A 14 -5.05 12.58 13.46
C THR A 14 -4.01 11.47 13.18
N TYR A 15 -3.99 10.98 11.94
CA TYR A 15 -3.09 9.91 11.54
C TYR A 15 -1.82 10.45 10.93
N THR A 16 -0.73 9.85 11.39
CA THR A 16 0.61 10.21 10.97
C THR A 16 1.06 9.42 9.73
N ARG A 17 1.94 10.05 8.93
CA ARG A 17 2.48 9.46 7.72
C ARG A 17 3.82 8.76 7.97
N PRO A 18 3.88 7.40 7.87
CA PRO A 18 5.13 6.63 8.05
C PRO A 18 6.25 7.06 7.10
N LEU A 19 5.86 7.51 5.90
CA LEU A 19 6.79 7.96 4.88
C LEU A 19 6.33 9.27 4.30
N ASP A 20 7.04 9.63 3.27
CA ASP A 20 6.79 10.81 2.49
C ASP A 20 6.75 10.42 1.03
N THR A 21 7.45 9.32 0.74
CA THR A 21 7.60 8.80 -0.60
C THR A 21 8.24 7.39 -0.58
N GLY A 22 8.62 6.94 -1.76
CA GLY A 22 9.31 5.67 -1.95
C GLY A 22 9.64 5.44 -3.41
N ASN A 23 10.94 5.48 -3.74
CA ASN A 23 11.39 5.32 -5.13
C ASN A 23 12.78 4.73 -5.23
N ILE A 24 12.83 3.64 -5.98
CA ILE A 24 14.08 2.93 -6.24
C ILE A 24 14.54 3.28 -7.65
N THR A 25 14.72 4.55 -7.82
CA THR A 25 15.18 5.16 -9.07
C THR A 25 16.67 5.48 -9.02
N THR A 26 17.15 5.76 -7.80
CA THR A 26 18.55 6.09 -7.56
C THR A 26 19.21 5.02 -6.70
N GLY A 27 18.76 4.94 -5.45
CA GLY A 27 19.27 3.98 -4.49
C GLY A 27 18.42 3.92 -3.24
N PHE A 28 17.90 2.72 -2.91
CA PHE A 28 17.05 2.53 -1.75
C PHE A 28 17.80 2.63 -0.43
N ASN A 29 17.02 2.93 0.63
CA ASN A 29 17.50 3.13 1.99
C ASN A 29 18.24 1.94 2.62
N GLY A 30 18.93 1.18 1.78
CA GLY A 30 19.69 0.03 2.25
C GLY A 30 18.97 -1.26 1.96
N TYR A 31 17.78 -1.13 1.37
CA TYR A 31 16.97 -2.29 0.97
C TYR A 31 17.10 -2.49 -0.56
N PRO A 32 18.17 -3.22 -1.04
CA PRO A 32 18.40 -3.45 -2.47
C PRO A 32 17.50 -4.54 -3.07
N GLY A 33 17.00 -4.29 -4.28
CA GLY A 33 16.14 -5.26 -4.97
C GLY A 33 14.66 -5.00 -4.75
N HIS A 34 14.34 -3.92 -4.04
CA HIS A 34 12.98 -3.54 -3.74
C HIS A 34 12.36 -2.82 -4.92
N VAL A 35 11.12 -3.19 -5.25
CA VAL A 35 10.40 -2.61 -6.37
C VAL A 35 9.34 -1.62 -5.90
N GLY A 36 8.96 -1.72 -4.63
CA GLY A 36 7.97 -0.84 -4.05
C GLY A 36 8.51 -0.06 -2.88
N VAL A 37 7.63 0.26 -1.94
CA VAL A 37 7.99 0.99 -0.74
C VAL A 37 7.42 0.29 0.51
N ASP A 38 8.09 0.46 1.67
CA ASP A 38 7.66 -0.17 2.91
C ASP A 38 7.56 0.84 4.04
N TYR A 39 6.42 0.77 4.74
CA TYR A 39 6.11 1.68 5.84
C TYR A 39 5.90 0.91 7.13
N ALA A 40 6.85 1.08 8.06
CA ALA A 40 6.78 0.46 9.39
C ALA A 40 5.52 0.90 10.16
N VAL A 41 4.52 0.00 10.17
CA VAL A 41 3.24 0.26 10.83
C VAL A 41 2.72 -1.04 11.48
N PRO A 42 2.25 -0.97 12.76
CA PRO A 42 1.72 -2.15 13.50
C PRO A 42 0.72 -3.00 12.75
N VAL A 43 0.92 -4.29 12.96
CA VAL A 43 0.14 -5.38 12.39
C VAL A 43 -1.30 -5.44 12.93
N GLY A 44 -2.24 -5.81 12.04
CA GLY A 44 -3.62 -5.95 12.44
C GLY A 44 -4.46 -4.73 12.11
N THR A 45 -3.86 -3.72 11.48
CA THR A 45 -4.55 -2.52 11.09
C THR A 45 -5.22 -2.71 9.72
N PRO A 46 -6.55 -2.44 9.58
CA PRO A 46 -7.25 -2.61 8.30
C PRO A 46 -6.68 -1.73 7.19
N VAL A 47 -6.34 -2.38 6.08
CA VAL A 47 -5.79 -1.73 4.92
C VAL A 47 -6.89 -1.55 3.91
N ARG A 48 -7.08 -0.31 3.56
CA ARG A 48 -8.10 0.07 2.63
C ARG A 48 -7.54 0.34 1.26
N ALA A 49 -8.42 0.18 0.26
CA ALA A 49 -8.07 0.37 -1.13
C ALA A 49 -7.90 1.84 -1.47
N VAL A 50 -6.72 2.18 -2.00
CA VAL A 50 -6.42 3.57 -2.38
C VAL A 50 -7.27 4.08 -3.56
N ALA A 51 -7.87 3.15 -4.31
CA ALA A 51 -8.70 3.47 -5.47
C ALA A 51 -9.42 2.24 -5.95
N ASN A 52 -10.65 2.43 -6.41
CA ASN A 52 -11.49 1.38 -6.94
C ASN A 52 -10.86 0.70 -8.16
N GLY A 53 -11.29 -0.53 -8.43
CA GLY A 53 -10.76 -1.27 -9.56
C GLY A 53 -11.09 -2.75 -9.54
N THR A 54 -10.04 -3.59 -9.60
CA THR A 54 -10.17 -5.02 -9.64
C THR A 54 -8.97 -5.66 -8.94
N VAL A 55 -9.23 -6.76 -8.24
CA VAL A 55 -8.23 -7.52 -7.52
C VAL A 55 -7.61 -8.54 -8.48
N LYS A 56 -6.34 -8.33 -8.76
CA LYS A 56 -5.56 -9.19 -9.65
C LYS A 56 -4.79 -10.24 -8.86
N PHE A 57 -4.71 -9.99 -7.55
CA PHE A 57 -4.03 -10.87 -6.61
C PHE A 57 -4.60 -10.70 -5.22
N ALA A 58 -4.75 -11.83 -4.55
CA ALA A 58 -5.26 -11.93 -3.21
C ALA A 58 -4.63 -13.12 -2.51
N GLY A 59 -3.53 -12.82 -1.82
CA GLY A 59 -2.77 -13.83 -1.09
C GLY A 59 -3.15 -13.88 0.38
N ASN A 60 -4.12 -14.75 0.68
CA ASN A 60 -4.64 -14.94 2.05
C ASN A 60 -3.64 -15.65 2.96
N GLY A 61 -3.35 -14.95 4.05
CA GLY A 61 -2.41 -15.43 5.07
C GLY A 61 -3.04 -16.41 6.05
N ALA A 62 -4.34 -16.68 5.85
CA ALA A 62 -5.09 -17.59 6.71
C ALA A 62 -4.81 -19.07 6.41
N ASN A 63 -4.55 -19.35 5.14
CA ASN A 63 -4.30 -20.71 4.69
C ASN A 63 -3.15 -20.78 3.67
N HIS A 64 -2.23 -19.82 3.77
CA HIS A 64 -1.12 -19.74 2.87
C HIS A 64 0.03 -20.72 3.22
N PRO A 65 0.31 -21.74 2.34
CA PRO A 65 1.39 -22.70 2.54
C PRO A 65 2.73 -22.03 2.44
N TRP A 66 3.75 -22.68 2.93
CA TRP A 66 5.09 -22.16 2.83
C TRP A 66 5.75 -22.81 1.61
N MET A 67 4.92 -23.53 0.83
CA MET A 67 5.38 -24.23 -0.35
C MET A 67 5.60 -23.25 -1.48
N LEU A 68 4.65 -22.34 -1.65
CA LEU A 68 4.77 -21.32 -2.67
C LEU A 68 4.72 -19.94 -2.02
N TRP A 69 4.82 -19.90 -0.66
CA TRP A 69 4.76 -18.61 0.04
C TRP A 69 5.93 -18.46 0.99
N MET A 70 6.51 -17.26 1.02
CA MET A 70 7.65 -16.94 1.87
C MET A 70 7.54 -15.50 2.39
N ALA A 71 6.77 -14.67 1.69
CA ALA A 71 6.57 -13.27 2.06
C ALA A 71 5.29 -13.06 2.87
N GLY A 72 4.31 -13.92 2.64
CA GLY A 72 3.05 -13.85 3.36
C GLY A 72 1.88 -13.38 2.50
N ASN A 73 1.13 -12.39 3.04
CA ASN A 73 -0.04 -11.82 2.38
C ASN A 73 0.34 -10.81 1.30
N ALA A 74 -0.46 -10.80 0.23
CA ALA A 74 -0.23 -9.89 -0.89
C ALA A 74 -1.54 -9.56 -1.59
N VAL A 75 -1.63 -8.31 -2.07
CA VAL A 75 -2.83 -7.84 -2.78
C VAL A 75 -2.42 -6.96 -3.95
N LEU A 76 -2.83 -7.37 -5.14
CA LEU A 76 -2.58 -6.62 -6.34
C LEU A 76 -3.89 -6.31 -6.96
N ILE A 77 -4.03 -5.04 -7.25
CA ILE A 77 -5.24 -4.47 -7.78
C ILE A 77 -4.93 -3.41 -8.84
N GLN A 78 -5.86 -3.28 -9.75
CA GLN A 78 -5.82 -2.32 -10.82
C GLN A 78 -6.71 -1.15 -10.43
N HIS A 79 -6.08 0.00 -10.26
CA HIS A 79 -6.76 1.23 -9.87
C HIS A 79 -7.67 1.82 -10.94
N ALA A 80 -8.23 2.98 -10.59
CA ALA A 80 -9.18 3.70 -11.43
C ALA A 80 -8.58 4.19 -12.75
N ASP A 81 -7.25 4.25 -12.81
CA ASP A 81 -6.55 4.71 -14.00
C ASP A 81 -6.06 3.53 -14.83
N GLY A 82 -6.13 2.35 -14.22
CA GLY A 82 -5.72 1.13 -14.86
C GLY A 82 -4.38 0.64 -14.35
N MET A 83 -3.74 1.47 -13.52
CA MET A 83 -2.47 1.16 -12.93
C MET A 83 -2.57 0.04 -11.91
N HIS A 84 -1.44 -0.55 -11.55
CA HIS A 84 -1.44 -1.64 -10.60
C HIS A 84 -0.92 -1.17 -9.25
N THR A 85 -1.48 -1.73 -8.19
CA THR A 85 -1.10 -1.39 -6.83
C THR A 85 -1.03 -2.64 -5.99
N GLY A 86 0.12 -2.82 -5.35
CA GLY A 86 0.31 -3.95 -4.49
C GLY A 86 0.28 -3.55 -3.03
N TYR A 87 -0.09 -4.52 -2.18
CA TYR A 87 -0.20 -4.35 -0.75
C TYR A 87 0.35 -5.67 -0.19
N ALA A 88 1.62 -5.66 0.22
CA ALA A 88 2.25 -6.88 0.71
C ALA A 88 2.73 -6.79 2.16
N HIS A 89 3.19 -7.96 2.69
CA HIS A 89 3.68 -8.12 4.06
C HIS A 89 2.55 -7.93 5.09
N LEU A 90 1.31 -8.16 4.63
CA LEU A 90 0.10 -8.06 5.44
C LEU A 90 -0.13 -9.36 6.21
N SER A 91 -1.10 -9.36 7.14
CA SER A 91 -1.42 -10.52 7.94
C SER A 91 -2.71 -11.17 7.48
N LYS A 92 -3.50 -10.46 6.66
CA LYS A 92 -4.77 -10.97 6.20
C LYS A 92 -5.33 -10.17 5.04
N ILE A 93 -6.22 -10.83 4.30
CA ILE A 93 -6.91 -10.27 3.17
C ILE A 93 -8.42 -10.43 3.32
N SER A 94 -9.12 -9.45 2.79
CA SER A 94 -10.57 -9.43 2.78
C SER A 94 -11.08 -9.61 1.35
N VAL A 95 -10.15 -9.61 0.41
CA VAL A 95 -10.45 -9.70 -0.98
C VAL A 95 -10.20 -11.10 -1.54
N SER A 96 -10.38 -11.22 -2.86
CA SER A 96 -10.22 -12.45 -3.59
C SER A 96 -9.81 -12.12 -5.00
N THR A 97 -8.90 -12.93 -5.54
CA THR A 97 -8.39 -12.76 -6.90
C THR A 97 -9.52 -12.73 -7.93
N ASP A 98 -9.51 -11.69 -8.80
CA ASP A 98 -10.49 -11.49 -9.88
C ASP A 98 -11.74 -10.74 -9.39
N SER A 99 -11.82 -10.48 -8.07
CA SER A 99 -12.95 -9.77 -7.49
C SER A 99 -12.79 -8.27 -7.68
N THR A 100 -13.92 -7.57 -7.73
CA THR A 100 -13.91 -6.13 -7.88
C THR A 100 -13.77 -5.43 -6.54
N VAL A 101 -13.07 -4.31 -6.56
CA VAL A 101 -12.82 -3.55 -5.38
C VAL A 101 -13.25 -2.09 -5.53
N LYS A 102 -13.27 -1.41 -4.39
CA LYS A 102 -13.64 -0.02 -4.29
C LYS A 102 -12.72 0.68 -3.32
N GLN A 103 -12.52 1.95 -3.60
CA GLN A 103 -11.67 2.83 -2.81
C GLN A 103 -12.14 2.89 -1.35
N GLY A 104 -11.15 2.88 -0.46
CA GLY A 104 -11.39 2.94 0.98
C GLY A 104 -11.88 1.64 1.58
N GLN A 105 -12.17 0.66 0.72
CA GLN A 105 -12.64 -0.65 1.14
C GLN A 105 -11.53 -1.44 1.79
N ILE A 106 -11.89 -2.18 2.82
CA ILE A 106 -10.93 -2.98 3.53
C ILE A 106 -10.52 -4.17 2.69
N ILE A 107 -9.34 -4.01 2.10
CA ILE A 107 -8.75 -4.99 1.23
C ILE A 107 -7.78 -5.93 1.96
N GLY A 108 -7.56 -5.67 3.25
CA GLY A 108 -6.69 -6.51 4.04
C GLY A 108 -6.40 -5.91 5.40
N TYR A 109 -5.43 -6.54 6.06
CA TYR A 109 -4.96 -6.15 7.38
C TYR A 109 -3.45 -6.27 7.38
N THR A 110 -2.78 -5.25 7.93
CA THR A 110 -1.31 -5.17 7.99
C THR A 110 -0.70 -6.39 8.70
N GLY A 111 0.54 -6.76 8.33
CA GLY A 111 1.17 -7.91 8.95
C GLY A 111 2.66 -7.77 9.08
N ALA A 112 3.29 -8.88 9.48
CA ALA A 112 4.72 -8.92 9.65
C ALA A 112 5.23 -10.30 9.21
N THR A 113 4.70 -10.77 8.09
CA THR A 113 5.05 -12.09 7.54
C THR A 113 6.35 -12.09 6.73
N GLY A 114 6.99 -10.91 6.63
CA GLY A 114 8.24 -10.79 5.91
C GLY A 114 9.44 -10.76 6.82
N GLN A 115 10.64 -10.67 6.23
CA GLN A 115 11.89 -10.62 7.00
C GLN A 115 12.21 -9.19 7.46
N VAL A 116 11.73 -8.87 8.66
CA VAL A 116 11.90 -7.54 9.27
C VAL A 116 11.82 -7.62 10.79
N THR A 117 12.26 -6.55 11.47
CA THR A 117 12.24 -6.49 12.95
C THR A 117 10.84 -6.21 13.51
N GLY A 118 9.87 -5.98 12.61
CA GLY A 118 8.51 -5.72 13.04
C GLY A 118 7.51 -5.72 11.88
N PRO A 119 6.25 -5.25 12.09
CA PRO A 119 5.20 -5.19 11.05
C PRO A 119 5.51 -4.17 9.96
N HIS A 120 5.09 -4.45 8.71
CA HIS A 120 5.36 -3.56 7.60
C HIS A 120 4.28 -3.61 6.52
N LEU A 121 4.28 -2.52 5.76
CA LEU A 121 3.38 -2.30 4.67
C LEU A 121 4.19 -2.10 3.39
N HIS A 122 3.86 -2.90 2.40
CA HIS A 122 4.51 -2.84 1.13
C HIS A 122 3.52 -2.32 0.07
N PHE A 123 3.80 -1.12 -0.39
CA PHE A 123 2.97 -0.46 -1.38
C PHE A 123 3.78 -0.27 -2.66
N GLU A 124 3.36 -0.98 -3.69
CA GLU A 124 3.97 -0.94 -4.99
C GLU A 124 2.92 -0.47 -5.99
N MET A 125 3.36 0.36 -6.89
CA MET A 125 2.54 0.93 -7.92
C MET A 125 3.26 0.79 -9.24
N LEU A 126 2.47 0.41 -10.22
CA LEU A 126 2.96 0.17 -11.57
C LEU A 126 1.90 0.61 -12.60
N PRO A 127 2.26 0.75 -13.90
CA PRO A 127 1.30 1.10 -14.97
C PRO A 127 0.24 0.04 -15.17
N ALA A 128 -0.63 0.29 -16.15
CA ALA A 128 -1.65 -0.65 -16.51
C ALA A 128 -1.00 -1.83 -17.23
N ASN A 129 0.14 -1.52 -17.88
CA ASN A 129 0.94 -2.49 -18.64
C ASN A 129 2.35 -1.98 -18.73
N PRO A 130 3.22 -2.56 -17.88
CA PRO A 130 4.60 -2.14 -17.79
C PRO A 130 5.51 -2.53 -18.95
N ASN A 131 6.63 -1.84 -18.96
CA ASN A 131 7.67 -2.03 -19.91
C ASN A 131 8.91 -2.45 -19.13
N TRP A 132 8.85 -3.69 -18.65
CA TRP A 132 9.93 -4.30 -17.85
C TRP A 132 11.24 -4.45 -18.64
N GLN A 133 11.31 -3.74 -19.75
CA GLN A 133 12.44 -3.76 -20.66
C GLN A 133 13.57 -2.84 -20.20
N ASN A 134 13.69 -2.74 -18.89
CA ASN A 134 14.69 -1.94 -18.17
C ASN A 134 14.39 -0.47 -18.29
N GLY A 135 14.37 0.19 -17.14
CA GLY A 135 14.09 1.60 -17.11
C GLY A 135 13.40 2.04 -15.85
N PHE A 136 12.33 1.32 -15.47
CA PHE A 136 11.57 1.63 -14.26
C PHE A 136 10.94 0.39 -13.66
N SER A 137 10.79 -0.65 -14.49
CA SER A 137 10.18 -1.94 -14.13
C SER A 137 8.71 -1.71 -13.83
N GLY A 138 8.27 -0.54 -14.34
CA GLY A 138 6.92 -0.08 -14.19
C GLY A 138 6.64 0.46 -12.81
N ARG A 139 7.56 0.25 -11.87
CA ARG A 139 7.37 0.73 -10.50
C ARG A 139 7.73 2.21 -10.36
N ILE A 140 6.78 3.00 -9.85
CA ILE A 140 7.00 4.42 -9.64
C ILE A 140 6.74 4.85 -8.19
N ASP A 141 6.83 6.16 -7.94
CA ASP A 141 6.67 6.75 -6.61
C ASP A 141 5.21 6.85 -6.14
N PRO A 142 4.92 6.51 -4.84
CA PRO A 142 3.55 6.59 -4.26
C PRO A 142 3.07 8.02 -3.93
N THR A 143 3.70 9.03 -4.56
CA THR A 143 3.40 10.45 -4.36
C THR A 143 1.94 10.80 -4.64
N GLY A 144 1.29 10.00 -5.49
CA GLY A 144 -0.12 10.20 -5.82
C GLY A 144 -1.01 9.75 -4.66
N TYR A 145 -0.44 8.86 -3.86
CA TYR A 145 -1.08 8.30 -2.68
C TYR A 145 -0.66 9.07 -1.40
N ILE A 146 0.34 9.94 -1.56
CA ILE A 146 0.86 10.76 -0.46
C ILE A 146 0.42 12.22 -0.63
N ALA A 147 -0.10 12.55 -1.81
CA ALA A 147 -0.55 13.90 -2.14
C ALA A 147 -1.89 14.22 -1.48
N ASN A 148 -2.67 13.17 -1.29
CA ASN A 148 -3.98 13.25 -0.69
C ASN A 148 -3.90 12.74 0.73
N ALA A 149 -2.67 12.52 1.17
CA ALA A 149 -2.38 12.01 2.46
C ALA A 149 -1.90 13.13 3.42
N PRO A 150 -2.14 12.94 4.75
CA PRO A 150 -1.73 13.90 5.82
C PRO A 150 -0.23 14.26 5.82
N VAL A 151 0.13 15.15 6.77
CA VAL A 151 1.47 15.66 6.93
C VAL A 151 2.11 15.11 8.20
N PHE A 152 3.30 14.58 8.02
CA PHE A 152 4.11 14.01 9.09
C PHE A 152 5.25 14.95 9.48
N ASN A 153 5.04 15.73 10.55
CA ASN A 153 6.04 16.68 11.10
C ASN A 153 6.59 17.68 10.06
N GLY A 154 5.85 17.88 8.97
CA GLY A 154 6.27 18.81 7.93
C GLY A 154 5.35 20.01 7.85
N THR A 155 5.33 20.77 8.93
CA THR A 155 4.50 21.94 9.04
C THR A 155 5.30 23.23 8.84
N THR A 156 5.11 23.83 7.67
CA THR A 156 5.77 25.08 7.31
C THR A 156 4.75 26.23 7.27
N PRO A 157 5.10 27.46 7.76
CA PRO A 157 4.18 28.60 7.75
C PRO A 157 4.13 29.33 6.40
N THR A 158 5.32 29.53 5.84
CA THR A 158 5.51 30.21 4.57
C THR A 158 6.88 29.86 3.98
N GLU A 159 7.91 30.28 4.71
CA GLU A 159 9.30 30.04 4.34
C GLU A 159 9.77 28.66 4.77
ZN ZN B . 8.23 -4.00 0.33
O UNL C . 8.85 -5.86 0.88
#